data_8BYP
#
_entry.id   8BYP
#
_cell.length_a   1.00
_cell.length_b   1.00
_cell.length_c   1.00
_cell.angle_alpha   90.00
_cell.angle_beta   90.00
_cell.angle_gamma   90.00
#
_symmetry.space_group_name_H-M   'P 1'
#
loop_
_entity.id
_entity.type
_entity.pdbx_description
1 polymer NTNH/X
2 polymer 'Botulinum neurotoxin type X'
#
loop_
_entity_poly.entity_id
_entity_poly.type
_entity_poly.pdbx_seq_one_letter_code
_entity_poly.pdbx_strand_id
1 'polypeptide(L)'
;MDINDKLSIDSPIDNKNIIEFITFRTDTSGIQKKIKAYQIAKHIWVVPERYYAEPLNISDEYKIDGGIYNENYLTTDKER
QEYLDAICILFKRINNVIEGKKLLSLLSSASPFPFKDDTNKYLLKEALLYVNEENFEFKFFTSNIILFGPGTNISKNQVL
PLNGDDATSGVGSVSEICYNPFFTKKFGEYSLDPVIGLIECLLKSLYNLYGIKVSDDIKIPYKLQRALNTDKYSYINLEE
ALIFGGNDYKIFTEKPYWLSNDYFLKSLNTFEENKAKYEKDLKNDPNLNNELNQYLQQKYSFSISKIWSLNLTAFADIFN
INIPTSFLASITFWDRSQYYKINYPNDYNIDGFVNGQWNTNLKNIEKDNNFIIFDKPKQIITYINDIFNLRYTSNLYEDN
LDIESNNYYLNFMFEYDKGNNFTINQYKALLDTLDNDFIDSLPPIQGMNAQNKLTSLPIISKGTDTENINSELLLPIHYL
KSQTYNLDMYSSIKFTTNIYEVVSEKNSELVYTFLPHINEIMENYSINNTIKTEEEFYNWMENLFINYSIDILEKRNSII
PGITAVLPWIGKALNILNTNNDFEEELQLSGIKGLIKEYENFIIPDMIVPDIPLDNMPRTYDDIDKKLSEIYTKNKFLFL
KGYYFIVQEWWTTYYIQFIELKYLCSGAINKQQQLLITVLEKQLFYFTNNGLFPFDAMERMINEFNRSIDIFSRISQQAL
NNVDIFINECALFIFNNEVYPLFLNNVENNINKANDNVLNYINKATSLTEEQIKELTVKYTFSSIAEVEFFNESYFKKIT
NMDIKNILTNIKNINNLILSGSQINDDITIFDESGNNLNIKFDPSIRIVDGHTNVAFKLDKSSQYINIPTENINFSFMES
FSIDFWLKILDSTESTTLLNCIEDDIGWKLSIQNNNLLWEMKDNLGNNFTSLFTFNINNIWHNITLSIDRLTNTFNCFLD
GKLINTDNISNIFSLETNTPIEIQSDNGAILLEAFSILNYPLQQQEVLNRYREAFSNNYTRNYYGDILKYNENYQLYNKT
SPDKEVKKVFTNDKDYIAIEYNQNTNNPTFFSLIQKEQSKIYVEENDEVYICVQGDPLNYITIDNNQAVLTKDINLATSF
KLKTNLNKPNSLIFSENSQALRLSNRLNDENYILLDLVSKLDDEPLNIFYWEFI
;
N
2 'polypeptide(L)'
;MKLEINKFNYNDPIDGINVITMRPPRHSDKINKGKGPFKAFQVIKNIWIVPERYNFTNNTNDLNIPSEPIMEADAIYNPN
YLNTPSEKDEFLQGVIKVLERIKSKPEGEKLLELISSSIPLPLVSNGALTLSDNETIAYQENNNIVSNLQANLVIYGPGP
DIANNATYGLYSTPISNGEGTLSEVSFSPFYLKPFDESYGNYRSLVNIVNKFVKREFAPDPASTLMHELVHVTHNLYGIS
NRNFYYNFDTGKIETSRQQNSLIFEELLTFGGIDSKAISSLIIKKIIETAKNNYTTLISERLNTVTVENDLLKYIKNKIP
VQGRLGNFKLDTAEFEKKLNTILFVLNESNLAQRFSILVAKHFLKERPIDPIYVNILDDNSYSTLEGFNISSQGSNDFQG
QLLESSYFEKIESNALRAFIKICPRNGLLYNAIYRNSKNYLNNIDLEDKKTTSKTNVSYPCSLLNGCIEVENKDLFLISN
KDSLNDINLSEEKIKPETTVFFKDKLPPQDITLSNYDFTEANSIPSISQQNILERNEELYEPIRNSLFEIKTIYVDKLTT
FHFLEAQNIDESIDSSKIRVELTDSVDEALSNPNKVYSPFKNMSNTINSIETGITSTYIFYQWLRSIVKDFSDETGKIDV
IDKSSDTLAIVPYIGPLLNIGNDIRHGDFVGAIELAGITALLEYVPEFTIPILVGLEVIGGELAREQVEAIVNNALDKRD
QKWAEVYNITKAQWWGTIHLQINTRLAHTYKALSRQANAIKMNMEFQLANYKGNIDDKAKIKNAISETEILLNKSVEQAM
KNTEKFMIKLSNSYLTKEMIPKVQDNLKNFDLETKKTLDKFIKEKEDILGTNLSSSLRRKVSIRLNKNIAFDINDIPFSE
FDDLINQYKNEIEDYEVLNLGAEDGKIKDLSGTTSDINIGSDIELADGRENKAIKIKGSENSTIKIAMNKYLRFSATDNF
SISFWIKHPKPTNLLNNGIEYTLVENFNQRGWKISIQDSKLIWYLRDHNNSIKIVTPDYIAFNGWNLITITNNRSKGSIV
YVNGSKIEEKDISSIWNTEVDDPIIFRLKNNRDTQAFTLLDQFSIYRKELNQNEVVKLYNYYFNSNYIRDIWGNPLQYNK
KYYLQTQDKPGKGLIREYWSSFGYDYVILSDSKTITFPNNIRYGALYNGSKVLIKNSKKLDGLVRNKDFIQLEIDGYNMG
ISADRFNEDTNYIGTTYGTTHDLTTDFEIIQRQEKYRNYCQLKTPYNIFHKSGLMSTETSKPTFHDYRDWVYSSAWYFQN
YENLNLRKHTKTNWYFIPKDEGWDED
;
X
#
# COMPACT_ATOMS: atom_id res chain seq x y z
N ILE A 9 6.80 -1.33 57.37
CA ILE A 9 7.85 -1.59 58.35
C ILE A 9 8.34 -0.28 58.97
N ASP A 10 7.39 0.56 59.39
CA ASP A 10 7.71 1.85 59.96
C ASP A 10 8.12 1.77 61.42
N SER A 11 7.81 0.67 62.08
CA SER A 11 8.09 0.58 63.54
C SER A 11 8.92 -0.67 63.88
N PRO A 12 10.08 -0.95 63.24
CA PRO A 12 10.93 -2.05 63.65
C PRO A 12 11.75 -1.50 64.82
N ILE A 13 12.36 -2.38 65.62
CA ILE A 13 13.05 -1.85 66.80
C ILE A 13 14.39 -1.22 66.43
N ASP A 14 15.33 -2.03 65.95
CA ASP A 14 16.69 -1.57 65.67
C ASP A 14 17.43 -2.69 64.94
N ASN A 15 18.74 -2.51 64.77
CA ASN A 15 19.67 -3.52 64.27
C ASN A 15 19.46 -3.83 62.79
N LYS A 16 20.50 -4.40 62.16
CA LYS A 16 20.52 -4.80 60.75
C LYS A 16 20.02 -3.64 59.89
N ASN A 17 18.97 -3.81 59.08
CA ASN A 17 18.53 -2.74 58.19
C ASN A 17 18.06 -1.51 58.96
N ILE A 18 17.57 -1.67 60.18
CA ILE A 18 17.03 -0.57 60.95
C ILE A 18 18.13 -0.03 61.86
N ILE A 19 18.53 1.22 61.62
CA ILE A 19 19.53 1.88 62.45
C ILE A 19 19.04 3.30 62.75
N GLU A 20 19.73 3.96 63.66
CA GLU A 20 19.51 5.36 63.99
C GLU A 20 20.86 6.04 64.03
N PHE A 21 21.12 6.91 63.07
CA PHE A 21 22.43 7.54 62.91
C PHE A 21 22.31 9.05 63.06
N ILE A 22 23.47 9.71 63.13
CA ILE A 22 23.54 11.16 63.25
C ILE A 22 23.67 11.77 61.87
N THR A 23 22.85 12.78 61.59
CA THR A 23 22.85 13.40 60.28
C THR A 23 24.21 14.02 59.98
N PHE A 24 24.62 13.96 58.71
CA PHE A 24 25.92 14.49 58.31
C PHE A 24 26.01 15.99 58.59
N ARG A 25 25.15 16.77 57.95
CA ARG A 25 25.14 18.21 58.15
C ARG A 25 24.16 18.57 59.26
N THR A 26 24.01 19.86 59.51
CA THR A 26 23.18 20.34 60.61
C THR A 26 21.79 20.73 60.11
N ASP A 27 20.81 20.56 60.98
CA ASP A 27 19.45 21.01 60.71
C ASP A 27 19.39 22.53 60.70
N THR A 28 18.29 23.08 60.15
CA THR A 28 18.13 24.51 60.07
C THR A 28 18.16 25.19 61.45
N SER A 29 17.89 24.44 62.51
CA SER A 29 18.03 24.97 63.86
C SER A 29 19.49 25.20 64.22
N GLY A 30 20.43 24.64 63.47
CA GLY A 30 21.85 24.81 63.72
C GLY A 30 22.52 23.66 64.43
N ILE A 31 21.82 22.55 64.67
CA ILE A 31 22.38 21.40 65.37
C ILE A 31 22.08 20.15 64.56
N GLN A 32 22.91 19.13 64.77
CA GLN A 32 22.69 17.83 64.15
C GLN A 32 21.68 17.04 64.97
N LYS A 33 20.70 16.46 64.29
CA LYS A 33 19.63 15.71 64.94
C LYS A 33 19.68 14.24 64.51
N LYS A 34 19.36 13.36 65.45
CA LYS A 34 19.33 11.94 65.17
C LYS A 34 18.16 11.58 64.26
N ILE A 35 18.39 10.59 63.39
CA ILE A 35 17.37 10.13 62.45
C ILE A 35 17.61 8.67 62.17
N LYS A 36 16.55 7.97 61.77
CA LYS A 36 16.60 6.53 61.54
C LYS A 36 16.34 6.23 60.07
N ALA A 37 17.07 5.24 59.53
CA ALA A 37 17.02 4.92 58.12
C ALA A 37 16.81 3.42 57.94
N TYR A 38 16.31 3.05 56.76
CA TYR A 38 16.00 1.67 56.42
C TYR A 38 16.82 1.26 55.19
N GLN A 39 17.46 0.10 55.27
CA GLN A 39 18.32 -0.39 54.19
C GLN A 39 17.45 -1.14 53.18
N ILE A 40 17.10 -0.47 52.09
CA ILE A 40 16.33 -1.14 51.03
C ILE A 40 17.19 -2.19 50.33
N ALA A 41 18.41 -1.80 49.93
CA ALA A 41 19.31 -2.69 49.22
C ALA A 41 20.70 -2.55 49.81
N LYS A 42 21.64 -3.36 49.32
CA LYS A 42 23.00 -3.34 49.84
C LYS A 42 23.61 -1.95 49.71
N HIS A 43 23.93 -1.34 50.85
CA HIS A 43 24.54 -0.03 50.95
C HIS A 43 23.65 1.09 50.44
N ILE A 44 22.36 0.84 50.26
CA ILE A 44 21.41 1.84 49.80
C ILE A 44 20.37 2.02 50.91
N TRP A 45 20.23 3.24 51.41
CA TRP A 45 19.36 3.53 52.53
C TRP A 45 18.23 4.46 52.11
N VAL A 46 17.13 4.39 52.84
CA VAL A 46 16.00 5.29 52.64
C VAL A 46 15.60 5.82 54.01
N VAL A 47 15.15 7.07 54.04
CA VAL A 47 14.66 7.69 55.25
C VAL A 47 13.46 8.57 54.92
N PRO A 48 12.24 8.16 55.32
CA PRO A 48 11.01 8.86 54.91
C PRO A 48 10.75 10.14 55.68
N GLU A 49 11.76 11.01 55.73
CA GLU A 49 11.63 12.31 56.36
C GLU A 49 12.08 13.39 55.38
N ARG A 50 11.53 14.58 55.54
CA ARG A 50 11.96 15.71 54.72
C ARG A 50 13.43 16.00 54.99
N TYR A 51 14.11 16.54 53.98
CA TYR A 51 15.54 16.78 54.09
C TYR A 51 15.84 17.69 55.28
N TYR A 52 16.80 17.27 56.10
CA TYR A 52 17.09 18.00 57.33
C TYR A 52 17.80 19.31 57.06
N ALA A 53 18.73 19.31 56.09
CA ALA A 53 19.52 20.52 55.83
C ALA A 53 18.65 21.61 55.22
N GLU A 54 17.82 21.26 54.25
CA GLU A 54 16.97 22.26 53.61
C GLU A 54 15.81 22.63 54.54
N PRO A 55 15.38 23.89 54.54
CA PRO A 55 14.26 24.28 55.39
C PRO A 55 12.96 23.64 54.92
N LEU A 56 12.02 23.53 55.86
CA LEU A 56 10.69 23.03 55.50
C LEU A 56 9.92 24.03 54.65
N ASN A 57 10.31 25.29 54.65
CA ASN A 57 9.64 26.30 53.84
C ASN A 57 10.61 27.44 53.58
N ILE A 58 10.36 28.16 52.48
CA ILE A 58 11.21 29.26 52.06
C ILE A 58 10.31 30.44 51.66
N SER A 59 10.92 31.62 51.58
CA SER A 59 10.19 32.84 51.27
C SER A 59 9.69 32.81 49.83
N ASP A 60 8.76 33.72 49.52
CA ASP A 60 8.19 33.78 48.18
C ASP A 60 9.23 34.15 47.14
N GLU A 61 10.26 34.91 47.52
CA GLU A 61 11.31 35.27 46.58
C GLU A 61 12.15 34.06 46.19
N TYR A 62 12.34 33.12 47.11
CA TYR A 62 13.18 31.96 46.87
C TYR A 62 12.46 30.84 46.12
N LYS A 63 11.16 30.97 45.89
CA LYS A 63 10.37 29.88 45.33
C LYS A 63 10.61 29.75 43.84
N ILE A 64 10.71 28.51 43.37
CA ILE A 64 10.95 28.18 41.96
C ILE A 64 9.60 27.93 41.29
N ASP A 65 9.52 28.31 40.01
CA ASP A 65 8.30 28.08 39.23
C ASP A 65 8.05 26.60 39.04
N GLY A 66 7.05 26.06 39.74
CA GLY A 66 6.71 24.66 39.65
C GLY A 66 6.90 23.85 40.91
N GLY A 67 7.04 24.49 42.07
CA GLY A 67 7.24 23.78 43.32
C GLY A 67 5.95 23.51 44.06
N ILE A 68 6.10 22.99 45.28
CA ILE A 68 4.96 22.67 46.14
C ILE A 68 5.11 23.40 47.47
N TYR A 69 6.25 23.20 48.14
CA TYR A 69 6.71 24.02 49.25
C TYR A 69 5.88 23.89 50.53
N ASN A 70 4.90 22.99 50.58
CA ASN A 70 4.11 22.85 51.80
C ASN A 70 4.96 22.19 52.89
N GLU A 71 4.80 22.67 54.13
CA GLU A 71 5.65 22.23 55.23
C GLU A 71 5.06 21.06 56.01
N ASN A 72 3.74 20.96 56.08
CA ASN A 72 3.09 19.87 56.81
C ASN A 72 2.91 18.66 55.88
N TYR A 73 4.03 18.16 55.37
CA TYR A 73 4.06 17.07 54.43
C TYR A 73 5.07 16.03 54.90
N LEU A 74 4.70 14.75 54.78
CA LEU A 74 5.54 13.64 55.23
C LEU A 74 5.91 13.79 56.70
N THR A 75 4.95 14.27 57.50
CA THR A 75 5.16 14.55 58.92
C THR A 75 4.17 13.76 59.76
N THR A 76 3.99 12.48 59.41
CA THR A 76 3.17 11.57 60.20
C THR A 76 3.59 10.15 59.88
N ASP A 77 3.22 9.23 60.77
CA ASP A 77 3.63 7.84 60.61
C ASP A 77 3.01 7.22 59.35
N LYS A 78 1.75 7.53 59.06
CA LYS A 78 1.11 6.97 57.88
C LYS A 78 1.79 7.44 56.61
N GLU A 79 2.13 8.73 56.53
CA GLU A 79 2.84 9.24 55.36
C GLU A 79 4.22 8.62 55.23
N ARG A 80 4.92 8.45 56.35
CA ARG A 80 6.25 7.83 56.32
C ARG A 80 6.14 6.39 55.83
N GLN A 81 5.14 5.65 56.30
CA GLN A 81 4.93 4.29 55.82
C GLN A 81 4.52 4.29 54.35
N GLU A 82 3.74 5.30 53.94
CA GLU A 82 3.40 5.41 52.52
C GLU A 82 4.63 5.65 51.67
N TYR A 83 5.56 6.48 52.15
CA TYR A 83 6.81 6.70 51.43
C TYR A 83 7.65 5.43 51.40
N LEU A 84 7.69 4.69 52.51
CA LEU A 84 8.50 3.47 52.56
C LEU A 84 7.98 2.42 51.59
N ASP A 85 6.66 2.29 51.48
CA ASP A 85 6.10 1.32 50.54
C ASP A 85 6.29 1.79 49.10
N ALA A 86 6.15 3.10 48.88
CA ALA A 86 6.39 3.64 47.52
C ALA A 86 7.78 3.22 47.07
N ILE A 87 8.72 3.15 48.00
CA ILE A 87 10.14 2.79 47.67
C ILE A 87 10.25 1.29 47.28
N CYS A 88 9.95 0.32 48.15
CA CYS A 88 10.15 -1.11 47.73
C CYS A 88 9.45 -1.28 46.37
N ILE A 89 8.23 -0.76 46.23
CA ILE A 89 7.54 -0.81 44.91
C ILE A 89 8.51 -0.32 43.83
N LEU A 90 9.12 0.86 44.03
CA LEU A 90 9.97 1.37 42.94
C LEU A 90 11.24 0.55 42.78
N PHE A 91 11.87 0.18 43.89
CA PHE A 91 13.10 -0.60 43.80
C PHE A 91 12.82 -2.02 43.30
N LYS A 92 11.64 -2.54 43.62
CA LYS A 92 11.27 -3.88 43.06
C LYS A 92 11.08 -3.71 41.55
N ARG A 93 10.45 -2.62 41.13
CA ARG A 93 10.28 -2.38 39.70
C ARG A 93 11.62 -2.21 39.00
N ILE A 94 12.56 -1.52 39.64
CA ILE A 94 13.89 -1.38 39.08
C ILE A 94 14.58 -2.74 39.00
N ASN A 95 14.48 -3.54 40.06
CA ASN A 95 15.07 -4.87 40.07
C ASN A 95 14.31 -5.84 39.18
N ASN A 96 13.13 -5.47 38.69
CA ASN A 96 12.34 -6.39 37.87
C ASN A 96 13.06 -6.75 36.58
N VAL A 97 13.66 -5.76 35.92
CA VAL A 97 14.40 -5.99 34.69
C VAL A 97 15.84 -6.33 35.01
N ILE A 98 16.50 -7.02 34.08
CA ILE A 98 17.86 -7.48 34.33
C ILE A 98 18.84 -6.32 34.34
N GLU A 99 18.67 -5.35 33.42
CA GLU A 99 19.57 -4.19 33.42
C GLU A 99 19.40 -3.36 34.69
N GLY A 100 18.18 -3.30 35.22
CA GLY A 100 17.95 -2.52 36.42
C GLY A 100 18.67 -3.07 37.63
N LYS A 101 18.67 -4.38 37.79
CA LYS A 101 19.36 -5.00 38.92
C LYS A 101 20.87 -5.03 38.73
N LYS A 102 21.36 -4.82 37.51
CA LYS A 102 22.80 -4.65 37.31
C LYS A 102 23.25 -3.27 37.78
N LEU A 103 22.43 -2.25 37.55
CA LEU A 103 22.76 -0.91 38.03
C LEU A 103 22.76 -0.86 39.55
N LEU A 104 21.77 -1.50 40.18
CA LEU A 104 21.73 -1.54 41.64
C LEU A 104 22.92 -2.32 42.19
N SER A 105 23.30 -3.42 41.53
CA SER A 105 24.48 -4.17 41.96
C SER A 105 25.74 -3.33 41.82
N LEU A 106 25.82 -2.54 40.74
CA LEU A 106 26.97 -1.65 40.57
C LEU A 106 26.99 -0.58 41.66
N LEU A 107 25.84 0.00 41.98
CA LEU A 107 25.77 1.01 43.02
C LEU A 107 26.15 0.44 44.38
N SER A 108 25.75 -0.80 44.65
CA SER A 108 26.05 -1.42 45.93
C SER A 108 27.55 -1.62 46.14
N SER A 109 28.32 -1.78 45.06
CA SER A 109 29.76 -1.98 45.14
C SER A 109 30.54 -0.80 44.55
N ALA A 110 29.93 0.37 44.48
CA ALA A 110 30.57 1.58 43.96
C ALA A 110 31.10 2.45 45.08
N SER A 111 31.61 1.85 46.14
CA SER A 111 32.15 2.62 47.24
C SER A 111 33.33 3.47 46.75
N PRO A 112 33.43 4.72 47.16
CA PRO A 112 34.52 5.58 46.72
C PRO A 112 35.86 5.08 47.25
N PHE A 113 36.92 5.67 46.70
CA PHE A 113 38.27 5.27 47.08
C PHE A 113 38.51 5.52 48.56
N PRO A 114 38.94 4.53 49.33
CA PRO A 114 39.18 4.75 50.76
C PRO A 114 40.32 5.73 50.99
N PHE A 115 40.18 6.53 52.05
CA PHE A 115 41.23 7.45 52.43
C PHE A 115 42.48 6.69 52.86
N LYS A 116 43.63 7.33 52.74
CA LYS A 116 44.91 6.70 53.01
C LYS A 116 45.14 6.64 54.52
N ASP A 117 46.39 6.38 54.92
CA ASP A 117 46.80 6.35 56.33
C ASP A 117 46.01 5.28 57.10
N ASP A 118 46.31 4.03 56.72
CA ASP A 118 45.76 2.74 57.16
C ASP A 118 44.46 2.40 56.44
N THR A 119 44.28 2.97 55.25
CA THR A 119 43.11 2.69 54.40
C THR A 119 41.83 2.98 55.18
N ASN A 120 41.73 4.19 55.72
CA ASN A 120 40.49 4.64 56.33
C ASN A 120 39.43 4.81 55.25
N LYS A 121 38.22 4.37 55.55
CA LYS A 121 37.15 4.41 54.56
C LYS A 121 36.56 5.82 54.49
N TYR A 122 35.87 6.08 53.38
CA TYR A 122 35.40 7.41 53.02
C TYR A 122 34.26 7.85 53.95
N LEU A 123 33.63 8.99 53.66
CA LEU A 123 32.60 9.52 54.53
C LEU A 123 31.41 8.58 54.66
N LEU A 124 30.98 8.35 55.89
CA LEU A 124 29.80 7.56 56.21
C LEU A 124 29.07 8.22 57.37
N LYS A 125 28.15 7.46 57.96
CA LYS A 125 27.27 7.91 59.03
C LYS A 125 27.69 7.30 60.35
N GLU A 126 27.82 8.15 61.37
CA GLU A 126 28.20 7.67 62.69
C GLU A 126 26.97 7.23 63.46
N ALA A 127 27.14 6.23 64.33
CA ALA A 127 26.06 5.70 65.14
C ALA A 127 26.41 5.88 66.61
N LEU A 128 25.46 6.39 67.39
CA LEU A 128 25.66 6.58 68.81
C LEU A 128 24.79 5.64 69.62
N LYS A 139 30.04 0.93 64.56
CA LYS A 139 29.58 2.30 64.74
C LYS A 139 29.42 3.01 63.40
N PHE A 140 29.77 2.30 62.31
CA PHE A 140 29.66 2.88 60.98
C PHE A 140 29.03 1.87 60.02
N PHE A 141 27.98 2.29 59.32
CA PHE A 141 27.25 1.45 58.39
C PHE A 141 27.46 1.96 56.98
N THR A 142 27.91 1.07 56.10
CA THR A 142 28.26 1.47 54.74
C THR A 142 27.03 1.97 53.99
N SER A 143 27.18 3.11 53.34
CA SER A 143 26.07 3.75 52.63
C SER A 143 26.62 4.39 51.37
N ASN A 144 26.36 3.78 50.21
CA ASN A 144 26.76 4.40 48.95
C ASN A 144 25.86 5.58 48.61
N ILE A 145 24.56 5.45 48.87
CA ILE A 145 23.62 6.55 48.71
C ILE A 145 22.73 6.60 49.95
N ILE A 146 22.13 7.76 50.17
CA ILE A 146 21.11 7.94 51.18
C ILE A 146 19.93 8.65 50.53
N LEU A 147 18.78 8.00 50.50
CA LEU A 147 17.60 8.51 49.80
C LEU A 147 16.67 9.14 50.81
N PHE A 148 16.69 10.47 50.87
CA PHE A 148 15.85 11.22 51.79
C PHE A 148 14.49 11.50 51.16
N GLY A 149 13.63 12.20 51.90
CA GLY A 149 12.41 12.71 51.33
C GLY A 149 12.62 14.04 50.65
N PRO A 150 11.55 14.58 50.09
CA PRO A 150 11.65 15.87 49.40
C PRO A 150 12.07 16.98 50.35
N GLY A 151 12.88 17.90 49.83
CA GLY A 151 13.35 19.02 50.63
C GLY A 151 12.34 20.15 50.67
N THR A 152 12.80 21.40 50.53
CA THR A 152 11.87 22.52 50.48
C THR A 152 11.04 22.51 49.21
N ASN A 153 11.62 22.06 48.10
CA ASN A 153 10.91 21.92 46.83
C ASN A 153 10.65 20.44 46.61
N ILE A 154 9.37 20.05 46.68
CA ILE A 154 9.02 18.64 46.56
C ILE A 154 9.23 18.17 45.11
N SER A 155 8.89 19.00 44.14
CA SER A 155 8.97 18.61 42.74
C SER A 155 10.41 18.40 42.26
N LYS A 156 11.40 18.93 42.97
CA LYS A 156 12.80 18.84 42.55
C LYS A 156 13.46 17.67 43.26
N ASN A 157 13.98 16.73 42.48
CA ASN A 157 14.69 15.56 43.00
C ASN A 157 16.16 15.73 42.65
N GLN A 158 16.89 16.43 43.51
CA GLN A 158 18.29 16.73 43.26
C GLN A 158 19.20 15.80 44.04
N VAL A 159 20.28 15.38 43.41
CA VAL A 159 21.29 14.53 44.03
C VAL A 159 22.37 15.45 44.59
N LEU A 160 22.42 15.58 45.91
CA LEU A 160 23.34 16.50 46.54
C LEU A 160 24.55 15.74 47.06
N PRO A 161 25.73 15.87 46.44
CA PRO A 161 26.92 15.21 46.97
C PRO A 161 27.44 15.96 48.19
N LEU A 162 27.72 15.21 49.26
CA LEU A 162 28.14 15.81 50.51
C LEU A 162 29.53 16.44 50.46
N ASN A 163 30.29 16.22 49.39
CA ASN A 163 31.53 16.97 49.18
C ASN A 163 31.77 17.06 47.67
N GLY A 164 31.54 18.26 47.11
CA GLY A 164 31.72 18.46 45.69
C GLY A 164 33.16 18.48 45.24
N ASP A 165 34.09 18.79 46.14
CA ASP A 165 35.50 18.84 45.76
C ASP A 165 36.01 17.46 45.36
N ASP A 166 35.68 16.43 46.13
CA ASP A 166 36.14 15.08 45.88
C ASP A 166 35.19 14.28 45.01
N ALA A 167 34.03 14.84 44.65
CA ALA A 167 33.13 14.19 43.73
C ALA A 167 33.54 14.36 42.27
N THR A 168 34.56 15.19 42.01
CA THR A 168 35.05 15.44 40.67
C THR A 168 36.45 14.90 40.43
N SER A 169 37.30 14.87 41.46
CA SER A 169 38.69 14.45 41.30
C SER A 169 38.83 12.96 41.04
N GLY A 170 37.77 12.18 41.16
CA GLY A 170 37.82 10.75 40.93
C GLY A 170 37.86 9.90 42.19
N VAL A 171 38.03 10.51 43.35
CA VAL A 171 37.98 9.76 44.60
C VAL A 171 36.59 9.19 44.83
N GLY A 172 35.56 10.01 44.65
CA GLY A 172 34.19 9.60 44.82
C GLY A 172 33.50 10.34 45.94
N SER A 173 32.19 10.11 46.04
CA SER A 173 31.36 10.73 47.06
C SER A 173 30.08 9.94 47.22
N VAL A 174 29.64 9.80 48.46
CA VAL A 174 28.39 9.10 48.77
C VAL A 174 27.29 10.16 48.87
N SER A 175 26.66 10.45 47.73
CA SER A 175 25.72 11.56 47.64
C SER A 175 24.42 11.25 48.40
N GLU A 176 23.71 12.31 48.76
CA GLU A 176 22.41 12.22 49.42
C GLU A 176 21.35 12.66 48.42
N ILE A 177 20.27 11.89 48.32
CA ILE A 177 19.21 12.14 47.34
C ILE A 177 17.94 12.51 48.09
N CYS A 178 17.30 13.60 47.67
CA CYS A 178 16.00 14.01 48.18
C CYS A 178 14.99 13.82 47.05
N TYR A 179 14.30 12.68 47.06
CA TYR A 179 13.45 12.28 45.95
C TYR A 179 12.05 11.96 46.45
N ASN A 180 11.04 12.51 45.78
CA ASN A 180 9.63 12.29 46.11
C ASN A 180 8.93 11.60 44.95
N PRO A 181 8.43 10.37 45.13
CA PRO A 181 7.85 9.63 44.00
C PRO A 181 6.35 9.79 43.80
N PHE A 182 5.66 10.56 44.66
CA PHE A 182 4.21 10.56 44.63
C PHE A 182 3.64 11.40 43.49
N PHE A 183 4.30 12.49 43.11
CA PHE A 183 3.75 13.44 42.14
C PHE A 183 4.55 13.36 40.84
N THR A 184 3.83 13.30 39.72
CA THR A 184 4.43 13.27 38.40
C THR A 184 3.69 14.22 37.47
N LYS A 185 4.38 14.68 36.43
CA LYS A 185 3.77 15.50 35.42
C LYS A 185 3.17 14.62 34.32
N LYS A 186 2.63 15.25 33.28
CA LYS A 186 2.00 14.53 32.19
C LYS A 186 2.70 14.72 30.86
N PHE A 187 2.93 15.98 30.44
CA PHE A 187 3.57 16.33 29.18
C PHE A 187 2.62 16.06 28.01
N GLY A 188 1.50 15.41 28.28
CA GLY A 188 0.52 15.08 27.26
C GLY A 188 -0.65 14.37 27.87
N GLU A 189 -1.24 13.43 27.15
CA GLU A 189 -2.30 12.59 27.71
C GLU A 189 -1.74 11.27 28.25
N TYR A 190 -0.68 11.34 29.05
CA TYR A 190 -0.16 10.18 29.74
C TYR A 190 0.76 10.64 30.85
N SER A 191 0.93 9.78 31.85
CA SER A 191 1.67 10.12 33.07
C SER A 191 3.10 9.63 32.96
N LEU A 192 4.05 10.51 33.26
CA LEU A 192 5.46 10.13 33.25
C LEU A 192 5.74 9.12 34.36
N ASP A 193 6.57 8.14 34.03
CA ASP A 193 6.84 7.05 34.95
C ASP A 193 7.78 7.52 36.06
N PRO A 194 7.42 7.31 37.34
CA PRO A 194 8.29 7.76 38.43
C PRO A 194 9.64 7.08 38.48
N VAL A 195 9.80 5.89 37.87
CA VAL A 195 11.11 5.24 37.88
C VAL A 195 12.12 6.07 37.10
N ILE A 196 11.68 6.74 36.04
CA ILE A 196 12.57 7.61 35.28
C ILE A 196 13.10 8.73 36.17
N GLY A 197 12.25 9.27 37.03
CA GLY A 197 12.71 10.27 37.98
C GLY A 197 13.61 9.71 39.06
N LEU A 198 13.53 8.41 39.33
CA LEU A 198 14.39 7.77 40.32
C LEU A 198 15.64 7.16 39.70
N ILE A 199 15.52 6.59 38.50
CA ILE A 199 16.68 6.10 37.78
C ILE A 199 17.64 7.25 37.51
N GLU A 200 17.10 8.41 37.12
CA GLU A 200 17.95 9.57 36.87
C GLU A 200 18.71 9.98 38.12
N CYS A 201 18.05 9.94 39.29
CA CYS A 201 18.74 10.27 40.53
C CYS A 201 19.77 9.22 40.90
N LEU A 202 19.56 7.96 40.49
CA LEU A 202 20.55 6.93 40.73
C LEU A 202 21.75 7.10 39.81
N LEU A 203 21.50 7.40 38.53
CA LEU A 203 22.60 7.60 37.59
C LEU A 203 23.43 8.84 37.95
N LYS A 204 22.77 9.90 38.40
CA LYS A 204 23.52 11.08 38.84
C LYS A 204 24.39 10.75 40.04
N SER A 205 23.88 9.91 40.94
CA SER A 205 24.69 9.53 42.10
C SER A 205 25.77 8.52 41.74
N LEU A 206 25.56 7.74 40.68
CA LEU A 206 26.62 6.83 40.22
C LEU A 206 27.82 7.60 39.73
N TYR A 207 27.60 8.76 39.11
CA TYR A 207 28.70 9.62 38.71
C TYR A 207 29.49 10.11 39.93
N ASN A 208 28.78 10.50 40.99
CA ASN A 208 29.46 10.95 42.21
C ASN A 208 30.26 9.82 42.85
N LEU A 209 29.71 8.60 42.86
CA LEU A 209 30.41 7.47 43.46
C LEU A 209 31.70 7.16 42.70
N TYR A 210 31.67 7.25 41.37
CA TYR A 210 32.86 7.03 40.58
C TYR A 210 33.74 8.26 40.48
N GLY A 211 33.32 9.39 41.04
CA GLY A 211 34.10 10.60 41.02
C GLY A 211 34.06 11.37 39.71
N ILE A 212 33.21 10.95 38.77
CA ILE A 212 33.15 11.57 37.45
C ILE A 212 32.02 12.60 37.49
N LYS A 213 32.37 13.83 37.85
CA LYS A 213 31.44 14.95 37.81
C LYS A 213 32.03 16.03 36.93
N VAL A 214 31.17 16.85 36.33
CA VAL A 214 31.61 17.80 35.31
C VAL A 214 31.83 19.18 35.92
N SER A 215 31.80 19.26 37.25
CA SER A 215 32.20 20.44 38.01
C SER A 215 31.34 21.68 37.71
N ASP A 216 30.19 21.49 37.08
CA ASP A 216 29.19 22.53 36.84
C ASP A 216 29.70 23.66 35.94
N ASP A 217 30.92 23.55 35.42
CA ASP A 217 31.45 24.55 34.51
C ASP A 217 31.59 24.06 33.08
N ILE A 218 31.52 22.76 32.86
CA ILE A 218 31.60 22.19 31.52
C ILE A 218 30.16 22.04 31.03
N LYS A 219 29.72 22.97 30.18
CA LYS A 219 28.34 23.04 29.73
C LYS A 219 28.28 22.98 28.22
N ILE A 220 27.13 22.54 27.71
CA ILE A 220 26.90 22.38 26.28
C ILE A 220 25.57 23.04 25.93
N PRO A 221 25.48 23.77 24.82
CA PRO A 221 24.18 24.34 24.42
C PRO A 221 23.15 23.26 24.23
N TYR A 222 21.94 23.52 24.74
CA TYR A 222 20.83 22.58 24.67
C TYR A 222 19.73 23.05 23.74
N LYS A 223 19.34 24.31 23.86
CA LYS A 223 18.21 24.88 23.12
C LYS A 223 18.61 26.24 22.58
N LEU A 224 17.73 26.78 21.75
CA LEU A 224 17.63 28.22 21.57
C LEU A 224 16.55 28.71 22.52
N GLN A 225 16.88 29.73 23.31
CA GLN A 225 16.00 30.16 24.40
C GLN A 225 14.61 30.52 23.86
N ARG A 226 13.58 30.03 24.54
CA ARG A 226 12.19 30.31 24.18
C ARG A 226 11.79 31.64 24.79
N ALA A 227 11.79 32.69 23.97
CA ALA A 227 11.43 34.02 24.42
C ALA A 227 11.16 34.87 23.18
N LEU A 228 11.02 36.18 23.38
CA LEU A 228 10.73 37.10 22.29
C LEU A 228 11.89 38.00 21.94
N ASN A 229 12.53 38.63 22.94
CA ASN A 229 13.62 39.55 22.71
C ASN A 229 14.97 38.97 23.13
N THR A 230 15.11 37.64 23.07
CA THR A 230 16.36 36.98 23.43
C THR A 230 16.82 36.11 22.27
N ASP A 231 18.10 36.25 21.92
CA ASP A 231 18.74 35.42 20.90
C ASP A 231 19.79 34.49 21.51
N LYS A 232 19.69 34.22 22.81
CA LYS A 232 20.69 33.43 23.51
C LYS A 232 20.30 31.96 23.54
N TYR A 233 21.24 31.13 23.98
CA TYR A 233 21.03 29.70 24.14
C TYR A 233 20.87 29.36 25.61
N SER A 234 20.25 28.22 25.88
CA SER A 234 20.07 27.71 27.23
C SER A 234 21.02 26.54 27.42
N TYR A 235 22.19 26.82 28.00
CA TYR A 235 23.24 25.82 28.12
C TYR A 235 22.87 24.79 29.19
N ILE A 236 23.02 23.52 28.85
CA ILE A 236 22.77 22.43 29.80
C ILE A 236 24.09 21.94 30.32
N ASN A 237 24.06 21.36 31.52
CA ASN A 237 25.25 20.74 32.07
C ASN A 237 25.59 19.48 31.27
N LEU A 238 26.89 19.21 31.13
CA LEU A 238 27.31 18.06 30.35
C LEU A 238 26.86 16.75 31.00
N GLU A 239 26.86 16.71 32.33
CA GLU A 239 26.39 15.52 33.03
C GLU A 239 24.92 15.23 32.73
N GLU A 240 24.08 16.28 32.76
CA GLU A 240 22.67 16.09 32.46
C GLU A 240 22.45 15.73 31.00
N ALA A 241 23.28 16.25 30.09
CA ALA A 241 23.17 15.86 28.69
C ALA A 241 23.52 14.39 28.51
N LEU A 242 24.51 13.89 29.26
CA LEU A 242 24.86 12.48 29.17
C LEU A 242 23.74 11.60 29.71
N ILE A 243 23.09 12.02 30.79
CA ILE A 243 22.06 11.18 31.41
C ILE A 243 20.75 11.28 30.63
N PHE A 244 20.25 12.49 30.45
CA PHE A 244 19.05 12.68 29.63
C PHE A 244 19.39 12.47 28.16
N GLY A 245 19.59 11.22 27.76
CA GLY A 245 20.13 10.96 26.45
C GLY A 245 19.24 11.35 25.28
N GLY A 246 18.18 10.59 25.06
CA GLY A 246 17.27 10.88 23.95
C GLY A 246 18.01 10.93 22.62
N ASN A 247 17.53 11.83 21.76
CA ASN A 247 18.13 12.04 20.45
C ASN A 247 19.17 13.16 20.45
N ASP A 248 19.07 14.09 21.40
CA ASP A 248 20.03 15.19 21.47
C ASP A 248 21.39 14.68 21.94
N TYR A 249 21.46 13.45 22.45
CA TYR A 249 22.71 12.81 22.84
C TYR A 249 23.32 11.98 21.73
N LYS A 250 22.51 11.49 20.79
CA LYS A 250 23.04 10.73 19.67
C LYS A 250 23.78 11.61 18.66
N ILE A 251 23.55 12.93 18.69
CA ILE A 251 24.09 13.80 17.65
C ILE A 251 25.50 14.28 17.95
N PHE A 252 25.95 14.21 19.20
CA PHE A 252 27.30 14.60 19.56
C PHE A 252 28.13 13.44 20.08
N THR A 253 27.64 12.21 19.96
CA THR A 253 28.35 11.02 20.41
C THR A 253 28.55 10.03 19.27
N GLU A 254 28.71 10.54 18.04
CA GLU A 254 28.95 9.68 16.90
C GLU A 254 30.39 9.15 16.94
N LYS A 255 30.77 8.39 15.92
CA LYS A 255 32.09 7.75 15.92
C LYS A 255 33.22 8.76 15.98
N PRO A 256 33.24 9.83 15.18
CA PRO A 256 34.26 10.89 15.40
C PRO A 256 33.79 11.84 16.49
N TYR A 257 34.66 12.07 17.46
CA TYR A 257 34.33 12.91 18.62
C TYR A 257 34.88 14.32 18.39
N TRP A 258 33.98 15.30 18.42
CA TRP A 258 34.33 16.68 18.10
C TRP A 258 34.36 17.59 19.32
N LEU A 259 33.40 17.48 20.21
CA LEU A 259 33.42 18.27 21.44
C LEU A 259 34.13 17.56 22.58
N SER A 260 34.64 16.35 22.35
CA SER A 260 35.35 15.62 23.39
C SER A 260 36.50 16.45 23.93
N ASN A 261 36.39 16.86 25.19
CA ASN A 261 37.27 17.83 25.80
C ASN A 261 38.04 17.17 26.94
N ASP A 262 38.73 17.99 27.73
CA ASP A 262 39.58 17.46 28.79
C ASP A 262 38.82 16.54 29.74
N TYR A 263 37.52 16.77 29.92
CA TYR A 263 36.76 15.98 30.90
C TYR A 263 36.77 14.49 30.54
N PHE A 264 36.45 14.16 29.28
CA PHE A 264 36.40 12.76 28.89
C PHE A 264 37.78 12.12 28.81
N LEU A 265 38.84 12.92 28.89
CA LEU A 265 40.21 12.40 29.00
C LEU A 265 40.75 12.48 30.42
N LYS A 266 40.46 13.57 31.14
CA LYS A 266 40.91 13.67 32.53
C LYS A 266 40.26 12.60 33.40
N SER A 267 38.95 12.38 33.21
CA SER A 267 38.28 11.33 33.97
C SER A 267 38.78 9.95 33.59
N LEU A 268 38.98 9.70 32.30
CA LEU A 268 39.52 8.41 31.87
C LEU A 268 40.95 8.22 32.34
N ASN A 269 41.77 9.28 32.31
CA ASN A 269 43.13 9.17 32.80
C ASN A 269 43.16 8.93 34.30
N THR A 270 42.40 9.72 35.07
CA THR A 270 42.37 9.55 36.51
C THR A 270 41.85 8.18 36.90
N PHE A 271 41.00 7.58 36.08
CA PHE A 271 40.51 6.23 36.35
C PHE A 271 41.62 5.20 36.18
N GLU A 272 42.55 5.42 35.25
CA GLU A 272 43.56 4.41 34.95
C GLU A 272 44.54 4.24 36.10
N GLU A 273 45.09 5.34 36.62
CA GLU A 273 46.01 5.22 37.74
C GLU A 273 45.29 4.82 39.01
N ASN A 274 44.03 5.25 39.18
CA ASN A 274 43.24 4.78 40.31
C ASN A 274 43.05 3.28 40.25
N LYS A 275 42.76 2.75 39.06
CA LYS A 275 42.76 1.31 38.87
C LYS A 275 44.15 0.72 39.05
N ALA A 276 45.18 1.42 38.56
CA ALA A 276 46.54 0.93 38.68
C ALA A 276 47.02 0.96 40.13
N LYS A 277 46.72 2.04 40.86
CA LYS A 277 47.15 2.11 42.25
C LYS A 277 46.40 1.12 43.12
N TYR A 278 45.19 0.72 42.71
CA TYR A 278 44.51 -0.37 43.40
C TYR A 278 45.10 -1.72 42.99
N GLU A 279 45.51 -1.85 41.73
CA GLU A 279 46.00 -3.14 41.23
C GLU A 279 47.31 -3.56 41.88
N LYS A 280 48.04 -2.65 42.52
CA LYS A 280 49.33 -2.96 43.09
C LYS A 280 49.46 -2.72 44.59
N ASP A 281 48.63 -1.85 45.17
CA ASP A 281 48.72 -1.53 46.58
C ASP A 281 47.59 -2.15 47.39
N LEU A 282 46.34 -1.86 47.04
CA LEU A 282 45.21 -2.39 47.80
C LEU A 282 44.94 -3.86 47.49
N LYS A 283 45.18 -4.29 46.25
CA LYS A 283 44.93 -5.67 45.88
C LYS A 283 45.88 -6.63 46.58
N ASN A 284 46.99 -6.13 47.13
CA ASN A 284 47.93 -6.98 47.86
C ASN A 284 47.38 -7.45 49.21
N ASP A 285 46.11 -7.17 49.50
CA ASP A 285 45.42 -7.60 50.71
C ASP A 285 46.06 -7.08 51.98
N PRO A 286 46.07 -5.77 52.23
CA PRO A 286 46.40 -5.28 53.57
C PRO A 286 45.32 -5.66 54.55
N ASN A 287 45.72 -5.84 55.81
CA ASN A 287 44.78 -6.27 56.84
C ASN A 287 43.77 -5.19 57.23
N LEU A 288 44.02 -3.93 56.85
CA LEU A 288 43.09 -2.84 57.15
C LEU A 288 42.05 -2.61 56.06
N ASN A 289 42.10 -3.35 54.95
CA ASN A 289 41.13 -3.15 53.89
C ASN A 289 39.75 -3.69 54.27
N ASN A 290 39.70 -4.80 55.00
CA ASN A 290 38.45 -5.38 55.50
C ASN A 290 37.49 -5.74 54.36
N GLU A 291 38.01 -6.56 53.44
CA GLU A 291 37.21 -7.20 52.39
C GLU A 291 36.48 -6.18 51.51
N LEU A 292 37.15 -5.07 51.23
CA LEU A 292 36.71 -4.16 50.19
C LEU A 292 37.35 -4.45 48.84
N ASN A 293 38.26 -5.44 48.79
CA ASN A 293 38.93 -5.76 47.54
C ASN A 293 37.94 -6.24 46.49
N GLN A 294 37.04 -7.14 46.88
CA GLN A 294 36.07 -7.66 45.92
C GLN A 294 35.16 -6.56 45.39
N TYR A 295 34.73 -5.65 46.26
CA TYR A 295 33.94 -4.51 45.82
C TYR A 295 34.74 -3.60 44.90
N LEU A 296 36.00 -3.32 45.26
CA LEU A 296 36.83 -2.48 44.42
C LEU A 296 37.28 -3.21 43.16
N GLN A 297 37.49 -4.53 43.24
CA GLN A 297 37.83 -5.29 42.05
C GLN A 297 36.73 -5.24 41.01
N GLN A 298 35.47 -5.15 41.45
CA GLN A 298 34.35 -5.04 40.54
C GLN A 298 34.02 -3.61 40.17
N LYS A 299 34.26 -2.66 41.08
CA LYS A 299 34.04 -1.26 40.75
C LYS A 299 35.01 -0.80 39.66
N TYR A 300 36.27 -1.20 39.75
CA TYR A 300 37.28 -0.80 38.78
C TYR A 300 37.36 -1.74 37.59
N SER A 301 36.77 -2.93 37.68
CA SER A 301 36.61 -3.75 36.48
C SER A 301 35.68 -3.08 35.50
N PHE A 302 34.62 -2.46 35.99
CA PHE A 302 33.73 -1.69 35.14
C PHE A 302 34.45 -0.46 34.60
N SER A 303 34.22 -0.16 33.33
CA SER A 303 34.85 0.96 32.66
C SER A 303 33.89 2.15 32.62
N ILE A 304 34.42 3.35 32.86
CA ILE A 304 33.59 4.55 32.81
C ILE A 304 32.99 4.75 31.43
N SER A 305 33.67 4.28 30.39
CA SER A 305 33.12 4.39 29.04
C SER A 305 31.78 3.68 28.92
N LYS A 306 31.50 2.72 29.79
CA LYS A 306 30.19 2.09 29.86
C LYS A 306 29.22 2.87 30.73
N ILE A 307 29.71 3.57 31.76
CA ILE A 307 28.85 4.42 32.57
C ILE A 307 28.29 5.55 31.74
N TRP A 308 29.12 6.18 30.90
CA TRP A 308 28.66 7.29 30.07
C TRP A 308 27.60 6.83 29.07
N SER A 309 27.62 5.56 28.69
CA SER A 309 26.61 5.04 27.77
C SER A 309 25.25 4.86 28.43
N LEU A 310 25.19 4.91 29.76
CA LEU A 310 23.93 4.73 30.48
C LEU A 310 23.17 6.05 30.48
N ASN A 311 22.18 6.15 29.61
CA ASN A 311 21.34 7.34 29.51
C ASN A 311 19.92 7.02 29.96
N LEU A 312 19.12 8.07 30.09
CA LEU A 312 17.80 7.95 30.69
C LEU A 312 16.75 7.44 29.71
N THR A 313 17.04 7.45 28.41
CA THR A 313 16.05 6.97 27.44
C THR A 313 16.24 5.50 27.11
N ALA A 314 17.45 4.96 27.26
CA ALA A 314 17.62 3.53 27.10
C ALA A 314 17.05 2.77 28.28
N PHE A 315 17.00 3.40 29.46
CA PHE A 315 16.33 2.80 30.60
C PHE A 315 14.82 2.84 30.42
N ALA A 316 14.29 3.91 29.81
CA ALA A 316 12.87 3.96 29.52
C ALA A 316 12.47 2.86 28.55
N ASP A 317 13.32 2.59 27.56
CA ASP A 317 13.03 1.52 26.60
C ASP A 317 13.12 0.15 27.25
N ILE A 318 13.96 0.01 28.28
CA ILE A 318 14.05 -1.26 29.00
C ILE A 318 12.77 -1.54 29.76
N PHE A 319 12.20 -0.52 30.39
CA PHE A 319 10.94 -0.65 31.11
C PHE A 319 9.72 -0.49 30.21
N ASN A 320 9.93 -0.32 28.90
CA ASN A 320 8.83 -0.14 27.94
C ASN A 320 7.99 1.08 28.29
N ILE A 321 8.67 2.17 28.64
CA ILE A 321 8.02 3.44 28.93
C ILE A 321 8.11 4.33 27.69
N ASN A 322 7.11 5.17 27.51
CA ASN A 322 7.11 6.18 26.46
C ASN A 322 7.61 7.48 27.06
N ILE A 323 8.67 8.03 26.48
CA ILE A 323 9.32 9.21 27.03
C ILE A 323 9.63 10.18 25.89
N PRO A 324 9.57 11.49 26.12
CA PRO A 324 9.89 12.44 25.04
C PRO A 324 11.38 12.57 24.77
N THR A 325 11.91 11.71 23.90
CA THR A 325 13.34 11.61 23.65
C THR A 325 13.94 12.85 23.00
N SER A 326 13.13 13.75 22.45
CA SER A 326 13.66 14.89 21.71
C SER A 326 14.50 15.81 22.59
N PHE A 327 13.86 16.49 23.55
CA PHE A 327 14.55 17.36 24.50
C PHE A 327 14.07 16.94 25.89
N LEU A 328 14.71 15.93 26.46
CA LEU A 328 14.18 15.32 27.68
C LEU A 328 14.27 16.25 28.87
N ALA A 329 15.23 17.16 28.88
CA ALA A 329 15.44 18.02 30.04
C ALA A 329 14.64 19.31 29.99
N SER A 330 13.94 19.59 28.89
CA SER A 330 13.23 20.87 28.77
C SER A 330 11.79 20.71 28.31
N ILE A 331 11.51 19.68 27.49
CA ILE A 331 10.21 19.60 26.85
C ILE A 331 9.07 19.38 27.84
N THR A 332 9.37 18.86 29.04
CA THR A 332 8.34 18.67 30.04
C THR A 332 7.94 19.96 30.75
N PHE A 333 8.67 21.06 30.50
CA PHE A 333 8.43 22.32 31.18
C PHE A 333 7.75 23.35 30.30
N TRP A 334 7.30 22.98 29.10
CA TRP A 334 6.70 23.94 28.17
C TRP A 334 5.19 24.04 28.36
N ASP A 335 4.75 24.18 29.61
CA ASP A 335 3.33 24.25 29.94
C ASP A 335 3.20 24.51 31.43
N ARG A 336 1.97 24.74 31.87
CA ARG A 336 1.71 24.93 33.29
C ARG A 336 2.07 23.65 34.05
N SER A 337 2.67 23.83 35.23
CA SER A 337 3.09 22.70 36.05
C SER A 337 1.86 22.09 36.72
N GLN A 338 1.42 20.94 36.24
CA GLN A 338 0.32 20.19 36.82
C GLN A 338 0.85 18.85 37.32
N TYR A 339 0.66 18.59 38.61
CA TYR A 339 1.15 17.38 39.24
C TYR A 339 -0.02 16.49 39.63
N TYR A 340 0.18 15.18 39.53
CA TYR A 340 -0.86 14.19 39.81
C TYR A 340 -0.38 13.24 40.89
N LYS A 341 -1.14 13.14 41.97
CA LYS A 341 -0.78 12.25 43.06
C LYS A 341 -0.91 10.80 42.62
N ILE A 342 0.04 9.97 43.03
CA ILE A 342 0.06 8.55 42.70
C ILE A 342 -0.13 7.77 43.98
N ASN A 343 -1.18 6.95 44.03
CA ASN A 343 -1.44 6.06 45.16
C ASN A 343 -0.70 4.76 44.89
N TYR A 344 0.49 4.61 45.46
CA TYR A 344 1.37 3.51 45.08
C TYR A 344 0.80 2.12 45.33
N PRO A 345 0.18 1.81 46.47
CA PRO A 345 -0.36 0.45 46.63
C PRO A 345 -1.35 0.05 45.56
N ASN A 346 -2.04 1.02 44.95
CA ASN A 346 -3.08 0.73 43.96
C ASN A 346 -2.73 1.18 42.55
N ASP A 347 -2.21 2.39 42.38
CA ASP A 347 -2.01 2.98 41.07
C ASP A 347 -0.65 2.65 40.44
N TYR A 348 0.24 1.98 41.16
CA TYR A 348 1.57 1.71 40.64
C TYR A 348 2.13 0.46 41.30
N ASN A 349 2.23 -0.61 40.54
CA ASN A 349 2.74 -1.88 41.04
C ASN A 349 4.04 -2.22 40.31
N ILE A 350 4.52 -3.45 40.53
CA ILE A 350 5.81 -3.87 39.96
C ILE A 350 5.83 -3.79 38.45
N ASP A 351 4.66 -3.85 37.81
CA ASP A 351 4.57 -3.75 36.35
C ASP A 351 4.17 -2.36 35.88
N GLY A 352 4.63 -1.32 36.58
CA GLY A 352 4.28 0.03 36.22
C GLY A 352 2.87 0.39 36.62
N PHE A 353 2.28 1.33 35.90
CA PHE A 353 0.89 1.71 36.14
C PHE A 353 -0.03 0.52 35.86
N VAL A 354 -1.00 0.31 36.75
CA VAL A 354 -1.85 -0.88 36.65
C VAL A 354 -2.72 -0.82 35.40
N ASN A 355 -3.25 0.35 35.06
CA ASN A 355 -4.13 0.51 33.92
C ASN A 355 -3.40 1.04 32.69
N GLY A 356 -2.08 0.97 32.68
CA GLY A 356 -1.30 1.50 31.59
C GLY A 356 -0.93 2.95 31.80
N GLN A 357 -0.02 3.43 30.94
CA GLN A 357 0.49 4.78 31.06
C GLN A 357 -0.53 5.84 30.63
N TRP A 358 -1.49 5.47 29.78
CA TRP A 358 -2.45 6.43 29.26
C TRP A 358 -3.80 6.40 29.97
N ASN A 359 -4.13 5.31 30.65
CA ASN A 359 -5.39 5.18 31.39
C ASN A 359 -5.16 5.22 32.89
N THR A 360 -4.18 6.02 33.33
CA THR A 360 -3.87 6.09 34.75
C THR A 360 -5.05 6.65 35.56
N ASN A 361 -5.69 7.70 35.04
CA ASN A 361 -6.80 8.37 35.72
C ASN A 361 -6.41 8.78 37.13
N LEU A 362 -5.23 9.36 37.27
CA LEU A 362 -4.75 9.82 38.56
C LEU A 362 -5.50 11.08 38.99
N LYS A 363 -5.35 11.42 40.27
CA LYS A 363 -6.00 12.59 40.84
C LYS A 363 -5.02 13.76 40.89
N ASN A 364 -5.53 14.96 40.58
CA ASN A 364 -4.69 16.14 40.57
C ASN A 364 -4.26 16.50 41.99
N ILE A 365 -3.04 17.03 42.10
CA ILE A 365 -2.49 17.42 43.40
C ILE A 365 -3.25 18.59 43.99
N GLU A 366 -3.92 19.38 43.15
CA GLU A 366 -4.47 20.66 43.58
C GLU A 366 -5.48 20.51 44.71
N LYS A 367 -5.10 20.94 45.91
CA LYS A 367 -5.97 20.88 47.08
C LYS A 367 -5.82 22.17 47.88
N ASP A 368 -6.87 22.50 48.62
CA ASP A 368 -6.99 23.84 49.18
C ASP A 368 -5.93 24.12 50.26
N ASN A 369 -5.79 23.22 51.23
CA ASN A 369 -5.01 23.54 52.42
C ASN A 369 -3.51 23.56 52.11
N ASN A 370 -2.96 22.42 51.73
CA ASN A 370 -1.54 22.30 51.43
C ASN A 370 -1.34 22.24 49.91
N PHE A 371 -0.12 21.93 49.49
CA PHE A 371 0.21 21.67 48.09
C PHE A 371 -0.11 22.88 47.22
N ILE A 372 0.58 23.99 47.49
CA ILE A 372 0.47 25.19 46.68
C ILE A 372 1.52 25.13 45.58
N ILE A 373 1.08 25.14 44.33
CA ILE A 373 1.99 25.08 43.18
C ILE A 373 2.31 26.52 42.80
N PHE A 374 3.38 27.05 43.38
CA PHE A 374 3.82 28.40 43.04
C PHE A 374 4.39 28.40 41.63
N ASP A 375 3.61 28.91 40.68
CA ASP A 375 4.04 29.02 39.30
C ASP A 375 4.20 30.49 38.95
N LYS A 376 5.42 30.88 38.59
CA LYS A 376 5.64 32.19 37.98
C LYS A 376 6.02 31.97 36.52
N PRO A 377 5.14 32.24 35.57
CA PRO A 377 5.44 31.94 34.17
C PRO A 377 6.47 32.92 33.62
N LYS A 378 7.61 32.39 33.19
CA LYS A 378 8.61 33.22 32.55
C LYS A 378 8.05 33.82 31.26
N GLN A 379 8.29 35.11 31.06
CA GLN A 379 7.91 35.81 29.83
C GLN A 379 6.39 35.75 29.63
N ILE A 380 5.68 36.40 30.55
CA ILE A 380 4.24 36.57 30.40
C ILE A 380 3.99 37.52 29.23
N ILE A 381 3.46 37.00 28.14
CA ILE A 381 3.32 37.75 26.89
C ILE A 381 1.87 38.15 26.73
N THR A 382 1.63 39.45 26.55
CA THR A 382 0.28 39.99 26.36
C THR A 382 0.22 40.67 24.99
N TYR A 383 -0.59 40.10 24.09
CA TYR A 383 -0.78 40.69 22.77
C TYR A 383 -1.50 42.02 22.88
N ILE A 384 -1.03 43.00 22.11
CA ILE A 384 -1.59 44.35 22.12
C ILE A 384 -1.91 44.76 20.70
N ASN A 385 -3.12 45.29 20.48
CA ASN A 385 -3.54 45.83 19.20
C ASN A 385 -3.76 47.33 19.34
N ASP A 386 -3.14 48.10 18.43
CA ASP A 386 -3.20 49.55 18.52
C ASP A 386 -4.43 50.14 17.82
N ILE A 387 -5.21 49.32 17.13
CA ILE A 387 -6.43 49.79 16.48
C ILE A 387 -7.66 49.48 17.32
N PHE A 388 -7.70 48.29 17.92
CA PHE A 388 -8.82 47.85 18.72
C PHE A 388 -8.43 47.81 20.19
N ASN A 389 -9.39 48.06 21.08
CA ASN A 389 -9.16 47.94 22.51
C ASN A 389 -9.10 46.45 22.83
N LEU A 390 -7.94 45.86 22.56
CA LEU A 390 -7.78 44.41 22.58
C LEU A 390 -6.49 44.08 23.32
N ARG A 391 -6.62 43.43 24.48
CA ARG A 391 -5.49 42.93 25.25
C ARG A 391 -5.71 41.45 25.48
N TYR A 392 -4.69 40.63 25.21
CA TYR A 392 -4.79 39.19 25.39
C TYR A 392 -3.50 38.69 26.01
N THR A 393 -3.52 38.46 27.32
CA THR A 393 -2.35 37.99 28.05
C THR A 393 -2.27 36.47 28.01
N SER A 394 -1.08 35.96 27.76
CA SER A 394 -0.82 34.53 27.79
C SER A 394 0.48 34.28 28.52
N ASN A 395 0.60 33.10 29.11
CA ASN A 395 1.75 32.75 29.94
C ASN A 395 2.65 31.78 29.19
N LEU A 396 3.94 32.10 29.14
CA LEU A 396 4.95 31.23 28.57
C LEU A 396 5.66 30.49 29.72
N TYR A 397 6.03 29.24 29.45
CA TYR A 397 6.69 28.41 30.44
C TYR A 397 7.96 27.82 29.84
N GLU A 398 9.06 27.94 30.58
CA GLU A 398 10.36 27.54 30.09
C GLU A 398 11.12 26.83 31.21
N ASP A 399 12.04 25.96 30.83
CA ASP A 399 12.84 25.20 31.78
C ASP A 399 13.73 26.12 32.61
N ASN A 400 14.42 25.52 33.58
CA ASN A 400 15.26 26.26 34.51
C ASN A 400 16.74 26.21 34.16
N LEU A 401 17.09 25.73 32.97
CA LEU A 401 18.48 25.73 32.55
C LEU A 401 19.00 27.15 32.40
N ASP A 402 20.23 27.38 32.85
CA ASP A 402 20.80 28.72 32.81
C ASP A 402 21.13 29.13 31.38
N ILE A 403 21.11 30.44 31.14
CA ILE A 403 21.15 31.01 29.81
C ILE A 403 22.52 31.63 29.57
N GLU A 404 23.16 31.24 28.47
CA GLU A 404 24.43 31.79 28.04
C GLU A 404 24.29 32.29 26.61
N SER A 405 25.36 32.89 26.09
CA SER A 405 25.35 33.48 24.77
C SER A 405 25.79 32.48 23.73
N ASN A 406 26.05 32.94 22.50
CA ASN A 406 26.52 32.12 21.40
C ASN A 406 28.02 31.85 21.45
N ASN A 407 28.65 32.05 22.61
CA ASN A 407 30.10 31.99 22.67
C ASN A 407 30.64 30.59 22.44
N TYR A 408 29.89 29.56 22.81
CA TYR A 408 30.38 28.19 22.64
C TYR A 408 30.61 27.87 21.17
N TYR A 409 29.66 28.23 20.31
CA TYR A 409 29.81 27.98 18.89
C TYR A 409 30.80 28.94 18.24
N LEU A 410 30.94 30.15 18.79
CA LEU A 410 31.79 31.16 18.18
C LEU A 410 33.26 30.76 18.22
N ASN A 411 33.74 30.35 19.39
CA ASN A 411 35.16 30.03 19.57
C ASN A 411 35.34 28.56 19.89
N PHE A 412 34.63 27.69 19.18
CA PHE A 412 34.81 26.25 19.31
C PHE A 412 35.99 25.83 18.44
N MET A 413 37.06 25.38 19.07
CA MET A 413 38.28 24.99 18.36
C MET A 413 38.32 23.47 18.23
N PHE A 414 38.34 22.99 17.00
CA PHE A 414 38.44 21.55 16.76
C PHE A 414 39.84 21.06 17.09
N GLU A 415 39.92 19.79 17.47
CA GLU A 415 41.20 19.16 17.80
C GLU A 415 41.61 18.25 16.66
N TYR A 416 42.74 18.61 16.02
CA TYR A 416 43.21 17.84 14.87
C TYR A 416 43.63 16.44 15.28
N ASP A 417 44.38 16.32 16.38
CA ASP A 417 44.93 15.03 16.78
C ASP A 417 43.88 14.17 17.49
N LYS A 418 43.35 14.68 18.60
CA LYS A 418 42.32 13.96 19.33
C LYS A 418 41.06 13.84 18.49
N GLY A 419 40.30 12.78 18.72
CA GLY A 419 39.24 12.42 17.80
C GLY A 419 38.63 11.06 18.07
N ASN A 420 38.62 10.20 17.05
CA ASN A 420 37.94 8.91 17.10
C ASN A 420 38.38 8.03 18.26
N ASN A 421 39.40 8.42 19.02
CA ASN A 421 39.73 7.72 20.26
C ASN A 421 38.50 7.61 21.13
N PHE A 422 38.15 6.37 21.50
CA PHE A 422 36.86 6.08 22.13
C PHE A 422 36.68 6.79 23.45
N THR A 423 35.77 7.76 23.48
CA THR A 423 35.39 8.48 24.69
C THR A 423 33.93 8.27 25.06
N ILE A 424 33.01 8.38 24.09
CA ILE A 424 31.59 8.17 24.33
C ILE A 424 31.10 7.23 23.22
N ASN A 425 31.05 5.94 23.51
CA ASN A 425 30.48 4.98 22.57
C ASN A 425 29.21 4.40 23.17
N GLN A 426 28.14 4.38 22.36
CA GLN A 426 26.82 3.96 22.82
C GLN A 426 26.74 2.44 22.74
N TYR A 427 27.03 1.79 23.87
CA TYR A 427 26.90 0.34 23.96
C TYR A 427 25.45 -0.06 23.83
N LYS A 428 25.12 -0.83 22.78
CA LYS A 428 23.75 -1.31 22.60
C LYS A 428 23.35 -2.30 23.68
N ALA A 429 24.31 -2.86 24.42
CA ALA A 429 24.04 -3.72 25.57
C ALA A 429 24.43 -2.92 26.81
N LEU A 430 23.44 -2.22 27.39
CA LEU A 430 23.72 -1.30 28.51
C LEU A 430 24.10 -2.06 29.78
N LEU A 431 25.08 -1.55 30.54
CA LEU A 431 25.43 -2.18 31.84
C LEU A 431 25.35 -3.69 31.68
N ASP A 432 26.28 -4.31 30.94
CA ASP A 432 26.15 -5.77 30.67
C ASP A 432 27.46 -6.51 30.95
N THR A 433 28.51 -5.81 31.36
CA THR A 433 29.83 -6.49 31.56
C THR A 433 30.21 -6.44 33.04
N LEU A 434 29.61 -7.30 33.86
CA LEU A 434 29.89 -7.34 35.30
C LEU A 434 29.12 -8.52 35.87
N ASP A 435 29.41 -8.84 37.13
CA ASP A 435 28.84 -10.00 37.80
C ASP A 435 27.64 -9.55 38.63
N ASN A 436 26.49 -10.17 38.39
CA ASN A 436 25.28 -9.83 39.14
C ASN A 436 25.23 -10.57 40.47
N ASP A 437 25.18 -11.91 40.42
CA ASP A 437 25.06 -12.70 41.65
C ASP A 437 26.33 -12.61 42.49
N PHE A 438 27.50 -12.55 41.83
CA PHE A 438 28.75 -12.49 42.57
C PHE A 438 28.83 -11.24 43.44
N ILE A 439 28.42 -10.08 42.88
CA ILE A 439 28.36 -8.86 43.68
C ILE A 439 27.34 -8.99 44.79
N ASP A 440 26.16 -9.55 44.47
CA ASP A 440 25.13 -9.73 45.47
C ASP A 440 25.56 -10.72 46.55
N SER A 441 26.24 -11.79 46.16
CA SER A 441 26.68 -12.80 47.13
C SER A 441 27.75 -12.26 48.08
N LEU A 442 28.44 -11.20 47.71
CA LEU A 442 29.45 -10.63 48.58
C LEU A 442 28.79 -10.04 49.83
N PRO A 443 29.30 -10.34 51.03
CA PRO A 443 28.69 -9.78 52.22
C PRO A 443 28.90 -8.28 52.28
N PRO A 444 27.98 -7.54 52.87
CA PRO A 444 28.15 -6.10 53.02
C PRO A 444 29.24 -5.76 54.03
N ILE A 445 29.71 -4.52 53.97
CA ILE A 445 30.79 -4.06 54.82
C ILE A 445 30.24 -3.63 56.18
N GLN A 446 30.95 -4.00 57.24
CA GLN A 446 30.62 -3.56 58.59
C GLN A 446 31.88 -3.22 59.36
N GLY A 447 31.71 -2.42 60.42
CA GLY A 447 32.71 -2.29 61.46
C GLY A 447 33.73 -1.17 61.33
N MET A 448 34.57 -1.22 60.32
CA MET A 448 35.77 -0.39 60.33
C MET A 448 35.43 1.09 60.17
N ASN A 449 36.30 1.93 60.73
CA ASN A 449 36.01 3.34 60.92
C ASN A 449 35.96 4.08 59.58
N ALA A 450 35.30 5.24 59.58
CA ALA A 450 35.16 6.07 58.40
C ALA A 450 35.43 7.52 58.74
N GLN A 451 35.93 8.27 57.75
CA GLN A 451 36.23 9.68 57.93
C GLN A 451 34.97 10.53 57.73
N ASN A 452 35.07 11.82 58.00
CA ASN A 452 33.98 12.75 57.71
C ASN A 452 34.59 14.13 57.49
N LYS A 453 34.77 14.49 56.22
CA LYS A 453 35.14 15.83 55.77
C LYS A 453 33.96 16.37 54.97
N LEU A 454 33.03 17.02 55.66
CA LEU A 454 31.78 17.48 55.03
C LEU A 454 32.03 18.82 54.36
N THR A 455 32.30 18.79 53.06
CA THR A 455 32.39 20.03 52.30
C THR A 455 31.01 20.60 52.09
N SER A 456 30.86 21.90 52.34
CA SER A 456 29.55 22.55 52.25
C SER A 456 29.01 22.47 50.83
N LEU A 457 27.75 22.08 50.70
CA LEU A 457 27.08 22.02 49.41
C LEU A 457 26.43 23.36 49.12
N PRO A 458 26.11 23.64 47.84
CA PRO A 458 25.33 24.84 47.54
C PRO A 458 23.89 24.66 48.00
N ILE A 459 23.55 25.30 49.11
CA ILE A 459 22.24 25.15 49.74
C ILE A 459 21.44 26.42 49.51
N ILE A 460 22.13 27.53 49.26
CA ILE A 460 21.51 28.83 49.06
C ILE A 460 21.56 29.16 47.58
N SER A 461 20.44 29.67 47.06
CA SER A 461 20.34 30.02 45.65
C SER A 461 19.13 30.92 45.44
N LYS A 462 19.22 31.79 44.44
CA LYS A 462 18.13 32.68 44.09
C LYS A 462 18.01 32.75 42.57
N GLY A 463 16.77 32.79 42.09
CA GLY A 463 16.49 32.80 40.67
C GLY A 463 15.79 34.08 40.23
N THR A 464 15.81 34.30 38.91
CA THR A 464 15.21 35.48 38.33
C THR A 464 13.69 35.38 38.36
N ASP A 465 13.03 36.54 38.34
CA ASP A 465 11.58 36.61 38.38
C ASP A 465 11.01 36.72 36.97
N THR A 466 9.68 36.68 36.90
CA THR A 466 8.99 36.74 35.62
C THR A 466 9.10 38.13 35.01
N GLU A 467 8.96 38.19 33.69
CA GLU A 467 9.08 39.44 32.94
C GLU A 467 7.86 39.60 32.04
N ASN A 468 7.37 40.84 31.95
CA ASN A 468 6.17 41.17 31.18
C ASN A 468 6.61 41.97 29.96
N ILE A 469 6.72 41.30 28.82
CA ILE A 469 7.10 41.94 27.55
C ILE A 469 5.96 41.76 26.57
N ASN A 470 5.55 42.85 25.93
CA ASN A 470 4.40 42.87 25.05
C ASN A 470 4.73 42.15 23.73
N SER A 471 3.74 42.09 22.85
CA SER A 471 3.90 41.50 21.53
C SER A 471 2.90 42.13 20.58
N GLU A 472 3.31 42.34 19.34
CA GLU A 472 2.47 42.98 18.33
C GLU A 472 1.73 41.99 17.45
N LEU A 473 1.99 40.69 17.60
CA LEU A 473 1.33 39.67 16.82
C LEU A 473 0.91 38.52 17.72
N LEU A 474 -0.16 37.82 17.33
CA LEU A 474 -0.71 36.73 18.11
C LEU A 474 0.23 35.53 18.03
N LEU A 475 0.94 35.26 19.12
CA LEU A 475 1.84 34.12 19.16
C LEU A 475 1.07 32.82 19.26
N PRO A 476 1.70 31.70 18.95
CA PRO A 476 1.00 30.40 19.10
C PRO A 476 0.49 30.15 20.52
N ILE A 477 1.18 30.66 21.53
CA ILE A 477 0.69 30.50 22.90
C ILE A 477 -0.62 31.26 23.09
N HIS A 478 -0.77 32.40 22.42
CA HIS A 478 -2.05 33.11 22.45
C HIS A 478 -3.15 32.27 21.82
N TYR A 479 -2.84 31.60 20.70
CA TYR A 479 -3.83 30.78 20.03
C TYR A 479 -4.22 29.57 20.87
N LEU A 480 -3.25 28.91 21.49
CA LEU A 480 -3.55 27.73 22.31
C LEU A 480 -4.38 28.11 23.53
N LYS A 481 -4.21 29.33 24.05
CA LYS A 481 -5.05 29.79 25.16
C LYS A 481 -6.50 29.96 24.71
N SER A 482 -6.71 30.43 23.48
CA SER A 482 -8.06 30.66 22.99
C SER A 482 -8.82 29.36 22.76
N GLN A 483 -8.13 28.26 22.47
CA GLN A 483 -8.81 27.00 22.24
C GLN A 483 -9.48 26.48 23.51
N THR A 484 -8.96 26.84 24.68
CA THR A 484 -9.46 26.28 25.92
C THR A 484 -10.85 26.82 26.26
N TYR A 485 -11.59 26.04 27.04
CA TYR A 485 -12.89 26.42 27.56
C TYR A 485 -12.72 26.77 29.04
N ASN A 486 -13.04 28.01 29.39
CA ASN A 486 -12.61 28.59 30.66
C ASN A 486 -13.77 28.93 31.59
N LEU A 487 -14.74 28.03 31.74
CA LEU A 487 -15.83 28.24 32.68
C LEU A 487 -16.44 26.90 33.06
N ASP A 488 -17.59 26.95 33.73
CA ASP A 488 -18.22 25.79 34.35
C ASP A 488 -18.87 24.90 33.30
N MET A 489 -19.60 23.87 33.77
CA MET A 489 -20.28 22.93 32.90
C MET A 489 -21.68 23.41 32.49
N TYR A 490 -22.40 24.06 33.39
CA TYR A 490 -23.74 24.56 33.10
C TYR A 490 -23.64 25.94 32.45
N SER A 491 -23.29 25.91 31.16
CA SER A 491 -23.22 27.10 30.32
C SER A 491 -22.99 26.65 28.89
N SER A 492 -23.45 27.49 27.95
CA SER A 492 -23.40 27.13 26.54
C SER A 492 -21.96 27.23 26.02
N ILE A 493 -21.71 26.50 24.93
CA ILE A 493 -20.45 26.56 24.20
C ILE A 493 -20.74 27.06 22.80
N LYS A 494 -19.97 28.04 22.34
CA LYS A 494 -20.15 28.62 21.02
C LYS A 494 -18.81 28.64 20.30
N PHE A 495 -18.70 27.85 19.23
CA PHE A 495 -17.49 27.82 18.43
C PHE A 495 -17.47 28.99 17.45
N THR A 496 -16.26 29.39 17.06
CA THR A 496 -16.11 30.43 16.04
C THR A 496 -14.74 30.28 15.40
N THR A 497 -14.60 30.88 14.22
CA THR A 497 -13.35 30.87 13.48
C THR A 497 -12.64 32.21 13.50
N ASN A 498 -13.32 33.29 13.88
CA ASN A 498 -12.68 34.60 13.98
C ASN A 498 -11.99 34.70 15.34
N ILE A 499 -10.66 34.63 15.32
CA ILE A 499 -9.91 34.68 16.57
C ILE A 499 -10.08 36.02 17.26
N TYR A 500 -10.30 37.09 16.50
CA TYR A 500 -10.47 38.41 17.10
C TYR A 500 -11.75 38.51 17.93
N GLU A 501 -12.69 37.59 17.76
CA GLU A 501 -13.87 37.54 18.59
C GLU A 501 -13.67 36.73 19.87
N VAL A 502 -12.54 36.04 19.99
CA VAL A 502 -12.23 35.28 21.18
C VAL A 502 -11.24 36.03 22.08
N VAL A 503 -10.24 36.67 21.49
CA VAL A 503 -9.26 37.41 22.28
C VAL A 503 -9.91 38.58 22.99
N SER A 504 -10.89 39.23 22.36
CA SER A 504 -11.70 40.25 23.02
C SER A 504 -12.80 39.52 23.77
N GLU A 505 -12.56 39.25 25.05
CA GLU A 505 -13.44 38.39 25.85
C GLU A 505 -14.73 39.14 26.16
N LYS A 506 -15.56 39.28 25.14
CA LYS A 506 -16.86 39.92 25.29
C LYS A 506 -17.96 38.94 25.65
N ASN A 507 -17.77 37.65 25.33
CA ASN A 507 -18.75 36.61 25.61
C ASN A 507 -18.30 35.65 26.71
N SER A 508 -17.00 35.41 26.81
CA SER A 508 -16.39 34.58 27.85
C SER A 508 -16.70 33.10 27.66
N GLU A 509 -17.57 32.78 26.70
CA GLU A 509 -17.86 31.40 26.35
C GLU A 509 -17.53 31.08 24.90
N LEU A 510 -17.32 32.09 24.07
CA LEU A 510 -16.90 31.87 22.69
C LEU A 510 -15.48 31.32 22.67
N VAL A 511 -15.26 30.29 21.86
CA VAL A 511 -13.96 29.64 21.76
C VAL A 511 -13.59 29.51 20.29
N TYR A 512 -12.33 29.78 19.97
CA TYR A 512 -11.87 29.73 18.60
C TYR A 512 -11.60 28.30 18.18
N THR A 513 -12.03 27.95 16.97
CA THR A 513 -11.76 26.64 16.39
C THR A 513 -11.27 26.83 14.96
N PHE A 514 -10.27 26.04 14.56
CA PHE A 514 -9.71 26.12 13.23
C PHE A 514 -10.23 25.01 12.32
N LEU A 515 -11.32 24.35 12.71
CA LEU A 515 -11.95 23.33 11.89
C LEU A 515 -13.23 23.89 11.30
N PRO A 516 -13.25 24.30 10.03
CA PRO A 516 -14.47 24.88 9.46
C PRO A 516 -15.66 23.92 9.47
N HIS A 517 -15.41 22.63 9.29
CA HIS A 517 -16.52 21.67 9.30
C HIS A 517 -17.15 21.56 10.68
N ILE A 518 -16.33 21.55 11.73
CA ILE A 518 -16.86 21.50 13.09
C ILE A 518 -17.57 22.80 13.44
N ASN A 519 -17.05 23.93 12.99
CA ASN A 519 -17.70 25.20 13.24
C ASN A 519 -19.07 25.26 12.58
N GLU A 520 -19.18 24.76 11.35
CA GLU A 520 -20.47 24.76 10.67
C GLU A 520 -21.48 23.88 11.36
N ILE A 521 -21.03 22.75 11.95
CA ILE A 521 -21.93 21.90 12.71
C ILE A 521 -22.49 22.65 13.91
N MET A 522 -21.62 23.37 14.63
CA MET A 522 -22.05 24.11 15.80
C MET A 522 -22.65 25.47 15.46
N GLU A 523 -22.59 25.90 14.20
CA GLU A 523 -23.21 27.16 13.83
C GLU A 523 -24.72 27.10 14.03
N ASN A 524 -25.35 25.98 13.69
CA ASN A 524 -26.77 25.75 13.92
C ASN A 524 -26.88 24.48 14.76
N TYR A 525 -26.77 24.65 16.08
CA TYR A 525 -26.92 23.54 17.02
C TYR A 525 -27.36 24.12 18.35
N SER A 526 -28.54 23.72 18.81
CA SER A 526 -29.08 24.16 20.09
C SER A 526 -29.27 22.96 21.00
N ILE A 527 -28.86 23.11 22.26
CA ILE A 527 -28.96 22.02 23.22
C ILE A 527 -30.40 21.67 23.56
N ASN A 528 -31.37 22.49 23.15
CA ASN A 528 -32.76 22.27 23.52
C ASN A 528 -33.53 21.46 22.49
N ASN A 529 -33.28 21.67 21.19
CA ASN A 529 -34.10 21.04 20.17
C ASN A 529 -33.34 20.33 19.06
N THR A 530 -32.02 20.50 18.98
CA THR A 530 -31.27 19.83 17.90
C THR A 530 -31.28 18.31 18.08
N ILE A 531 -31.04 17.84 19.30
CA ILE A 531 -31.00 16.42 19.61
C ILE A 531 -32.18 16.12 20.52
N LYS A 532 -33.03 15.19 20.09
CA LYS A 532 -34.25 14.90 20.83
C LYS A 532 -34.52 13.42 21.06
N THR A 533 -33.66 12.52 20.59
CA THR A 533 -33.90 11.09 20.75
C THR A 533 -32.56 10.35 20.74
N GLU A 534 -32.60 9.10 21.20
CA GLU A 534 -31.37 8.32 21.33
C GLU A 534 -30.71 8.06 19.98
N GLU A 535 -31.51 7.80 18.94
CA GLU A 535 -30.95 7.58 17.62
C GLU A 535 -30.28 8.85 17.10
N GLU A 536 -30.88 10.02 17.35
CA GLU A 536 -30.30 11.26 16.88
C GLU A 536 -29.03 11.62 17.66
N PHE A 537 -29.00 11.32 18.95
CA PHE A 537 -27.78 11.57 19.72
C PHE A 537 -26.62 10.70 19.21
N TYR A 538 -26.89 9.43 18.93
CA TYR A 538 -25.87 8.57 18.35
C TYR A 538 -25.46 9.06 16.96
N ASN A 539 -26.44 9.49 16.15
CA ASN A 539 -26.13 10.00 14.83
C ASN A 539 -25.30 11.28 14.90
N TRP A 540 -25.64 12.18 15.83
CA TRP A 540 -24.88 13.42 15.97
C TRP A 540 -23.46 13.16 16.45
N MET A 541 -23.30 12.23 17.40
CA MET A 541 -21.95 11.87 17.85
C MET A 541 -21.13 11.31 16.70
N GLU A 542 -21.75 10.48 15.85
CA GLU A 542 -21.07 9.98 14.67
C GLU A 542 -20.77 11.11 13.68
N ASN A 543 -21.70 12.07 13.55
CA ASN A 543 -21.50 13.18 12.63
C ASN A 543 -20.31 14.02 13.04
N LEU A 544 -20.14 14.27 14.34
CA LEU A 544 -18.98 15.01 14.81
C LEU A 544 -17.69 14.25 14.52
N PHE A 545 -17.71 12.93 14.70
CA PHE A 545 -16.51 12.14 14.48
C PHE A 545 -16.13 12.09 13.01
N ILE A 546 -17.11 12.13 12.11
CA ILE A 546 -16.81 12.14 10.67
C ILE A 546 -16.20 13.48 10.28
N ASN A 547 -16.83 14.58 10.70
CA ASN A 547 -16.37 15.90 10.29
C ASN A 547 -15.05 16.26 10.96
N TYR A 548 -14.85 15.83 12.19
CA TYR A 548 -13.55 16.02 12.85
C TYR A 548 -12.46 15.24 12.12
N SER A 549 -12.76 14.02 11.67
CA SER A 549 -11.77 13.23 10.95
C SER A 549 -11.43 13.84 9.61
N ILE A 550 -12.42 14.36 8.89
CA ILE A 550 -12.17 14.97 7.59
C ILE A 550 -11.30 16.21 7.73
N ASP A 551 -11.57 17.01 8.77
CA ASP A 551 -10.95 18.32 8.88
C ASP A 551 -9.48 18.25 9.27
N ILE A 552 -9.13 17.39 10.22
CA ILE A 552 -7.75 17.36 10.71
C ILE A 552 -6.86 16.41 9.92
N LEU A 553 -7.42 15.38 9.28
CA LEU A 553 -6.63 14.40 8.56
C LEU A 553 -6.43 14.75 7.09
N GLU A 554 -7.02 15.84 6.62
CA GLU A 554 -6.82 16.27 5.24
C GLU A 554 -5.39 16.75 5.03
N LYS A 555 -4.74 16.26 3.98
CA LYS A 555 -3.39 16.68 3.64
C LYS A 555 -3.29 16.83 2.13
N ARG A 556 -2.44 17.77 1.71
CA ARG A 556 -2.26 18.08 0.30
C ARG A 556 -0.79 17.96 -0.06
N ASN A 557 -0.52 17.51 -1.28
CA ASN A 557 0.85 17.46 -1.76
C ASN A 557 1.34 18.86 -2.12
N SER A 558 2.65 19.05 -2.06
CA SER A 558 3.27 20.33 -2.33
C SER A 558 4.35 20.18 -3.38
N ILE A 559 4.64 21.28 -4.07
CA ILE A 559 5.67 21.25 -5.11
C ILE A 559 7.05 21.56 -4.56
N ILE A 560 7.16 21.91 -3.28
CA ILE A 560 8.47 22.15 -2.68
C ILE A 560 9.22 20.82 -2.60
N PRO A 561 10.46 20.75 -3.09
CA PRO A 561 11.21 19.49 -3.00
C PRO A 561 11.44 19.07 -1.56
N GLY A 562 11.41 17.76 -1.34
CA GLY A 562 11.66 17.20 -0.02
C GLY A 562 10.44 17.06 0.85
N ILE A 563 9.27 17.54 0.41
CA ILE A 563 8.05 17.45 1.20
C ILE A 563 7.06 16.59 0.43
N THR A 564 6.62 15.50 1.06
CA THR A 564 5.63 14.64 0.42
C THR A 564 4.24 15.25 0.46
N ALA A 565 3.85 15.82 1.60
CA ALA A 565 2.52 16.39 1.76
C ALA A 565 2.57 17.49 2.80
N VAL A 566 1.58 18.38 2.76
CA VAL A 566 1.50 19.54 3.62
C VAL A 566 0.15 19.54 4.34
N LEU A 567 0.18 19.73 5.65
CA LEU A 567 -1.04 19.79 6.44
C LEU A 567 -1.54 21.23 6.45
N PRO A 568 -2.73 21.50 5.91
CA PRO A 568 -3.17 22.90 5.74
C PRO A 568 -3.74 23.56 6.98
N TRP A 569 -3.97 22.83 8.06
CA TRP A 569 -4.59 23.39 9.24
C TRP A 569 -3.58 23.90 10.27
N ILE A 570 -2.29 23.72 10.03
CA ILE A 570 -1.29 24.20 10.98
C ILE A 570 -1.26 25.72 11.02
N GLY A 571 -1.48 26.36 9.87
CA GLY A 571 -1.48 27.81 9.82
C GLY A 571 -2.59 28.42 10.65
N LYS A 572 -3.77 27.79 10.63
CA LYS A 572 -4.91 28.29 11.39
C LYS A 572 -4.88 27.89 12.86
N ALA A 573 -3.89 27.10 13.27
CA ALA A 573 -3.79 26.63 14.64
C ALA A 573 -2.76 27.39 15.46
N LEU A 574 -1.58 27.64 14.90
CA LEU A 574 -0.48 28.27 15.62
C LEU A 574 -0.14 29.67 15.11
N ASN A 575 -0.98 30.23 14.24
CA ASN A 575 -0.78 31.57 13.71
C ASN A 575 0.58 31.71 13.03
N ILE A 576 0.99 30.67 12.30
CA ILE A 576 2.19 30.71 11.48
C ILE A 576 1.78 30.69 10.03
N LEU A 577 2.21 31.71 9.28
CA LEU A 577 1.82 31.88 7.88
C LEU A 577 0.29 31.89 7.73
N ASN A 578 -0.38 32.55 8.68
CA ASN A 578 -1.84 32.63 8.72
C ASN A 578 -2.25 33.98 8.15
N THR A 579 -2.37 34.05 6.83
CA THR A 579 -2.76 35.26 6.11
C THR A 579 -3.97 34.90 5.26
N ASN A 580 -4.51 35.88 4.53
CA ASN A 580 -5.67 35.61 3.68
C ASN A 580 -5.37 34.56 2.60
N ASN A 581 -4.10 34.38 2.25
CA ASN A 581 -3.71 33.31 1.34
C ASN A 581 -3.81 31.96 2.04
N ASP A 582 -3.96 30.91 1.24
CA ASP A 582 -3.98 29.55 1.78
C ASP A 582 -2.64 29.21 2.39
N PHE A 583 -2.66 28.34 3.40
CA PHE A 583 -1.43 27.94 4.07
C PHE A 583 -0.47 27.28 3.09
N GLU A 584 -0.99 26.44 2.20
CA GLU A 584 -0.15 25.87 1.14
C GLU A 584 0.39 26.96 0.23
N GLU A 585 -0.46 27.88 -0.19
CA GLU A 585 -0.01 28.99 -1.05
C GLU A 585 0.95 29.90 -0.30
N GLU A 586 0.67 30.18 0.97
CA GLU A 586 1.53 31.06 1.75
C GLU A 586 2.89 30.42 2.03
N LEU A 587 2.92 29.10 2.21
CA LEU A 587 4.19 28.42 2.42
C LEU A 587 5.05 28.43 1.16
N GLN A 588 4.43 28.57 -0.01
CA GLN A 588 5.19 28.63 -1.26
C GLN A 588 6.03 29.90 -1.33
N LEU A 589 5.37 31.05 -1.29
CA LEU A 589 6.07 32.32 -1.50
C LEU A 589 6.91 32.72 -0.29
N SER A 590 6.47 32.39 0.92
CA SER A 590 7.23 32.71 2.12
C SER A 590 8.31 31.68 2.44
N GLY A 591 8.27 30.51 1.80
CA GLY A 591 9.27 29.50 2.02
C GLY A 591 9.10 28.78 3.34
N ILE A 592 9.94 27.76 3.54
CA ILE A 592 9.93 27.03 4.82
C ILE A 592 10.54 27.89 5.91
N LYS A 593 11.44 28.80 5.57
CA LYS A 593 12.05 29.67 6.56
C LYS A 593 11.04 30.61 7.21
N GLY A 594 9.83 30.74 6.65
CA GLY A 594 8.80 31.53 7.30
C GLY A 594 8.24 30.87 8.55
N LEU A 595 8.39 29.56 8.68
CA LEU A 595 7.96 28.85 9.88
C LEU A 595 8.90 29.05 11.06
N ILE A 596 10.09 29.61 10.82
CA ILE A 596 11.16 29.70 11.82
C ILE A 596 11.59 31.15 11.95
N LYS A 597 11.76 31.60 13.18
CA LYS A 597 12.44 32.88 13.42
C LYS A 597 13.91 32.71 13.09
N GLU A 598 14.37 33.37 12.03
CA GLU A 598 15.72 33.16 11.55
C GLU A 598 16.75 33.63 12.57
N TYR A 599 17.79 32.81 12.76
CA TYR A 599 18.90 33.16 13.65
C TYR A 599 19.99 33.81 12.79
N GLU A 600 20.14 35.12 12.95
CA GLU A 600 21.07 35.87 12.10
C GLU A 600 22.51 35.46 12.38
N ASN A 601 22.85 35.23 13.64
CA ASN A 601 24.24 34.95 14.02
C ASN A 601 24.54 33.45 14.03
N PHE A 602 24.24 32.78 12.93
CA PHE A 602 24.54 31.36 12.80
C PHE A 602 26.01 31.19 12.43
N ILE A 603 26.69 30.29 13.15
CA ILE A 603 28.14 30.12 13.04
C ILE A 603 28.42 28.93 12.14
N ILE A 604 29.23 29.15 11.11
CA ILE A 604 29.72 28.09 10.24
C ILE A 604 31.21 27.91 10.52
N PRO A 605 31.66 26.71 10.90
CA PRO A 605 33.06 26.55 11.29
C PRO A 605 34.02 26.85 10.14
N ASP A 606 35.18 27.39 10.50
CA ASP A 606 36.21 27.71 9.51
C ASP A 606 37.09 26.52 9.18
N MET A 607 37.45 25.71 10.19
CA MET A 607 38.17 24.45 10.01
C MET A 607 39.51 24.66 9.30
N ILE A 608 40.39 25.38 10.00
CA ILE A 608 41.75 25.57 9.49
C ILE A 608 42.50 24.24 9.54
N VAL A 609 43.22 23.94 8.47
CA VAL A 609 43.98 22.69 8.35
C VAL A 609 45.43 22.97 8.72
N PRO A 610 45.99 22.27 9.70
CA PRO A 610 47.39 22.52 10.06
C PRO A 610 48.36 22.08 8.97
N ASP A 611 49.52 22.71 8.97
CA ASP A 611 50.54 22.43 7.97
C ASP A 611 51.30 21.15 8.31
N ILE A 612 52.01 20.63 7.32
CA ILE A 612 52.75 19.38 7.44
C ILE A 612 54.12 19.63 8.07
N PRO A 613 54.57 18.81 9.01
CA PRO A 613 55.92 18.94 9.53
C PRO A 613 56.95 18.31 8.61
N LEU A 614 58.21 18.64 8.85
CA LEU A 614 59.32 18.10 8.09
C LEU A 614 60.00 16.96 8.85
N ASP A 615 59.23 15.88 9.05
CA ASP A 615 59.76 14.70 9.70
C ASP A 615 60.68 13.94 8.75
N ASN A 616 61.64 13.21 9.33
CA ASN A 616 62.66 12.55 8.52
C ASN A 616 63.01 11.20 9.13
N MET A 617 62.82 10.12 8.34
CA MET A 617 63.31 8.79 8.61
C MET A 617 63.56 8.16 7.24
N PRO A 618 64.74 7.58 7.02
CA PRO A 618 65.09 7.10 5.67
C PRO A 618 64.24 5.94 5.15
N ARG A 619 63.20 5.54 5.88
CA ARG A 619 62.34 4.45 5.44
C ARG A 619 61.68 4.80 4.12
N THR A 620 61.71 3.87 3.18
CA THR A 620 61.22 4.08 1.81
C THR A 620 61.83 5.34 1.24
N TYR A 621 61.01 6.40 1.09
CA TYR A 621 61.50 7.74 0.72
C TYR A 621 60.91 8.73 1.71
N ASP A 622 61.56 8.86 2.87
CA ASP A 622 61.15 9.75 3.95
C ASP A 622 59.66 9.58 4.27
N ASP A 623 59.24 8.30 4.39
CA ASP A 623 57.93 7.82 4.81
C ASP A 623 56.80 8.77 4.40
N ILE A 624 56.77 9.17 3.13
CA ILE A 624 55.74 10.09 2.67
C ILE A 624 54.38 9.42 2.65
N ASP A 625 54.32 8.16 2.22
CA ASP A 625 53.03 7.48 2.06
C ASP A 625 52.29 7.37 3.40
N LYS A 626 53.00 6.96 4.46
CA LYS A 626 52.37 6.86 5.76
C LYS A 626 52.04 8.24 6.32
N LYS A 627 52.95 9.20 6.15
CA LYS A 627 52.74 10.54 6.69
C LYS A 627 51.55 11.22 6.02
N LEU A 628 51.39 11.04 4.71
CA LEU A 628 50.27 11.65 4.02
C LEU A 628 48.97 10.87 4.22
N SER A 629 49.06 9.55 4.39
CA SER A 629 47.85 8.77 4.62
C SER A 629 47.18 9.15 5.92
N GLU A 630 47.97 9.38 6.99
CA GLU A 630 47.38 9.79 8.25
C GLU A 630 46.90 11.24 8.20
N ILE A 631 47.58 12.10 7.45
CA ILE A 631 47.09 13.46 7.27
C ILE A 631 45.79 13.47 6.48
N TYR A 632 45.72 12.64 5.43
CA TYR A 632 44.50 12.58 4.62
C TYR A 632 43.31 12.11 5.44
N THR A 633 43.49 11.08 6.27
CA THR A 633 42.39 10.60 7.10
C THR A 633 42.11 11.54 8.27
N LYS A 634 43.09 12.33 8.69
CA LYS A 634 42.83 13.33 9.72
C LYS A 634 42.06 14.51 9.17
N ASN A 635 42.40 14.95 7.96
CA ASN A 635 41.63 16.00 7.31
C ASN A 635 40.21 15.55 7.03
N LYS A 636 40.05 14.29 6.59
CA LYS A 636 38.71 13.76 6.35
C LYS A 636 37.91 13.70 7.65
N PHE A 637 38.55 13.28 8.75
CA PHE A 637 37.88 13.30 10.04
C PHE A 637 37.61 14.72 10.50
N LEU A 638 38.55 15.64 10.29
CA LEU A 638 38.37 17.02 10.74
C LEU A 638 37.19 17.67 10.04
N PHE A 639 37.02 17.42 8.74
CA PHE A 639 35.85 17.92 8.04
C PHE A 639 34.58 17.19 8.45
N LEU A 640 34.69 15.99 9.01
CA LEU A 640 33.52 15.29 9.52
C LEU A 640 33.06 15.88 10.84
N LYS A 641 34.00 16.29 11.70
CA LYS A 641 33.62 16.98 12.93
C LYS A 641 32.93 18.29 12.62
N GLY A 642 33.39 19.00 11.59
CA GLY A 642 32.72 20.23 11.19
C GLY A 642 31.28 19.99 10.77
N TYR A 643 31.04 18.90 10.04
CA TYR A 643 29.66 18.51 9.74
C TYR A 643 28.91 18.13 11.01
N TYR A 644 29.58 17.44 11.93
CA TYR A 644 28.94 17.08 13.19
C TYR A 644 28.74 18.29 14.08
N PHE A 645 29.68 19.24 14.03
CA PHE A 645 29.51 20.49 14.76
C PHE A 645 28.32 21.29 14.21
N ILE A 646 28.11 21.22 12.90
CA ILE A 646 27.06 22.03 12.29
C ILE A 646 25.70 21.33 12.38
N VAL A 647 25.68 20.00 12.52
CA VAL A 647 24.43 19.30 12.79
C VAL A 647 23.96 19.57 14.20
N GLN A 648 24.89 19.56 15.17
CA GLN A 648 24.55 19.93 16.54
C GLN A 648 24.03 21.36 16.61
N GLU A 649 24.66 22.28 15.89
CA GLU A 649 24.22 23.67 15.91
C GLU A 649 22.83 23.81 15.30
N TRP A 650 22.56 23.09 14.21
CA TRP A 650 21.22 23.13 13.63
C TRP A 650 20.18 22.51 14.55
N TRP A 651 20.57 21.50 15.32
CA TRP A 651 19.63 20.86 16.24
C TRP A 651 19.19 21.82 17.33
N THR A 652 20.13 22.55 17.93
CA THR A 652 19.81 23.44 19.03
C THR A 652 19.31 24.80 18.59
N THR A 653 19.43 25.14 17.31
CA THR A 653 19.02 26.45 16.82
C THR A 653 17.79 26.39 15.92
N TYR A 654 17.68 25.40 15.04
CA TYR A 654 16.59 25.33 14.09
C TYR A 654 15.65 24.17 14.33
N TYR A 655 16.13 23.02 14.82
CA TYR A 655 15.21 21.94 15.12
C TYR A 655 14.43 22.18 16.40
N ILE A 656 14.97 22.99 17.33
CA ILE A 656 14.21 23.31 18.53
C ILE A 656 12.96 24.10 18.18
N GLN A 657 13.04 24.95 17.15
CA GLN A 657 11.88 25.70 16.69
C GLN A 657 10.91 24.86 15.90
N PHE A 658 11.26 23.63 15.57
CA PHE A 658 10.35 22.71 14.89
C PHE A 658 9.74 21.68 15.82
N ILE A 659 10.49 21.19 16.80
CA ILE A 659 9.89 20.38 17.85
C ILE A 659 8.95 21.23 18.70
N GLU A 660 9.24 22.52 18.82
CA GLU A 660 8.32 23.42 19.50
C GLU A 660 6.99 23.51 18.76
N LEU A 661 7.04 23.55 17.43
CA LEU A 661 5.80 23.49 16.65
C LEU A 661 5.07 22.18 16.87
N LYS A 662 5.75 21.04 16.81
CA LYS A 662 5.08 19.72 16.93
C LYS A 662 4.32 19.67 18.26
N TYR A 663 4.81 20.30 19.32
CA TYR A 663 4.18 20.31 20.65
C TYR A 663 3.03 21.27 20.65
N LEU A 664 3.21 22.44 20.08
CA LEU A 664 2.14 23.45 20.04
C LEU A 664 1.02 22.81 19.23
N CYS A 665 1.32 22.06 18.17
CA CYS A 665 0.29 21.34 17.39
C CYS A 665 -0.40 20.29 18.22
N SER A 666 0.33 19.40 18.90
CA SER A 666 -0.32 18.41 19.81
C SER A 666 -1.39 19.09 20.66
N GLY A 667 -1.04 20.20 21.32
CA GLY A 667 -1.93 20.92 22.20
C GLY A 667 -3.14 21.47 21.52
N ALA A 668 -2.98 22.02 20.34
CA ALA A 668 -4.14 22.52 19.58
C ALA A 668 -5.05 21.39 19.20
N ILE A 669 -4.57 20.29 18.65
CA ILE A 669 -5.45 19.13 18.38
C ILE A 669 -6.08 18.66 19.70
N ASN A 670 -5.33 18.48 20.78
CA ASN A 670 -5.87 18.03 22.09
C ASN A 670 -6.95 19.02 22.54
N LYS A 671 -6.73 20.32 22.32
CA LYS A 671 -7.66 21.36 22.79
C LYS A 671 -8.92 21.26 21.94
N GLN A 672 -8.76 21.08 20.65
CA GLN A 672 -9.93 20.89 19.75
C GLN A 672 -10.68 19.61 20.15
N GLN A 673 -9.96 18.58 20.58
CA GLN A 673 -10.63 17.31 20.87
C GLN A 673 -11.45 17.40 22.15
N GLN A 674 -10.89 18.01 23.19
CA GLN A 674 -11.64 18.20 24.43
C GLN A 674 -12.77 19.20 24.27
N LEU A 675 -12.71 20.06 23.25
CA LEU A 675 -13.85 20.90 22.92
C LEU A 675 -15.03 20.07 22.44
N LEU A 676 -14.77 19.05 21.61
CA LEU A 676 -15.84 18.17 21.15
C LEU A 676 -16.32 17.24 22.24
N ILE A 677 -15.51 16.99 23.26
CA ILE A 677 -15.92 16.18 24.39
C ILE A 677 -16.69 17.01 25.42
N THR A 678 -16.29 18.27 25.61
CA THR A 678 -17.05 19.16 26.49
C THR A 678 -18.36 19.62 25.87
N VAL A 679 -18.57 19.37 24.57
CA VAL A 679 -19.86 19.65 23.96
C VAL A 679 -20.76 18.42 23.94
N LEU A 680 -20.20 17.22 24.08
CA LEU A 680 -20.99 16.01 24.22
C LEU A 680 -21.39 15.78 25.68
N GLU A 681 -20.47 16.05 26.61
CA GLU A 681 -20.80 15.95 28.02
C GLU A 681 -21.89 16.94 28.41
N LYS A 682 -21.94 18.08 27.73
CA LYS A 682 -23.04 19.02 27.97
C LYS A 682 -24.37 18.45 27.48
N GLN A 683 -24.35 17.58 26.47
CA GLN A 683 -25.59 16.94 26.04
C GLN A 683 -26.05 15.91 27.07
N LEU A 684 -25.14 15.13 27.64
CA LEU A 684 -25.54 14.23 28.70
C LEU A 684 -25.57 15.01 30.02
N PHE A 685 -26.16 16.20 29.96
CA PHE A 685 -26.59 16.96 31.12
C PHE A 685 -27.96 17.59 30.92
N TYR A 686 -28.37 17.82 29.68
CA TYR A 686 -29.77 18.14 29.42
C TYR A 686 -30.63 16.90 29.54
N PHE A 687 -30.08 15.74 29.20
CA PHE A 687 -30.81 14.48 29.34
C PHE A 687 -31.02 14.12 30.81
N THR A 688 -29.94 14.18 31.60
CA THR A 688 -30.01 13.74 32.99
C THR A 688 -30.89 14.67 33.82
N ASN A 689 -30.49 15.91 33.80
CA ASN A 689 -31.21 16.88 34.62
C ASN A 689 -32.66 16.93 34.19
N ASN A 690 -32.92 17.21 32.92
CA ASN A 690 -34.32 17.42 32.46
C ASN A 690 -35.15 16.15 32.68
N GLY A 691 -34.59 14.97 32.53
CA GLY A 691 -35.47 13.80 32.65
C GLY A 691 -35.93 13.26 31.32
N LEU A 692 -35.33 13.73 30.25
CA LEU A 692 -35.77 13.31 28.91
C LEU A 692 -35.74 11.78 28.67
N PHE A 693 -34.73 11.00 29.08
CA PHE A 693 -34.63 9.57 28.66
C PHE A 693 -34.63 8.56 29.84
N PRO A 694 -35.31 7.38 29.80
CA PRO A 694 -35.42 6.45 30.92
C PRO A 694 -34.07 5.96 31.42
N PHE A 695 -34.08 5.16 32.49
CA PHE A 695 -32.84 4.72 33.11
C PHE A 695 -32.03 3.84 32.17
N ASP A 696 -32.69 2.87 31.54
CA ASP A 696 -31.97 1.95 30.66
C ASP A 696 -31.37 2.67 29.46
N ALA A 697 -32.13 3.58 28.85
CA ALA A 697 -31.61 4.32 27.71
C ALA A 697 -30.50 5.28 28.14
N MET A 698 -30.64 5.87 29.32
CA MET A 698 -29.63 6.83 29.79
C MET A 698 -28.29 6.15 30.03
N GLU A 699 -28.29 4.94 30.60
CA GLU A 699 -27.05 4.23 30.85
C GLU A 699 -26.30 3.90 29.57
N ARG A 700 -27.01 3.73 28.45
CA ARG A 700 -26.35 3.46 27.19
C ARG A 700 -25.58 4.67 26.68
N MET A 701 -26.21 5.85 26.75
CA MET A 701 -25.55 7.07 26.26
C MET A 701 -24.29 7.38 27.07
N ILE A 702 -24.38 7.26 28.39
CA ILE A 702 -23.20 7.49 29.23
C ILE A 702 -22.12 6.45 28.92
N ASN A 703 -22.52 5.19 28.76
CA ASN A 703 -21.56 4.15 28.43
C ASN A 703 -20.97 4.37 27.04
N GLU A 704 -21.78 4.86 26.11
CA GLU A 704 -21.28 5.06 24.75
C GLU A 704 -20.38 6.29 24.66
N PHE A 705 -20.72 7.36 25.39
CA PHE A 705 -19.87 8.55 25.39
C PHE A 705 -18.51 8.25 26.01
N ASN A 706 -18.48 7.43 27.06
CA ASN A 706 -17.22 7.05 27.68
C ASN A 706 -16.35 6.27 26.70
N ARG A 707 -16.96 5.38 25.92
CA ARG A 707 -16.21 4.61 24.94
C ARG A 707 -15.81 5.46 23.73
N SER A 708 -16.49 6.57 23.48
CA SER A 708 -16.17 7.42 22.34
C SER A 708 -14.92 8.25 22.56
N ILE A 709 -14.52 8.44 23.82
CA ILE A 709 -13.33 9.24 24.11
C ILE A 709 -12.09 8.59 23.51
N ASP A 710 -11.98 7.26 23.62
CA ASP A 710 -10.86 6.55 23.02
C ASP A 710 -10.95 6.48 21.50
N ILE A 711 -12.08 6.84 20.92
CA ILE A 711 -12.20 6.89 19.46
C ILE A 711 -11.75 8.22 18.91
N PHE A 712 -12.08 9.32 19.60
CA PHE A 712 -11.60 10.63 19.18
C PHE A 712 -10.08 10.70 19.26
N SER A 713 -9.50 10.14 20.31
CA SER A 713 -8.05 10.15 20.48
C SER A 713 -7.32 9.21 19.53
N ARG A 714 -8.04 8.32 18.84
CA ARG A 714 -7.40 7.48 17.84
C ARG A 714 -7.03 8.28 16.61
N ILE A 715 -7.94 9.14 16.14
CA ILE A 715 -7.67 9.94 14.95
C ILE A 715 -6.99 11.26 15.27
N SER A 716 -7.07 11.73 16.51
CA SER A 716 -6.26 12.87 16.91
C SER A 716 -4.78 12.51 16.87
N GLN A 717 -4.43 11.29 17.29
CA GLN A 717 -3.06 10.84 17.19
C GLN A 717 -2.67 10.59 15.74
N GLN A 718 -3.60 10.16 14.91
CA GLN A 718 -3.30 9.97 13.49
C GLN A 718 -2.99 11.30 12.82
N ALA A 719 -3.72 12.36 13.18
CA ALA A 719 -3.41 13.68 12.64
C ALA A 719 -2.04 14.15 13.10
N LEU A 720 -1.69 13.89 14.36
CA LEU A 720 -0.38 14.29 14.86
C LEU A 720 0.74 13.47 14.25
N ASN A 721 0.45 12.24 13.82
CA ASN A 721 1.45 11.47 13.07
C ASN A 721 1.72 12.11 11.72
N ASN A 722 0.69 12.67 11.08
CA ASN A 722 0.89 13.40 9.84
C ASN A 722 1.73 14.65 10.06
N VAL A 723 1.51 15.35 11.18
CA VAL A 723 2.30 16.53 11.48
C VAL A 723 3.75 16.15 11.79
N ASP A 724 3.96 15.02 12.45
CA ASP A 724 5.31 14.59 12.79
C ASP A 724 6.16 14.40 11.54
N ILE A 725 5.59 13.78 10.51
CA ILE A 725 6.34 13.60 9.27
C ILE A 725 6.52 14.92 8.55
N PHE A 726 5.48 15.76 8.50
CA PHE A 726 5.57 17.02 7.79
C PHE A 726 6.60 17.95 8.42
N ILE A 727 6.60 18.04 9.76
CA ILE A 727 7.55 18.91 10.44
C ILE A 727 8.97 18.39 10.26
N ASN A 728 9.15 17.08 10.25
CA ASN A 728 10.47 16.51 10.03
C ASN A 728 11.01 16.89 8.66
N GLU A 729 10.16 16.89 7.63
CA GLU A 729 10.59 17.30 6.30
C GLU A 729 10.95 18.78 6.28
N CYS A 730 10.17 19.61 6.99
CA CYS A 730 10.50 21.03 7.07
C CYS A 730 11.83 21.26 7.79
N ALA A 731 12.05 20.52 8.88
CA ALA A 731 13.30 20.69 9.62
C ALA A 731 14.51 20.28 8.80
N LEU A 732 14.40 19.16 8.07
CA LEU A 732 15.50 18.72 7.22
C LEU A 732 15.74 19.67 6.07
N PHE A 733 14.68 20.29 5.55
CA PHE A 733 14.83 21.25 4.46
C PHE A 733 15.65 22.45 4.90
N ILE A 734 15.42 22.94 6.12
CA ILE A 734 16.19 24.08 6.62
C ILE A 734 17.67 23.71 6.71
N PHE A 735 17.97 22.49 7.12
CA PHE A 735 19.35 22.04 7.08
C PHE A 735 19.85 21.88 5.65
N ASN A 736 18.96 21.54 4.72
CA ASN A 736 19.39 21.14 3.39
C ASN A 736 19.93 22.32 2.59
N ASN A 737 19.22 23.45 2.58
CA ASN A 737 19.60 24.57 1.72
C ASN A 737 19.71 25.89 2.48
N GLU A 738 19.90 25.83 3.79
CA GLU A 738 20.16 27.04 4.59
C GLU A 738 21.34 26.89 5.53
N VAL A 739 21.72 25.67 5.91
CA VAL A 739 22.82 25.41 6.81
C VAL A 739 23.92 24.60 6.13
N TYR A 740 23.53 23.53 5.42
CA TYR A 740 24.51 22.69 4.74
C TYR A 740 25.28 23.41 3.63
N PRO A 741 24.65 24.13 2.70
CA PRO A 741 25.43 24.74 1.61
C PRO A 741 26.49 25.72 2.09
N LEU A 742 26.21 26.47 3.15
CA LEU A 742 27.23 27.37 3.69
C LEU A 742 28.38 26.60 4.31
N PHE A 743 28.13 25.37 4.76
CA PHE A 743 29.20 24.53 5.29
C PHE A 743 30.08 23.98 4.17
N LEU A 744 29.47 23.64 3.02
CA LEU A 744 30.25 23.11 1.92
C LEU A 744 31.15 24.17 1.30
N ASN A 745 30.71 25.43 1.30
CA ASN A 745 31.54 26.50 0.77
C ASN A 745 32.83 26.65 1.56
N ASN A 746 32.75 26.53 2.88
CA ASN A 746 33.95 26.59 3.70
C ASN A 746 34.86 25.39 3.43
N VAL A 747 34.27 24.22 3.18
CA VAL A 747 35.08 23.05 2.84
C VAL A 747 35.74 23.25 1.49
N GLU A 748 35.06 23.92 0.55
CA GLU A 748 35.67 24.22 -0.74
C GLU A 748 36.95 25.04 -0.57
N ASN A 749 36.90 26.07 0.26
CA ASN A 749 38.07 26.92 0.45
C ASN A 749 39.12 26.23 1.31
N ASN A 750 38.72 25.28 2.15
CA ASN A 750 39.66 24.59 3.03
C ASN A 750 40.30 23.40 2.34
N ILE A 751 39.56 22.70 1.48
CA ILE A 751 40.16 21.60 0.72
C ILE A 751 41.26 22.13 -0.19
N ASN A 752 41.00 23.26 -0.86
CA ASN A 752 42.02 23.84 -1.73
C ASN A 752 43.27 24.22 -0.97
N LYS A 753 43.14 24.56 0.32
CA LYS A 753 44.32 24.77 1.15
C LYS A 753 45.04 23.46 1.41
N ALA A 754 44.31 22.41 1.79
CA ALA A 754 44.92 21.10 1.97
C ALA A 754 45.40 20.54 0.63
N ASN A 755 44.66 20.81 -0.45
CA ASN A 755 45.11 20.41 -1.78
C ASN A 755 46.41 21.12 -2.15
N ASP A 756 46.52 22.40 -1.82
CA ASP A 756 47.75 23.15 -2.09
C ASP A 756 48.86 22.78 -1.13
N ASN A 757 48.51 22.48 0.13
CA ASN A 757 49.55 22.19 1.13
C ASN A 757 50.27 20.88 0.81
N VAL A 758 49.54 19.86 0.37
CA VAL A 758 50.17 18.56 0.09
C VAL A 758 51.12 18.69 -1.10
N LEU A 759 50.71 19.39 -2.15
CA LEU A 759 51.57 19.56 -3.32
C LEU A 759 52.83 20.33 -2.96
N ASN A 760 52.72 21.31 -2.06
CA ASN A 760 53.89 22.07 -1.65
C ASN A 760 54.89 21.19 -0.91
N TYR A 761 54.39 20.27 -0.08
CA TYR A 761 55.29 19.41 0.71
C TYR A 761 55.89 18.29 -0.14
N ILE A 762 55.15 17.77 -1.10
CA ILE A 762 55.65 16.68 -1.95
C ILE A 762 56.89 17.13 -2.71
N ASN A 763 56.97 18.40 -3.09
CA ASN A 763 58.15 18.93 -3.76
C ASN A 763 59.40 18.63 -2.95
N LYS A 764 60.29 17.85 -3.53
CA LYS A 764 61.51 17.43 -2.87
C LYS A 764 62.77 17.59 -3.71
N ALA A 765 62.65 17.74 -5.03
CA ALA A 765 63.79 17.74 -5.94
C ALA A 765 64.60 16.44 -5.80
N THR A 766 63.89 15.33 -5.63
CA THR A 766 64.50 14.02 -5.47
C THR A 766 64.43 13.17 -6.73
N SER A 767 63.76 13.64 -7.77
CA SER A 767 63.67 12.95 -9.07
C SER A 767 63.02 11.57 -8.93
N LEU A 768 61.78 11.58 -8.43
CA LEU A 768 60.93 10.39 -8.36
C LEU A 768 59.58 10.70 -8.99
N THR A 769 59.62 11.31 -10.17
CA THR A 769 58.43 11.93 -10.76
C THR A 769 57.33 10.92 -11.10
N GLU A 770 57.66 9.62 -11.16
CA GLU A 770 56.64 8.64 -11.47
C GLU A 770 55.66 8.45 -10.30
N GLU A 771 56.18 8.41 -9.08
CA GLU A 771 55.33 8.15 -7.93
C GLU A 771 54.49 9.37 -7.56
N GLN A 772 55.09 10.56 -7.62
CA GLN A 772 54.38 11.77 -7.19
C GLN A 772 53.20 12.07 -8.11
N ILE A 773 53.44 12.06 -9.42
CA ILE A 773 52.38 12.42 -10.37
C ILE A 773 51.27 11.38 -10.34
N LYS A 774 51.62 10.09 -10.29
CA LYS A 774 50.63 9.05 -10.49
C LYS A 774 49.88 8.70 -9.20
N GLU A 775 50.62 8.45 -8.11
CA GLU A 775 50.02 7.86 -6.92
C GLU A 775 49.80 8.89 -5.82
N LEU A 776 50.83 9.60 -5.39
CA LEU A 776 50.73 10.43 -4.19
C LEU A 776 49.74 11.58 -4.37
N THR A 777 49.72 12.19 -5.55
CA THR A 777 48.94 13.41 -5.75
C THR A 777 47.46 13.15 -6.03
N VAL A 778 47.02 11.90 -6.13
CA VAL A 778 45.61 11.64 -6.37
C VAL A 778 45.05 10.71 -5.30
N LYS A 779 45.93 9.89 -4.70
CA LYS A 779 45.48 8.95 -3.68
C LYS A 779 45.23 9.65 -2.35
N TYR A 780 46.08 10.61 -1.99
CA TYR A 780 46.01 11.30 -0.71
C TYR A 780 45.67 12.79 -0.90
N THR A 781 44.76 13.06 -1.83
CA THR A 781 44.38 14.43 -2.16
C THR A 781 42.88 14.46 -2.49
N PHE A 782 42.20 15.48 -1.99
CA PHE A 782 40.76 15.61 -2.21
C PHE A 782 40.49 16.06 -3.63
N SER A 783 39.74 15.26 -4.38
CA SER A 783 39.40 15.62 -5.75
C SER A 783 38.40 16.77 -5.78
N SER A 784 37.35 16.69 -4.98
CA SER A 784 36.31 17.72 -4.92
C SER A 784 35.56 17.56 -3.62
N ILE A 785 34.47 18.31 -3.46
CA ILE A 785 33.67 18.21 -2.25
C ILE A 785 32.83 16.95 -2.23
N ALA A 786 32.70 16.26 -3.38
CA ALA A 786 32.06 14.95 -3.38
C ALA A 786 32.85 13.95 -2.55
N GLU A 787 34.13 14.21 -2.30
CA GLU A 787 34.91 13.37 -1.41
C GLU A 787 34.35 13.39 0.00
N VAL A 788 33.94 14.55 0.48
CA VAL A 788 33.48 14.74 1.86
C VAL A 788 32.16 15.51 1.82
N GLU A 789 31.04 14.77 1.88
CA GLU A 789 29.73 15.39 1.96
C GLU A 789 28.97 14.96 3.21
N PHE A 790 28.98 13.67 3.56
CA PHE A 790 28.49 13.13 4.82
C PHE A 790 27.00 13.33 5.04
N PHE A 791 26.27 13.87 4.07
CA PHE A 791 24.85 14.17 4.24
C PHE A 791 23.99 13.04 3.69
N ASN A 792 23.01 12.60 4.48
CA ASN A 792 22.03 11.64 4.03
C ASN A 792 20.74 11.87 4.80
N GLU A 793 19.61 11.89 4.08
CA GLU A 793 18.33 12.08 4.73
C GLU A 793 17.95 10.89 5.61
N SER A 794 18.56 9.73 5.40
CA SER A 794 18.26 8.57 6.21
C SER A 794 18.79 8.69 7.64
N TYR A 795 19.65 9.67 7.92
CA TYR A 795 20.12 9.89 9.26
C TYR A 795 19.28 10.92 10.02
N PHE A 796 18.91 12.01 9.35
CA PHE A 796 18.06 13.01 10.00
C PHE A 796 16.66 12.45 10.27
N LYS A 797 16.20 11.52 9.45
CA LYS A 797 14.93 10.86 9.75
C LYS A 797 15.02 10.05 11.02
N LYS A 798 16.14 9.37 11.24
CA LYS A 798 16.27 8.49 12.41
C LYS A 798 16.21 9.29 13.72
N ILE A 799 16.85 10.45 13.76
CA ILE A 799 16.89 11.21 15.01
C ILE A 799 15.58 11.97 15.24
N THR A 800 14.86 12.33 14.19
CA THR A 800 13.67 13.17 14.33
C THR A 800 12.36 12.41 14.14
N ASN A 801 12.41 11.08 14.07
CA ASN A 801 11.21 10.28 13.88
C ASN A 801 10.64 9.84 15.22
N MET A 802 9.38 10.17 15.46
CA MET A 802 8.66 9.76 16.66
C MET A 802 9.41 10.18 17.93
N ASP A 803 10.01 11.36 17.89
CA ASP A 803 10.71 11.86 19.07
C ASP A 803 9.74 12.16 20.20
N ILE A 804 8.55 12.66 19.87
CA ILE A 804 7.45 12.79 20.83
C ILE A 804 6.28 12.03 20.23
N LYS A 805 6.15 10.76 20.59
CA LYS A 805 5.19 9.86 19.99
C LYS A 805 4.15 9.41 21.01
N ASN A 806 2.98 9.03 20.50
CA ASN A 806 1.88 8.53 21.33
C ASN A 806 1.53 9.50 22.44
N ILE A 807 1.52 10.79 22.13
CA ILE A 807 1.12 11.79 23.11
C ILE A 807 -0.34 11.59 23.51
N LEU A 808 -1.20 11.32 22.54
CA LEU A 808 -2.62 11.12 22.83
C LEU A 808 -2.87 9.72 23.38
N THR A 809 -2.62 8.69 22.58
CA THR A 809 -2.86 7.32 22.98
C THR A 809 -1.82 6.41 22.34
N ASN A 810 -1.63 5.23 22.94
CA ASN A 810 -0.77 4.20 22.39
C ASN A 810 -1.52 3.19 21.55
N ILE A 811 -2.83 3.39 21.34
CA ILE A 811 -3.65 2.47 20.57
C ILE A 811 -3.62 2.88 19.11
N LYS A 812 -3.34 1.91 18.23
CA LYS A 812 -3.15 2.16 16.81
C LYS A 812 -3.93 1.17 15.97
N ASN A 813 -3.65 1.16 14.66
CA ASN A 813 -4.20 0.14 13.76
C ASN A 813 -3.38 -1.13 13.96
N ILE A 814 -3.87 -2.00 14.85
CA ILE A 814 -3.19 -3.23 15.21
C ILE A 814 -4.16 -4.40 15.08
N ASN A 815 -3.60 -5.60 15.13
CA ASN A 815 -4.40 -6.82 15.20
C ASN A 815 -4.61 -7.14 16.68
N ASN A 816 -5.87 -7.13 17.12
CA ASN A 816 -6.20 -7.51 18.48
C ASN A 816 -6.48 -8.99 18.64
N LEU A 817 -6.36 -9.77 17.56
CA LEU A 817 -6.48 -11.22 17.62
C LEU A 817 -5.97 -11.85 16.33
N ILE A 818 -5.08 -12.84 16.44
CA ILE A 818 -4.61 -13.60 15.30
C ILE A 818 -5.01 -15.08 15.40
N LEU A 819 -5.04 -15.63 16.61
CA LEU A 819 -5.54 -16.97 16.86
C LEU A 819 -4.76 -18.02 16.06
N SER A 820 -3.48 -18.15 16.39
CA SER A 820 -2.66 -19.21 15.84
C SER A 820 -2.96 -20.52 16.59
N GLY A 821 -2.14 -21.54 16.32
CA GLY A 821 -2.33 -22.81 16.99
C GLY A 821 -1.11 -23.69 16.82
N SER A 822 -1.02 -24.68 17.70
CA SER A 822 0.07 -25.65 17.66
C SER A 822 -0.44 -26.98 18.19
N GLN A 823 0.24 -28.05 17.79
CA GLN A 823 -0.11 -29.40 18.20
C GLN A 823 1.13 -30.13 18.67
N ILE A 824 1.01 -30.84 19.79
CA ILE A 824 2.07 -31.68 20.32
C ILE A 824 1.48 -33.04 20.63
N ASN A 825 2.14 -34.10 20.16
CA ASN A 825 1.64 -35.46 20.29
C ASN A 825 0.21 -35.57 19.77
N ASP A 826 -0.75 -35.74 20.68
CA ASP A 826 -2.17 -35.76 20.33
C ASP A 826 -2.93 -34.60 20.95
N ASP A 827 -2.26 -33.70 21.67
CA ASP A 827 -2.88 -32.54 22.27
C ASP A 827 -2.57 -31.30 21.45
N ILE A 828 -3.47 -30.32 21.52
CA ILE A 828 -3.32 -29.07 20.78
C ILE A 828 -3.30 -27.91 21.76
N THR A 829 -2.95 -26.74 21.25
CA THR A 829 -3.07 -25.49 21.98
C THR A 829 -3.48 -24.39 21.00
N ILE A 830 -4.23 -23.42 21.51
CA ILE A 830 -4.68 -22.29 20.73
C ILE A 830 -4.39 -21.02 21.54
N PHE A 831 -3.68 -20.07 20.93
CA PHE A 831 -3.24 -18.89 21.64
C PHE A 831 -3.38 -17.67 20.74
N ASP A 832 -3.27 -16.49 21.35
CA ASP A 832 -3.30 -15.24 20.62
C ASP A 832 -1.88 -14.87 20.23
N GLU A 833 -1.61 -14.85 18.92
CA GLU A 833 -0.29 -14.54 18.40
C GLU A 833 -0.05 -13.04 18.26
N SER A 834 -1.10 -12.22 18.37
CA SER A 834 -1.04 -10.77 18.12
C SER A 834 -0.38 -9.99 19.24
N GLY A 835 0.22 -10.59 20.26
CA GLY A 835 0.83 -9.84 21.33
C GLY A 835 -0.11 -9.37 22.41
N ASN A 836 -1.42 -9.48 22.18
CA ASN A 836 -2.39 -9.14 23.21
C ASN A 836 -2.52 -10.22 24.27
N ASN A 837 -2.07 -11.44 23.97
CA ASN A 837 -2.05 -12.55 24.94
C ASN A 837 -3.45 -12.81 25.50
N LEU A 838 -4.43 -12.91 24.61
CA LEU A 838 -5.79 -13.21 25.02
C LEU A 838 -5.88 -14.64 25.55
N ASN A 839 -6.80 -14.85 26.48
CA ASN A 839 -6.99 -16.16 27.11
C ASN A 839 -8.01 -16.96 26.31
N ILE A 840 -7.53 -17.61 25.26
CA ILE A 840 -8.39 -18.40 24.40
C ILE A 840 -8.76 -19.69 25.12
N LYS A 841 -10.05 -20.01 25.13
CA LYS A 841 -10.57 -21.23 25.73
C LYS A 841 -11.12 -22.14 24.65
N PHE A 842 -10.89 -23.45 24.80
CA PHE A 842 -11.29 -24.41 23.78
C PHE A 842 -11.36 -25.78 24.42
N ASP A 843 -11.98 -26.71 23.71
CA ASP A 843 -11.88 -28.07 24.20
C ASP A 843 -10.73 -28.80 23.51
N PRO A 844 -10.07 -29.73 24.20
CA PRO A 844 -8.87 -30.36 23.63
C PRO A 844 -9.16 -31.41 22.57
N SER A 845 -10.42 -31.65 22.22
CA SER A 845 -10.75 -32.60 21.16
C SER A 845 -10.62 -32.01 19.77
N ILE A 846 -10.37 -30.70 19.67
CA ILE A 846 -10.20 -30.08 18.36
C ILE A 846 -8.88 -30.53 17.75
N ARG A 847 -8.91 -30.88 16.48
CA ARG A 847 -7.72 -31.29 15.75
C ARG A 847 -7.19 -30.14 14.91
N ILE A 848 -5.87 -30.09 14.76
CA ILE A 848 -5.21 -29.09 13.93
C ILE A 848 -4.55 -29.83 12.76
N VAL A 849 -4.90 -29.42 11.55
CA VAL A 849 -4.39 -30.04 10.34
C VAL A 849 -3.87 -28.96 9.41
N ASP A 850 -3.02 -29.36 8.46
CA ASP A 850 -2.47 -28.43 7.50
C ASP A 850 -3.57 -27.86 6.61
N GLY A 851 -3.46 -26.59 6.29
CA GLY A 851 -4.45 -25.89 5.49
C GLY A 851 -3.80 -25.05 4.41
N HIS A 852 -4.30 -23.84 4.26
CA HIS A 852 -3.80 -22.88 3.26
C HIS A 852 -2.60 -22.16 3.87
N THR A 853 -1.40 -22.66 3.57
CA THR A 853 -0.10 -22.11 3.97
C THR A 853 -0.02 -21.83 5.48
N ASN A 854 -0.91 -22.44 6.27
CA ASN A 854 -0.92 -22.27 7.71
C ASN A 854 -1.42 -23.57 8.34
N VAL A 855 -1.83 -23.48 9.60
CA VAL A 855 -2.47 -24.58 10.31
C VAL A 855 -3.93 -24.23 10.55
N ALA A 856 -4.82 -25.17 10.26
CA ALA A 856 -6.25 -24.96 10.35
C ALA A 856 -6.85 -25.83 11.44
N PHE A 857 -7.84 -25.28 12.15
CA PHE A 857 -8.53 -26.01 13.20
C PHE A 857 -9.74 -26.72 12.61
N LYS A 858 -9.88 -28.01 12.93
CA LYS A 858 -10.96 -28.83 12.40
C LYS A 858 -12.10 -28.84 13.42
N LEU A 859 -13.11 -28.01 13.18
CA LEU A 859 -14.33 -27.99 14.00
C LEU A 859 -15.28 -29.02 13.42
N ASP A 860 -15.24 -30.23 13.98
CA ASP A 860 -16.00 -31.36 13.43
C ASP A 860 -17.32 -31.54 14.17
N LYS A 861 -17.27 -31.74 15.48
CA LYS A 861 -18.49 -31.99 16.24
C LYS A 861 -19.16 -30.68 16.62
N SER A 862 -20.42 -30.79 17.09
CA SER A 862 -21.14 -29.62 17.55
C SER A 862 -20.63 -29.13 18.89
N SER A 863 -20.12 -30.04 19.73
CA SER A 863 -19.61 -29.66 21.04
C SER A 863 -18.25 -28.97 20.97
N GLN A 864 -17.50 -29.17 19.89
CA GLN A 864 -16.20 -28.52 19.75
C GLN A 864 -16.38 -27.02 19.56
N TYR A 865 -15.58 -26.24 20.27
CA TYR A 865 -15.74 -24.79 20.25
C TYR A 865 -14.40 -24.12 20.52
N ILE A 866 -14.21 -22.94 19.93
CA ILE A 866 -13.10 -22.05 20.24
C ILE A 866 -13.69 -20.77 20.80
N ASN A 867 -13.27 -20.41 22.01
CA ASN A 867 -13.90 -19.35 22.79
C ASN A 867 -12.88 -18.23 23.00
N ILE A 868 -13.11 -17.09 22.36
CA ILE A 868 -12.19 -15.96 22.37
C ILE A 868 -12.78 -14.85 23.22
N PRO A 869 -12.14 -14.42 24.29
CA PRO A 869 -12.69 -13.33 25.11
C PRO A 869 -12.62 -11.99 24.38
N THR A 870 -13.53 -11.10 24.76
CA THR A 870 -13.62 -9.77 24.19
C THR A 870 -13.47 -8.71 25.28
N GLU A 871 -12.48 -8.90 26.17
CA GLU A 871 -12.29 -7.96 27.27
C GLU A 871 -11.67 -6.65 26.81
N ASN A 872 -10.99 -6.64 25.65
CA ASN A 872 -10.43 -5.42 25.11
C ASN A 872 -10.86 -5.18 23.67
N ILE A 873 -11.83 -5.95 23.16
CA ILE A 873 -12.33 -5.79 21.80
C ILE A 873 -13.67 -5.07 21.93
N ASN A 874 -13.63 -3.75 21.87
CA ASN A 874 -14.85 -2.97 21.91
C ASN A 874 -15.58 -2.99 20.57
N PHE A 875 -16.91 -2.89 20.63
CA PHE A 875 -17.77 -2.99 19.45
C PHE A 875 -18.76 -1.84 19.38
N SER A 876 -18.37 -0.68 19.90
CA SER A 876 -19.27 0.48 19.90
C SER A 876 -19.51 0.95 18.47
N PHE A 877 -20.59 1.73 18.29
CA PHE A 877 -20.95 2.19 16.96
C PHE A 877 -19.94 3.16 16.37
N MET A 878 -19.01 3.68 17.17
CA MET A 878 -17.92 4.49 16.67
C MET A 878 -16.67 3.67 16.34
N GLU A 879 -16.66 2.39 16.70
CA GLU A 879 -15.48 1.55 16.55
C GLU A 879 -15.64 0.62 15.36
N SER A 880 -14.75 0.75 14.39
CA SER A 880 -14.73 -0.10 13.21
C SER A 880 -13.80 -1.28 13.42
N PHE A 881 -14.15 -2.41 12.81
CA PHE A 881 -13.37 -3.63 12.97
C PHE A 881 -13.52 -4.48 11.73
N SER A 882 -12.59 -5.42 11.55
CA SER A 882 -12.61 -6.34 10.42
C SER A 882 -12.30 -7.75 10.91
N ILE A 883 -12.81 -8.73 10.17
CA ILE A 883 -12.62 -10.14 10.49
C ILE A 883 -12.08 -10.83 9.25
N ASP A 884 -10.95 -11.52 9.41
CA ASP A 884 -10.28 -12.19 8.29
C ASP A 884 -9.97 -13.62 8.69
N PHE A 885 -10.26 -14.56 7.79
CA PHE A 885 -9.99 -15.97 8.05
C PHE A 885 -10.07 -16.74 6.74
N TRP A 886 -9.59 -17.98 6.77
CA TRP A 886 -9.69 -18.91 5.66
C TRP A 886 -10.62 -20.04 6.08
N LEU A 887 -11.63 -20.32 5.26
CA LEU A 887 -12.68 -21.27 5.61
C LEU A 887 -12.87 -22.29 4.49
N LYS A 888 -12.92 -23.57 4.85
CA LYS A 888 -13.24 -24.64 3.92
C LYS A 888 -14.23 -25.57 4.58
N ILE A 889 -15.33 -25.86 3.90
CA ILE A 889 -16.34 -26.76 4.40
C ILE A 889 -15.95 -28.18 3.99
N LEU A 890 -15.55 -28.99 4.97
CA LEU A 890 -15.00 -30.31 4.67
C LEU A 890 -16.04 -31.22 4.03
N ASP A 891 -17.21 -31.32 4.64
CA ASP A 891 -18.29 -32.16 4.13
C ASP A 891 -19.47 -31.30 3.72
N SER A 892 -20.34 -31.87 2.90
CA SER A 892 -21.47 -31.14 2.33
C SER A 892 -22.48 -30.86 3.43
N THR A 893 -22.44 -29.64 3.99
CA THR A 893 -23.39 -29.19 4.98
C THR A 893 -24.16 -27.99 4.43
N GLU A 894 -25.48 -28.03 4.56
CA GLU A 894 -26.30 -26.97 4.02
C GLU A 894 -26.44 -25.78 4.96
N SER A 895 -26.52 -26.01 6.27
CA SER A 895 -26.78 -24.92 7.22
C SER A 895 -25.97 -25.16 8.48
N THR A 896 -24.87 -24.43 8.62
CA THR A 896 -24.03 -24.51 9.81
C THR A 896 -23.66 -23.10 10.25
N THR A 897 -23.27 -22.98 11.52
CA THR A 897 -22.83 -21.72 12.08
C THR A 897 -21.30 -21.69 12.13
N LEU A 898 -20.72 -20.50 11.99
CA LEU A 898 -19.28 -20.34 12.06
C LEU A 898 -18.86 -19.44 13.22
N LEU A 899 -19.44 -18.25 13.33
CA LEU A 899 -19.06 -17.28 14.35
C LEU A 899 -20.30 -16.87 15.12
N ASN A 900 -20.11 -16.54 16.40
CA ASN A 900 -21.21 -16.18 17.27
C ASN A 900 -20.69 -15.27 18.37
N CYS A 901 -21.15 -14.02 18.38
CA CYS A 901 -20.82 -13.03 19.38
C CYS A 901 -22.07 -12.30 19.85
N ILE A 902 -23.11 -13.07 20.15
CA ILE A 902 -24.43 -12.51 20.48
C ILE A 902 -24.78 -12.88 21.92
N GLU A 903 -25.13 -11.87 22.71
CA GLU A 903 -25.63 -12.04 24.07
C GLU A 903 -27.02 -11.44 24.16
N ASP A 904 -28.00 -12.25 24.54
CA ASP A 904 -29.38 -11.80 24.70
C ASP A 904 -29.90 -11.13 23.42
N ASP A 905 -29.64 -11.77 22.29
CA ASP A 905 -30.11 -11.30 20.98
C ASP A 905 -29.53 -9.93 20.65
N ILE A 906 -28.27 -9.70 21.02
CA ILE A 906 -27.55 -8.48 20.67
C ILE A 906 -26.14 -8.88 20.26
N GLY A 907 -25.70 -8.40 19.09
CA GLY A 907 -24.35 -8.68 18.64
C GLY A 907 -24.36 -9.11 17.18
N TRP A 908 -23.29 -9.79 16.77
CA TRP A 908 -23.12 -10.22 15.40
C TRP A 908 -22.82 -11.72 15.36
N LYS A 909 -23.14 -12.33 14.23
CA LYS A 909 -22.80 -13.72 14.00
C LYS A 909 -22.70 -13.97 12.51
N LEU A 910 -21.87 -14.95 12.14
CA LEU A 910 -21.69 -15.39 10.77
C LEU A 910 -21.97 -16.89 10.70
N SER A 911 -22.66 -17.31 9.65
CA SER A 911 -23.06 -18.69 9.52
C SER A 911 -23.18 -19.05 8.04
N ILE A 912 -23.47 -20.32 7.78
CA ILE A 912 -23.69 -20.84 6.44
C ILE A 912 -25.16 -21.22 6.32
N GLN A 913 -25.81 -20.75 5.26
CA GLN A 913 -27.22 -21.01 5.03
C GLN A 913 -27.41 -21.47 3.59
N ASN A 914 -27.68 -22.78 3.41
CA ASN A 914 -27.86 -23.37 2.09
C ASN A 914 -26.65 -23.08 1.19
N ASN A 915 -25.46 -23.37 1.73
CA ASN A 915 -24.18 -23.15 1.05
C ASN A 915 -23.93 -21.69 0.74
N ASN A 916 -24.64 -20.78 1.41
CA ASN A 916 -24.47 -19.34 1.22
C ASN A 916 -24.11 -18.70 2.55
N LEU A 917 -23.14 -17.78 2.51
CA LEU A 917 -22.76 -17.06 3.72
C LEU A 917 -23.92 -16.23 4.24
N LEU A 918 -24.05 -16.16 5.55
CA LEU A 918 -25.13 -15.43 6.21
C LEU A 918 -24.52 -14.57 7.32
N TRP A 919 -24.29 -13.30 7.04
CA TRP A 919 -23.80 -12.34 8.03
C TRP A 919 -24.99 -11.52 8.50
N GLU A 920 -25.44 -11.80 9.72
CA GLU A 920 -26.50 -11.03 10.35
C GLU A 920 -26.02 -10.49 11.69
N MET A 921 -26.47 -9.29 12.02
CA MET A 921 -26.03 -8.63 13.23
C MET A 921 -27.05 -7.57 13.63
N LYS A 922 -27.37 -7.50 14.91
CA LYS A 922 -28.31 -6.51 15.40
C LYS A 922 -27.78 -5.88 16.68
N ASP A 923 -28.20 -4.64 16.91
CA ASP A 923 -27.72 -3.85 18.03
C ASP A 923 -28.73 -3.86 19.18
N ASN A 924 -28.38 -3.17 20.27
CA ASN A 924 -29.20 -3.15 21.46
C ASN A 924 -30.47 -2.31 21.29
N LEU A 925 -30.57 -1.53 20.22
CA LEU A 925 -31.76 -0.72 19.97
C LEU A 925 -32.80 -1.46 19.13
N GLY A 926 -32.51 -2.66 18.65
CA GLY A 926 -33.45 -3.42 17.86
C GLY A 926 -33.30 -3.28 16.37
N ASN A 927 -32.21 -2.67 15.89
CA ASN A 927 -31.96 -2.53 14.46
C ASN A 927 -31.19 -3.76 13.98
N ASN A 928 -31.79 -4.51 13.06
CA ASN A 928 -31.21 -5.74 12.55
C ASN A 928 -30.72 -5.53 11.13
N PHE A 929 -29.45 -5.90 10.89
CA PHE A 929 -28.86 -5.85 9.56
C PHE A 929 -28.44 -7.26 9.18
N THR A 930 -28.80 -7.67 7.96
CA THR A 930 -28.49 -9.01 7.49
C THR A 930 -27.99 -8.95 6.06
N SER A 931 -27.01 -9.80 5.75
CA SER A 931 -26.45 -9.87 4.40
C SER A 931 -26.26 -11.35 4.05
N LEU A 932 -26.93 -11.79 3.01
CA LEU A 932 -26.91 -13.19 2.57
C LEU A 932 -26.13 -13.26 1.25
N PHE A 933 -24.82 -13.46 1.35
CA PHE A 933 -24.00 -13.61 0.15
C PHE A 933 -24.32 -14.92 -0.53
N THR A 934 -24.54 -14.86 -1.85
CA THR A 934 -25.02 -16.00 -2.62
C THR A 934 -23.96 -16.53 -3.59
N PHE A 935 -22.70 -16.60 -3.15
CA PHE A 935 -21.64 -17.08 -4.01
C PHE A 935 -21.34 -18.57 -3.83
N ASN A 936 -22.15 -19.29 -3.07
CA ASN A 936 -22.22 -20.75 -3.11
C ASN A 936 -20.87 -21.39 -2.79
N ILE A 937 -20.48 -21.25 -1.52
CA ILE A 937 -19.30 -21.95 -0.98
C ILE A 937 -19.41 -23.44 -1.25
N ASN A 938 -18.46 -24.00 -1.99
CA ASN A 938 -18.47 -25.43 -2.33
C ASN A 938 -17.10 -26.04 -2.06
N ASN A 939 -16.85 -26.41 -0.80
CA ASN A 939 -15.71 -27.24 -0.41
C ASN A 939 -14.39 -26.72 -0.96
N ILE A 940 -14.20 -25.41 -0.90
CA ILE A 940 -13.00 -24.76 -1.43
C ILE A 940 -12.52 -23.72 -0.45
N TRP A 941 -11.20 -23.65 -0.25
CA TRP A 941 -10.61 -22.64 0.62
C TRP A 941 -10.98 -21.24 0.12
N HIS A 942 -11.60 -20.46 0.99
CA HIS A 942 -12.02 -19.09 0.67
C HIS A 942 -11.44 -18.14 1.70
N ASN A 943 -10.83 -17.06 1.23
CA ASN A 943 -10.32 -16.00 2.10
C ASN A 943 -11.46 -15.02 2.34
N ILE A 944 -12.28 -15.31 3.34
CA ILE A 944 -13.44 -14.49 3.66
C ILE A 944 -13.01 -13.45 4.68
N THR A 945 -12.67 -12.26 4.21
CA THR A 945 -12.38 -11.13 5.07
C THR A 945 -13.46 -10.06 4.88
N LEU A 946 -14.03 -9.62 5.99
CA LEU A 946 -15.15 -8.68 5.95
C LEU A 946 -14.93 -7.59 6.98
N SER A 947 -14.98 -6.33 6.53
CA SER A 947 -14.63 -5.18 7.34
C SER A 947 -15.85 -4.31 7.55
N ILE A 948 -16.10 -3.94 8.80
CA ILE A 948 -17.19 -3.05 9.15
C ILE A 948 -16.57 -1.69 9.44
N ASP A 949 -16.69 -0.77 8.49
CA ASP A 949 -16.12 0.58 8.62
C ASP A 949 -17.20 1.48 9.19
N ARG A 950 -17.08 1.84 10.46
CA ARG A 950 -18.08 2.66 11.13
C ARG A 950 -17.91 4.15 10.87
N LEU A 951 -16.77 4.58 10.33
CA LEU A 951 -16.61 6.00 10.03
C LEU A 951 -17.56 6.43 8.92
N THR A 952 -17.61 5.69 7.82
CA THR A 952 -18.52 5.96 6.72
C THR A 952 -19.75 5.07 6.74
N ASN A 953 -19.91 4.23 7.77
CA ASN A 953 -21.02 3.29 7.86
C ASN A 953 -21.07 2.38 6.64
N THR A 954 -19.95 1.68 6.42
CA THR A 954 -19.78 0.81 5.26
C THR A 954 -19.40 -0.57 5.73
N PHE A 955 -20.14 -1.58 5.28
CA PHE A 955 -19.83 -2.98 5.56
C PHE A 955 -19.30 -3.61 4.27
N ASN A 956 -17.99 -3.86 4.22
CA ASN A 956 -17.35 -4.45 3.06
C ASN A 956 -17.06 -5.91 3.35
N CYS A 957 -17.32 -6.77 2.36
CA CYS A 957 -16.99 -8.19 2.44
C CYS A 957 -16.10 -8.53 1.26
N PHE A 958 -14.83 -8.79 1.52
CA PHE A 958 -13.88 -9.15 0.48
C PHE A 958 -13.70 -10.66 0.45
N LEU A 959 -13.97 -11.26 -0.70
CA LEU A 959 -13.76 -12.69 -0.91
C LEU A 959 -12.57 -12.88 -1.83
N ASP A 960 -11.56 -13.61 -1.36
CA ASP A 960 -10.35 -13.88 -2.12
C ASP A 960 -9.69 -12.58 -2.61
N GLY A 961 -9.69 -11.57 -1.75
CA GLY A 961 -9.06 -10.31 -2.07
C GLY A 961 -9.88 -9.37 -2.92
N LYS A 962 -11.14 -9.70 -3.21
CA LYS A 962 -11.98 -8.91 -4.09
C LYS A 962 -13.22 -8.42 -3.34
N LEU A 963 -13.48 -7.12 -3.41
CA LEU A 963 -14.63 -6.54 -2.74
C LEU A 963 -15.91 -6.95 -3.45
N ILE A 964 -16.92 -7.34 -2.68
CA ILE A 964 -18.15 -7.87 -3.27
C ILE A 964 -19.42 -7.15 -2.81
N ASN A 965 -19.43 -6.63 -1.58
CA ASN A 965 -20.70 -6.19 -1.01
C ASN A 965 -20.79 -4.68 -0.79
N THR A 966 -19.90 -4.11 0.02
CA THR A 966 -19.88 -2.67 0.34
C THR A 966 -21.23 -2.17 0.87
N ASP A 967 -22.08 -3.05 1.37
CA ASP A 967 -23.40 -2.64 1.83
C ASP A 967 -23.29 -1.70 3.02
N ASN A 968 -24.13 -0.68 3.05
CA ASN A 968 -24.09 0.30 4.13
C ASN A 968 -24.68 -0.25 5.41
N ILE A 969 -24.18 0.25 6.54
CA ILE A 969 -24.50 -0.27 7.85
C ILE A 969 -24.97 0.88 8.75
N SER A 970 -25.51 1.92 8.12
CA SER A 970 -25.70 3.20 8.80
C SER A 970 -26.64 3.10 9.99
N ASN A 971 -27.76 2.39 9.85
CA ASN A 971 -28.81 2.39 10.86
C ASN A 971 -28.58 1.37 11.96
N ILE A 972 -27.35 0.90 12.14
CA ILE A 972 -27.04 -0.08 13.17
C ILE A 972 -26.06 0.55 14.15
N PHE A 973 -26.46 0.62 15.42
CA PHE A 973 -25.70 1.24 16.48
C PHE A 973 -24.89 0.20 17.26
N SER A 974 -24.40 0.60 18.43
CA SER A 974 -23.52 -0.25 19.21
C SER A 974 -24.13 -1.62 19.49
N LEU A 975 -23.31 -2.66 19.30
CA LEU A 975 -23.71 -4.04 19.56
C LEU A 975 -22.85 -4.66 20.65
N GLU A 976 -22.33 -3.83 21.56
CA GLU A 976 -21.42 -4.29 22.60
C GLU A 976 -22.06 -5.35 23.47
N THR A 977 -21.33 -6.44 23.70
CA THR A 977 -21.80 -7.53 24.55
C THR A 977 -20.63 -8.04 25.39
N ASN A 978 -20.96 -8.54 26.58
CA ASN A 978 -19.96 -9.09 27.48
C ASN A 978 -19.53 -10.50 27.06
N THR A 979 -20.43 -11.28 26.47
CA THR A 979 -20.13 -12.67 26.18
C THR A 979 -19.00 -12.78 25.16
N PRO A 980 -18.08 -13.73 25.34
CA PRO A 980 -16.96 -13.86 24.42
C PRO A 980 -17.38 -14.46 23.08
N ILE A 981 -16.53 -14.27 22.08
CA ILE A 981 -16.77 -14.83 20.75
C ILE A 981 -16.65 -16.33 20.81
N GLU A 982 -17.64 -17.03 20.27
CA GLU A 982 -17.66 -18.49 20.25
C GLU A 982 -17.63 -18.96 18.80
N ILE A 983 -16.72 -19.89 18.50
CA ILE A 983 -16.57 -20.45 17.17
C ILE A 983 -16.93 -21.93 17.26
N GLN A 984 -18.02 -22.33 16.63
CA GLN A 984 -18.40 -23.73 16.59
C GLN A 984 -19.27 -23.99 15.37
N SER A 985 -19.05 -25.14 14.73
CA SER A 985 -19.75 -25.45 13.49
C SER A 985 -21.22 -25.75 13.74
N ASP A 986 -21.51 -26.58 14.74
CA ASP A 986 -22.86 -26.85 15.23
C ASP A 986 -23.68 -27.69 14.26
N ASN A 987 -23.20 -27.90 13.04
CA ASN A 987 -23.89 -28.80 12.11
C ASN A 987 -22.99 -29.72 11.32
N GLY A 988 -21.72 -29.41 11.11
CA GLY A 988 -20.88 -30.23 10.28
C GLY A 988 -19.41 -30.01 10.57
N ALA A 989 -18.58 -30.38 9.60
CA ALA A 989 -17.14 -30.27 9.72
C ALA A 989 -16.64 -29.12 8.84
N ILE A 990 -15.90 -28.20 9.45
CA ILE A 990 -15.33 -27.06 8.74
C ILE A 990 -13.86 -26.95 9.09
N LEU A 991 -13.11 -26.27 8.23
CA LEU A 991 -11.72 -25.94 8.48
C LEU A 991 -11.59 -24.43 8.61
N LEU A 992 -11.10 -23.98 9.76
CA LEU A 992 -10.92 -22.56 10.02
C LEU A 992 -9.44 -22.28 10.22
N GLU A 993 -8.96 -21.21 9.59
CA GLU A 993 -7.52 -20.94 9.58
C GLU A 993 -7.29 -19.45 9.52
N ALA A 994 -6.28 -18.99 10.27
CA ALA A 994 -5.84 -17.59 10.26
C ALA A 994 -6.97 -16.63 10.61
N PHE A 995 -7.80 -17.02 11.58
CA PHE A 995 -8.91 -16.17 12.01
C PHE A 995 -8.34 -14.96 12.75
N SER A 996 -8.36 -13.80 12.11
CA SER A 996 -7.82 -12.58 12.68
C SER A 996 -8.94 -11.54 12.81
N ILE A 997 -9.02 -10.91 13.97
CA ILE A 997 -9.92 -9.79 14.20
C ILE A 997 -9.06 -8.55 14.38
N LEU A 998 -9.32 -7.52 13.59
CA LEU A 998 -8.45 -6.36 13.51
C LEU A 998 -9.15 -5.13 14.08
N ASN A 999 -8.32 -4.17 14.50
CA ASN A 999 -8.80 -2.94 15.13
C ASN A 999 -9.30 -1.93 14.10
N TYR A 1000 -8.95 -2.12 12.84
CA TYR A 1000 -9.26 -1.14 11.80
C TYR A 1000 -9.96 -1.81 10.63
N PRO A 1001 -10.76 -1.05 9.87
CA PRO A 1001 -11.46 -1.64 8.72
C PRO A 1001 -10.49 -1.81 7.55
N LEU A 1002 -10.34 -3.05 7.10
CA LEU A 1002 -9.47 -3.34 5.97
C LEU A 1002 -10.03 -2.73 4.70
N GLN A 1003 -9.15 -2.21 3.85
CA GLN A 1003 -9.53 -1.61 2.59
C GLN A 1003 -9.07 -2.50 1.44
N GLN A 1004 -9.48 -2.13 0.22
CA GLN A 1004 -9.23 -2.98 -0.94
C GLN A 1004 -7.75 -3.17 -1.20
N GLN A 1005 -6.96 -2.10 -1.07
CA GLN A 1005 -5.53 -2.20 -1.33
C GLN A 1005 -4.85 -3.15 -0.34
N GLU A 1006 -5.20 -3.04 0.94
CA GLU A 1006 -4.52 -3.82 1.96
C GLU A 1006 -5.06 -5.25 2.03
N VAL A 1007 -6.33 -5.45 1.68
CA VAL A 1007 -6.87 -6.80 1.61
C VAL A 1007 -6.17 -7.59 0.52
N LEU A 1008 -5.94 -6.96 -0.64
CA LEU A 1008 -5.24 -7.63 -1.73
C LEU A 1008 -3.82 -8.00 -1.32
N ASN A 1009 -3.14 -7.12 -0.61
CA ASN A 1009 -1.79 -7.42 -0.14
C ASN A 1009 -1.78 -8.61 0.81
N ARG A 1010 -2.74 -8.66 1.74
CA ARG A 1010 -2.82 -9.78 2.66
C ARG A 1010 -3.19 -11.06 1.93
N TYR A 1011 -4.05 -10.97 0.92
CA TYR A 1011 -4.41 -12.13 0.12
C TYR A 1011 -3.19 -12.65 -0.64
N ARG A 1012 -2.38 -11.75 -1.20
CA ARG A 1012 -1.22 -12.17 -1.97
C ARG A 1012 -0.20 -12.88 -1.10
N GLU A 1013 -0.03 -12.42 0.15
CA GLU A 1013 0.95 -13.03 1.04
C GLU A 1013 0.61 -14.48 1.38
N ALA A 1014 -0.64 -14.88 1.22
CA ALA A 1014 -1.01 -16.28 1.44
C ALA A 1014 -0.42 -17.19 0.36
N PHE A 1015 -0.07 -16.65 -0.80
CA PHE A 1015 0.56 -17.40 -1.87
C PHE A 1015 2.04 -17.10 -2.00
N SER A 1016 2.63 -16.40 -1.04
CA SER A 1016 4.04 -16.05 -1.12
C SER A 1016 4.95 -17.27 -1.08
N ASN A 1017 4.44 -18.41 -0.59
CA ASN A 1017 5.22 -19.64 -0.61
C ASN A 1017 5.45 -20.17 -2.02
N ASN A 1018 4.74 -19.65 -3.02
CA ASN A 1018 4.86 -20.09 -4.40
C ASN A 1018 4.58 -21.60 -4.52
N TYR A 1019 3.54 -22.06 -3.84
CA TYR A 1019 3.12 -23.45 -3.90
C TYR A 1019 2.00 -23.62 -4.91
N THR A 1020 2.12 -24.65 -5.73
CA THR A 1020 1.03 -25.01 -6.65
C THR A 1020 -0.09 -25.66 -5.87
N ARG A 1021 -1.33 -25.36 -6.26
CA ARG A 1021 -2.50 -25.78 -5.51
C ARG A 1021 -3.46 -26.55 -6.40
N ASN A 1022 -4.09 -27.58 -5.83
CA ASN A 1022 -5.07 -28.37 -6.56
C ASN A 1022 -6.40 -27.64 -6.57
N TYR A 1023 -7.46 -28.31 -7.03
CA TYR A 1023 -8.74 -27.64 -7.21
C TYR A 1023 -9.32 -27.15 -5.88
N TYR A 1024 -9.23 -27.98 -4.84
CA TYR A 1024 -9.86 -27.66 -3.57
C TYR A 1024 -9.13 -26.59 -2.78
N GLY A 1025 -7.95 -26.16 -3.23
CA GLY A 1025 -7.18 -25.16 -2.53
C GLY A 1025 -6.02 -25.69 -1.72
N ASP A 1026 -5.96 -27.00 -1.49
CA ASP A 1026 -4.81 -27.58 -0.80
C ASP A 1026 -3.57 -27.43 -1.68
N ILE A 1027 -2.42 -27.77 -1.11
CA ILE A 1027 -1.16 -27.63 -1.81
C ILE A 1027 -0.86 -28.92 -2.55
N LEU A 1028 -0.51 -28.80 -3.82
CA LEU A 1028 -0.23 -29.97 -4.65
C LEU A 1028 1.00 -30.71 -4.10
N LYS A 1029 0.97 -32.04 -4.24
CA LYS A 1029 2.01 -32.89 -3.71
C LYS A 1029 2.54 -33.81 -4.80
N TYR A 1030 3.82 -34.14 -4.71
CA TYR A 1030 4.42 -35.09 -5.62
C TYR A 1030 4.00 -36.51 -5.28
N ASN A 1031 3.97 -37.37 -6.30
CA ASN A 1031 3.67 -38.79 -6.16
C ASN A 1031 2.30 -39.04 -5.52
N GLU A 1032 1.37 -38.11 -5.70
CA GLU A 1032 0.00 -38.26 -5.22
C GLU A 1032 -0.94 -38.15 -6.41
N ASN A 1033 -1.86 -39.11 -6.52
CA ASN A 1033 -2.71 -39.23 -7.69
C ASN A 1033 -3.91 -38.30 -7.59
N TYR A 1034 -4.19 -37.57 -8.66
CA TYR A 1034 -5.32 -36.68 -8.76
C TYR A 1034 -6.06 -36.92 -10.07
N GLN A 1035 -7.24 -36.34 -10.19
CA GLN A 1035 -8.00 -36.34 -11.44
C GLN A 1035 -7.83 -35.00 -12.12
N LEU A 1036 -7.55 -35.03 -13.42
CA LEU A 1036 -7.18 -33.83 -14.17
C LEU A 1036 -8.37 -33.30 -14.94
N TYR A 1037 -8.59 -31.99 -14.85
CA TYR A 1037 -9.62 -31.31 -15.61
C TYR A 1037 -9.02 -30.07 -16.27
N ASN A 1038 -9.63 -29.64 -17.37
CA ASN A 1038 -9.07 -28.58 -18.20
C ASN A 1038 -9.49 -27.19 -17.76
N LYS A 1039 -10.24 -27.07 -16.67
CA LYS A 1039 -10.77 -25.81 -16.14
C LYS A 1039 -11.81 -25.20 -17.06
N THR A 1040 -12.02 -25.76 -18.24
CA THR A 1040 -13.04 -25.30 -19.18
C THR A 1040 -14.20 -26.28 -19.29
N SER A 1041 -13.93 -27.57 -19.12
CA SER A 1041 -14.96 -28.61 -19.09
C SER A 1041 -14.78 -29.44 -17.82
N PRO A 1042 -15.14 -28.90 -16.66
CA PRO A 1042 -14.98 -29.65 -15.41
C PRO A 1042 -15.85 -30.89 -15.33
N ASP A 1043 -16.91 -30.98 -16.13
CA ASP A 1043 -17.76 -32.16 -16.11
C ASP A 1043 -17.10 -33.36 -16.77
N LYS A 1044 -16.13 -33.14 -17.65
CA LYS A 1044 -15.44 -34.21 -18.37
C LYS A 1044 -14.00 -34.29 -17.91
N GLU A 1045 -13.58 -35.48 -17.50
CA GLU A 1045 -12.25 -35.70 -16.97
C GLU A 1045 -11.30 -36.15 -18.08
N VAL A 1046 -10.07 -35.64 -18.03
CA VAL A 1046 -9.03 -36.04 -18.98
C VAL A 1046 -8.74 -37.52 -18.76
N LYS A 1047 -9.02 -38.34 -19.75
CA LYS A 1047 -8.87 -39.78 -19.66
C LYS A 1047 -7.95 -40.28 -20.76
N LYS A 1048 -7.06 -41.22 -20.41
CA LYS A 1048 -6.19 -41.82 -21.41
C LYS A 1048 -7.02 -42.65 -22.39
N VAL A 1049 -6.63 -42.60 -23.66
CA VAL A 1049 -7.35 -43.27 -24.73
C VAL A 1049 -6.48 -44.42 -25.22
N PHE A 1050 -7.00 -45.64 -25.13
CA PHE A 1050 -6.27 -46.83 -25.54
C PHE A 1050 -6.93 -47.58 -26.69
N THR A 1051 -8.06 -47.10 -27.21
CA THR A 1051 -8.73 -47.79 -28.30
C THR A 1051 -7.93 -47.76 -29.59
N ASN A 1052 -6.92 -46.90 -29.67
CA ASN A 1052 -6.02 -46.84 -30.81
C ASN A 1052 -4.62 -47.26 -30.38
N ASP A 1053 -3.82 -47.67 -31.38
CA ASP A 1053 -2.44 -48.05 -31.10
C ASP A 1053 -1.64 -46.86 -30.57
N LYS A 1054 -1.85 -45.68 -31.15
CA LYS A 1054 -1.21 -44.44 -30.71
C LYS A 1054 -1.97 -43.95 -29.48
N ASP A 1055 -1.55 -44.42 -28.31
CA ASP A 1055 -2.22 -44.04 -27.07
C ASP A 1055 -1.97 -42.56 -26.77
N TYR A 1056 -3.00 -41.88 -26.26
CA TYR A 1056 -2.90 -40.48 -25.92
C TYR A 1056 -3.91 -40.17 -24.82
N ILE A 1057 -3.92 -38.91 -24.38
CA ILE A 1057 -4.86 -38.43 -23.37
C ILE A 1057 -5.79 -37.43 -24.02
N ALA A 1058 -7.09 -37.61 -23.81
CA ALA A 1058 -8.08 -36.75 -24.43
C ALA A 1058 -9.33 -36.71 -23.56
N ILE A 1059 -10.15 -35.68 -23.81
CA ILE A 1059 -11.44 -35.53 -23.14
C ILE A 1059 -12.49 -36.13 -24.06
N GLU A 1060 -13.19 -37.15 -23.59
CA GLU A 1060 -14.16 -37.88 -24.39
C GLU A 1060 -15.57 -37.39 -24.08
N TYR A 1061 -16.41 -37.36 -25.12
CA TYR A 1061 -17.78 -36.88 -24.99
C TYR A 1061 -18.83 -37.98 -25.09
N ASN A 1062 -18.47 -39.17 -25.59
CA ASN A 1062 -19.42 -40.26 -25.65
C ASN A 1062 -19.86 -40.68 -24.25
N GLN A 1063 -18.89 -40.94 -23.37
CA GLN A 1063 -19.15 -41.25 -21.96
C GLN A 1063 -20.07 -42.44 -21.78
N ASN A 1064 -20.04 -43.39 -22.72
CA ASN A 1064 -20.81 -44.62 -22.55
C ASN A 1064 -20.31 -45.43 -21.36
N THR A 1065 -18.99 -45.52 -21.20
CA THR A 1065 -18.37 -46.18 -20.06
C THR A 1065 -17.51 -45.19 -19.32
N ASN A 1066 -17.68 -45.12 -18.00
CA ASN A 1066 -16.95 -44.19 -17.16
C ASN A 1066 -15.88 -44.97 -16.38
N ASN A 1067 -14.62 -44.54 -16.53
CA ASN A 1067 -13.51 -45.15 -15.81
C ASN A 1067 -12.44 -44.08 -15.64
N PRO A 1068 -12.31 -43.50 -14.46
CA PRO A 1068 -11.36 -42.40 -14.27
C PRO A 1068 -9.92 -42.87 -14.33
N THR A 1069 -9.05 -41.98 -14.76
CA THR A 1069 -7.61 -42.20 -14.72
C THR A 1069 -6.96 -41.11 -13.88
N PHE A 1070 -5.88 -41.47 -13.20
CA PHE A 1070 -5.26 -40.61 -12.19
C PHE A 1070 -3.90 -40.12 -12.68
N PHE A 1071 -3.69 -38.81 -12.60
CA PHE A 1071 -2.44 -38.18 -12.98
C PHE A 1071 -1.70 -37.69 -11.75
N SER A 1072 -0.44 -38.05 -11.62
CA SER A 1072 0.39 -37.65 -10.50
C SER A 1072 1.67 -37.00 -11.01
N LEU A 1073 2.06 -35.89 -10.39
CA LEU A 1073 3.27 -35.17 -10.77
C LEU A 1073 4.48 -35.84 -10.14
N ILE A 1074 5.42 -36.30 -10.97
CA ILE A 1074 6.61 -37.00 -10.50
C ILE A 1074 7.82 -36.40 -11.21
N GLN A 1075 8.86 -36.12 -10.44
CA GLN A 1075 10.16 -35.71 -10.97
C GLN A 1075 11.17 -36.82 -10.76
N LYS A 1076 12.34 -36.66 -11.41
CA LYS A 1076 13.33 -37.73 -11.41
C LYS A 1076 13.84 -38.01 -9.99
N GLU A 1077 14.09 -36.95 -9.22
CA GLU A 1077 14.58 -37.12 -7.85
C GLU A 1077 13.39 -37.23 -6.89
N GLN A 1078 13.29 -38.37 -6.22
CA GLN A 1078 12.20 -38.63 -5.29
C GLN A 1078 12.54 -38.04 -3.91
N SER A 1079 12.83 -36.74 -3.90
CA SER A 1079 13.21 -36.02 -2.69
C SER A 1079 12.18 -34.99 -2.28
N LYS A 1080 11.80 -34.10 -3.18
CA LYS A 1080 10.85 -33.05 -2.86
C LYS A 1080 9.46 -33.64 -2.62
N ILE A 1081 8.70 -33.00 -1.74
CA ILE A 1081 7.39 -33.50 -1.35
C ILE A 1081 6.30 -32.48 -1.68
N TYR A 1082 6.69 -31.20 -1.73
CA TYR A 1082 5.75 -30.11 -1.95
C TYR A 1082 6.06 -29.46 -3.27
N VAL A 1083 5.06 -29.36 -4.14
CA VAL A 1083 5.25 -28.90 -5.52
C VAL A 1083 5.22 -27.38 -5.53
N GLU A 1084 6.38 -26.76 -5.73
CA GLU A 1084 6.47 -25.32 -5.88
C GLU A 1084 6.22 -24.91 -7.32
N GLU A 1085 6.06 -23.62 -7.53
CA GLU A 1085 5.90 -23.06 -8.86
C GLU A 1085 7.24 -23.00 -9.57
N ASN A 1086 7.20 -23.14 -10.89
CA ASN A 1086 8.38 -23.03 -11.75
C ASN A 1086 9.42 -24.11 -11.43
N ASP A 1087 8.97 -25.36 -11.52
CA ASP A 1087 9.85 -26.50 -11.36
C ASP A 1087 9.59 -27.52 -12.46
N GLU A 1088 10.63 -28.27 -12.79
CA GLU A 1088 10.54 -29.28 -13.84
C GLU A 1088 9.89 -30.54 -13.29
N VAL A 1089 8.76 -30.94 -13.87
CA VAL A 1089 8.00 -32.10 -13.43
C VAL A 1089 7.61 -32.94 -14.63
N TYR A 1090 7.36 -34.22 -14.38
CA TYR A 1090 6.73 -35.10 -15.34
C TYR A 1090 5.37 -35.51 -14.81
N ILE A 1091 4.50 -35.95 -15.71
CA ILE A 1091 3.15 -36.37 -15.37
C ILE A 1091 3.07 -37.88 -15.52
N CYS A 1092 2.64 -38.56 -14.46
CA CYS A 1092 2.52 -40.00 -14.43
C CYS A 1092 1.05 -40.41 -14.48
N VAL A 1093 0.74 -41.40 -15.30
CA VAL A 1093 -0.61 -41.92 -15.44
C VAL A 1093 -0.67 -43.28 -14.74
N GLN A 1094 -1.63 -43.42 -13.84
CA GLN A 1094 -1.74 -44.66 -13.07
C GLN A 1094 -2.22 -45.81 -13.94
N GLY A 1095 -1.69 -47.00 -13.69
CA GLY A 1095 -2.09 -48.17 -14.42
C GLY A 1095 -1.04 -49.25 -14.26
N ASP A 1096 -1.39 -50.45 -14.74
CA ASP A 1096 -0.44 -51.55 -14.71
C ASP A 1096 0.82 -51.25 -15.52
N PRO A 1097 0.74 -50.74 -16.76
CA PRO A 1097 1.97 -50.25 -17.40
C PRO A 1097 2.60 -49.08 -16.66
N LEU A 1098 1.79 -48.19 -16.10
CA LEU A 1098 2.23 -46.96 -15.45
C LEU A 1098 3.11 -46.15 -16.41
N ASN A 1099 2.45 -45.65 -17.44
CA ASN A 1099 3.12 -44.88 -18.48
C ASN A 1099 3.08 -43.39 -18.16
N TYR A 1100 4.03 -42.66 -18.75
CA TYR A 1100 4.21 -41.24 -18.52
C TYR A 1100 3.78 -40.47 -19.76
N ILE A 1101 3.96 -39.15 -19.71
CA ILE A 1101 3.52 -38.24 -20.77
C ILE A 1101 4.73 -37.72 -21.52
N THR A 1102 4.71 -37.83 -22.85
CA THR A 1102 5.72 -37.24 -23.71
C THR A 1102 5.01 -36.39 -24.76
N ILE A 1103 5.81 -35.75 -25.62
CA ILE A 1103 5.30 -34.88 -26.67
C ILE A 1103 5.85 -35.38 -27.99
N ASP A 1104 4.96 -35.79 -28.89
CA ASP A 1104 5.32 -36.27 -30.22
C ASP A 1104 4.49 -35.52 -31.25
N ASN A 1105 5.15 -34.69 -32.06
CA ASN A 1105 4.48 -33.83 -33.04
C ASN A 1105 3.42 -32.96 -32.36
N ASN A 1106 3.78 -32.40 -31.20
CA ASN A 1106 2.94 -31.56 -30.34
C ASN A 1106 1.82 -32.33 -29.66
N GLN A 1107 1.64 -33.62 -29.97
CA GLN A 1107 0.64 -34.44 -29.31
C GLN A 1107 1.10 -34.75 -27.87
N ALA A 1108 0.19 -35.30 -27.07
CA ALA A 1108 0.48 -35.63 -25.69
C ALA A 1108 0.37 -37.13 -25.47
N VAL A 1109 0.97 -37.91 -26.37
CA VAL A 1109 0.87 -39.36 -26.30
C VAL A 1109 1.44 -39.89 -24.99
N LEU A 1110 1.00 -41.09 -24.61
CA LEU A 1110 1.49 -41.76 -23.41
C LEU A 1110 2.57 -42.75 -23.82
N THR A 1111 3.80 -42.48 -23.39
CA THR A 1111 4.93 -43.36 -23.66
C THR A 1111 5.53 -43.84 -22.34
N LYS A 1112 5.74 -45.15 -22.25
CA LYS A 1112 6.31 -45.75 -21.04
C LYS A 1112 7.78 -45.36 -20.93
N ASP A 1113 8.45 -45.90 -19.90
CA ASP A 1113 9.85 -45.62 -19.58
C ASP A 1113 10.03 -44.17 -19.12
N ILE A 1114 11.04 -43.93 -18.29
CA ILE A 1114 11.16 -42.66 -17.59
C ILE A 1114 12.36 -41.88 -18.14
N ASN A 1115 12.71 -42.14 -19.40
CA ASN A 1115 13.78 -41.38 -20.03
C ASN A 1115 13.31 -40.80 -21.37
N LEU A 1116 12.06 -41.05 -21.72
CA LEU A 1116 11.47 -40.54 -22.95
C LEU A 1116 10.37 -39.52 -22.70
N ALA A 1117 10.04 -39.25 -21.43
CA ALA A 1117 9.00 -38.30 -21.11
C ALA A 1117 9.47 -36.88 -21.39
N THR A 1118 8.57 -35.91 -21.19
CA THR A 1118 8.87 -34.50 -21.40
C THR A 1118 8.75 -33.75 -20.09
N SER A 1119 9.55 -32.69 -19.96
CA SER A 1119 9.64 -31.92 -18.73
C SER A 1119 8.78 -30.67 -18.84
N PHE A 1120 7.89 -30.47 -17.89
CA PHE A 1120 6.97 -29.34 -17.87
C PHE A 1120 7.33 -28.39 -16.75
N LYS A 1121 7.37 -27.10 -17.06
CA LYS A 1121 7.59 -26.06 -16.06
C LYS A 1121 6.24 -25.49 -15.65
N LEU A 1122 5.85 -25.74 -14.41
CA LEU A 1122 4.55 -25.31 -13.92
C LEU A 1122 4.57 -23.81 -13.67
N LYS A 1123 3.57 -23.10 -14.21
CA LYS A 1123 3.41 -21.68 -13.99
C LYS A 1123 1.99 -21.41 -13.52
N THR A 1124 1.85 -20.72 -12.40
CA THR A 1124 0.56 -20.43 -11.80
C THR A 1124 0.28 -18.93 -11.86
N ASN A 1125 -0.94 -18.56 -12.22
CA ASN A 1125 -1.38 -17.19 -12.24
C ASN A 1125 -2.20 -16.89 -10.99
N LEU A 1126 -1.95 -15.74 -10.37
CA LEU A 1126 -2.65 -15.37 -9.15
C LEU A 1126 -4.14 -15.13 -9.39
N ASN A 1127 -4.53 -14.78 -10.62
CA ASN A 1127 -5.94 -14.53 -10.91
C ASN A 1127 -6.76 -15.79 -10.71
N LYS A 1128 -6.23 -16.94 -11.15
CA LYS A 1128 -6.86 -18.25 -10.94
C LYS A 1128 -5.87 -19.12 -10.17
N PRO A 1129 -5.98 -19.16 -8.84
CA PRO A 1129 -4.90 -19.76 -8.03
C PRO A 1129 -4.94 -21.27 -7.94
N ASN A 1130 -6.06 -21.92 -8.28
CA ASN A 1130 -6.18 -23.37 -8.20
C ASN A 1130 -5.97 -24.03 -9.55
N SER A 1131 -5.14 -23.45 -10.41
CA SER A 1131 -4.90 -23.97 -11.74
C SER A 1131 -3.40 -24.00 -12.02
N LEU A 1132 -3.02 -24.87 -12.95
CA LEU A 1132 -1.63 -25.04 -13.34
C LEU A 1132 -1.48 -24.91 -14.84
N ILE A 1133 -0.29 -24.52 -15.27
CA ILE A 1133 0.08 -24.44 -16.68
C ILE A 1133 1.30 -25.32 -16.89
N PHE A 1134 1.16 -26.33 -17.74
CA PHE A 1134 2.27 -27.22 -18.09
C PHE A 1134 2.95 -26.66 -19.33
N SER A 1135 3.90 -25.75 -19.11
CA SER A 1135 4.52 -25.00 -20.19
C SER A 1135 5.93 -25.51 -20.45
N GLU A 1136 6.21 -25.84 -21.70
CA GLU A 1136 7.54 -26.20 -22.16
C GLU A 1136 8.03 -25.13 -23.13
N ASN A 1137 9.16 -24.50 -22.80
CA ASN A 1137 9.69 -23.36 -23.54
C ASN A 1137 8.62 -22.27 -23.53
N SER A 1138 8.15 -21.80 -24.70
CA SER A 1138 7.08 -20.82 -24.77
C SER A 1138 5.73 -21.45 -25.07
N GLN A 1139 5.66 -22.79 -25.09
CA GLN A 1139 4.44 -23.51 -25.42
C GLN A 1139 3.87 -24.16 -24.18
N ALA A 1140 2.57 -24.01 -23.97
CA ALA A 1140 1.87 -24.59 -22.84
C ALA A 1140 0.87 -25.62 -23.32
N LEU A 1141 0.57 -26.60 -22.45
CA LEU A 1141 -0.39 -27.63 -22.80
C LEU A 1141 -1.76 -27.02 -23.08
N ARG A 1142 -2.44 -27.55 -24.09
CA ARG A 1142 -3.68 -26.98 -24.58
C ARG A 1142 -4.63 -28.10 -24.98
N LEU A 1143 -5.92 -27.80 -24.95
CA LEU A 1143 -6.96 -28.72 -25.38
C LEU A 1143 -7.34 -28.36 -26.81
N SER A 1144 -7.21 -29.33 -27.72
CA SER A 1144 -7.47 -29.05 -29.12
C SER A 1144 -8.96 -28.90 -29.39
N ASN A 1145 -9.28 -28.51 -30.61
CA ASN A 1145 -10.67 -28.39 -31.03
C ASN A 1145 -11.31 -29.77 -31.13
N ARG A 1146 -12.61 -29.81 -30.87
CA ARG A 1146 -13.36 -31.06 -30.98
C ARG A 1146 -13.34 -31.56 -32.42
N LEU A 1147 -12.93 -32.80 -32.61
CA LEU A 1147 -12.85 -33.40 -33.93
C LEU A 1147 -13.72 -34.63 -34.08
N ASN A 1148 -13.61 -35.58 -33.16
CA ASN A 1148 -14.39 -36.82 -33.16
C ASN A 1148 -14.93 -37.08 -31.77
N ASP A 1149 -15.53 -36.06 -31.17
CA ASP A 1149 -15.98 -36.09 -29.78
C ASP A 1149 -14.83 -36.36 -28.82
N GLU A 1150 -13.63 -35.91 -29.19
CA GLU A 1150 -12.43 -36.10 -28.38
C GLU A 1150 -11.57 -34.85 -28.50
N ASN A 1151 -11.44 -34.10 -27.41
CA ASN A 1151 -10.56 -32.93 -27.37
C ASN A 1151 -9.17 -33.38 -26.92
N TYR A 1152 -8.42 -33.92 -27.86
CA TYR A 1152 -7.07 -34.39 -27.54
C TYR A 1152 -6.17 -33.23 -27.16
N ILE A 1153 -5.20 -33.51 -26.30
CA ILE A 1153 -4.36 -32.49 -25.70
C ILE A 1153 -3.09 -32.32 -26.53
N LEU A 1154 -2.79 -31.07 -26.90
CA LEU A 1154 -1.61 -30.76 -27.67
C LEU A 1154 -0.89 -29.55 -27.10
N LEU A 1155 0.41 -29.47 -27.35
CA LEU A 1155 1.20 -28.30 -26.99
C LEU A 1155 0.93 -27.18 -27.99
N ASP A 1156 0.67 -25.98 -27.47
CA ASP A 1156 0.42 -24.82 -28.32
C ASP A 1156 1.11 -23.61 -27.70
N LEU A 1157 1.54 -22.69 -28.57
CA LEU A 1157 2.14 -21.45 -28.11
C LEU A 1157 1.13 -20.67 -27.28
N VAL A 1158 1.58 -20.16 -26.13
CA VAL A 1158 0.66 -19.53 -25.19
C VAL A 1158 0.12 -18.24 -25.79
N SER A 1159 -1.20 -18.09 -25.75
CA SER A 1159 -1.88 -16.92 -26.28
C SER A 1159 -2.62 -16.22 -25.15
N LYS A 1160 -2.44 -14.92 -25.04
CA LYS A 1160 -2.93 -14.16 -23.90
C LYS A 1160 -4.32 -13.59 -24.16
N LEU A 1161 -4.99 -13.21 -23.06
CA LEU A 1161 -6.27 -12.52 -23.12
C LEU A 1161 -6.39 -11.71 -21.84
N ASP A 1162 -6.34 -10.38 -21.95
CA ASP A 1162 -6.31 -9.48 -20.80
C ASP A 1162 -5.07 -9.76 -19.94
N ASP A 1163 -3.90 -9.75 -20.58
CA ASP A 1163 -2.58 -9.91 -19.98
C ASP A 1163 -2.37 -11.31 -19.40
N GLU A 1164 -3.35 -12.19 -19.49
CA GLU A 1164 -3.23 -13.55 -18.99
C GLU A 1164 -3.66 -14.53 -20.08
N PRO A 1165 -3.10 -15.73 -20.07
CA PRO A 1165 -3.45 -16.72 -21.10
C PRO A 1165 -4.91 -17.14 -21.00
N LEU A 1166 -5.33 -17.95 -21.98
CA LEU A 1166 -6.70 -18.41 -22.05
C LEU A 1166 -6.97 -19.45 -20.96
N ASN A 1167 -8.26 -19.70 -20.73
CA ASN A 1167 -8.67 -20.67 -19.72
C ASN A 1167 -8.29 -22.09 -20.08
N ILE A 1168 -8.01 -22.36 -21.36
CA ILE A 1168 -7.71 -23.73 -21.78
C ILE A 1168 -6.36 -24.18 -21.24
N PHE A 1169 -5.37 -23.30 -21.26
CA PHE A 1169 -4.02 -23.66 -20.83
C PHE A 1169 -3.95 -23.99 -19.34
N TYR A 1170 -4.98 -23.65 -18.56
CA TYR A 1170 -5.00 -23.91 -17.13
C TYR A 1170 -5.67 -25.24 -16.85
N TRP A 1171 -5.05 -26.05 -16.02
CA TRP A 1171 -5.56 -27.37 -15.64
C TRP A 1171 -5.72 -27.45 -14.14
N GLU A 1172 -6.66 -28.28 -13.69
CA GLU A 1172 -6.97 -28.44 -12.28
C GLU A 1172 -6.83 -29.90 -11.88
N PHE A 1173 -6.28 -30.12 -10.69
CA PHE A 1173 -6.11 -31.46 -10.13
C PHE A 1173 -7.15 -31.67 -9.04
N ILE A 1174 -7.82 -32.81 -9.07
CA ILE A 1174 -8.82 -33.14 -8.07
C ILE A 1174 -8.47 -34.44 -7.36
N LYS B 2 -11.80 -26.34 -42.69
CA LYS B 2 -12.81 -27.21 -43.30
C LYS B 2 -13.71 -26.42 -44.23
N LEU B 3 -14.18 -25.25 -43.77
CA LEU B 3 -14.98 -24.38 -44.61
C LEU B 3 -14.08 -23.58 -45.54
N GLU B 4 -14.52 -23.42 -46.78
CA GLU B 4 -13.71 -22.81 -47.83
C GLU B 4 -14.28 -21.44 -48.19
N ILE B 5 -13.40 -20.45 -48.27
CA ILE B 5 -13.76 -19.13 -48.79
C ILE B 5 -13.50 -19.10 -50.28
N ASN B 6 -14.55 -18.91 -51.06
CA ASN B 6 -14.42 -18.88 -52.51
C ASN B 6 -13.84 -17.54 -52.95
N LYS B 7 -12.76 -17.58 -53.71
CA LYS B 7 -12.16 -16.37 -54.26
C LYS B 7 -12.88 -16.02 -55.55
N PHE B 8 -13.65 -14.94 -55.54
CA PHE B 8 -14.46 -14.54 -56.67
C PHE B 8 -14.06 -13.16 -57.17
N ASN B 9 -14.37 -12.92 -58.44
CA ASN B 9 -14.22 -11.62 -59.07
C ASN B 9 -15.58 -11.19 -59.58
N TYR B 10 -15.85 -9.89 -59.53
CA TYR B 10 -17.18 -9.40 -59.89
C TYR B 10 -17.54 -9.70 -61.35
N ASN B 11 -16.54 -9.93 -62.19
CA ASN B 11 -16.78 -10.23 -63.60
C ASN B 11 -17.07 -11.71 -63.85
N ASP B 12 -17.06 -12.54 -62.82
CA ASP B 12 -17.25 -13.96 -63.00
C ASP B 12 -18.65 -14.26 -63.54
N PRO B 13 -18.79 -15.19 -64.47
CA PRO B 13 -20.11 -15.52 -64.99
C PRO B 13 -20.98 -16.18 -63.92
N ILE B 14 -22.29 -15.95 -64.04
CA ILE B 14 -23.22 -16.47 -63.05
C ILE B 14 -23.32 -17.98 -63.18
N ASP B 15 -22.83 -18.70 -62.17
CA ASP B 15 -22.95 -20.15 -62.12
C ASP B 15 -24.35 -20.61 -61.76
N GLY B 16 -25.13 -19.79 -61.05
CA GLY B 16 -26.41 -20.18 -60.54
C GLY B 16 -26.36 -20.94 -59.22
N ILE B 17 -25.17 -21.27 -58.73
CA ILE B 17 -25.02 -22.00 -57.48
C ILE B 17 -24.10 -21.23 -56.55
N ASN B 18 -23.24 -20.38 -57.10
CA ASN B 18 -22.33 -19.58 -56.29
C ASN B 18 -22.39 -18.12 -56.67
N VAL B 19 -22.66 -17.83 -57.95
CA VAL B 19 -22.84 -16.48 -58.43
C VAL B 19 -24.25 -16.38 -59.00
N ILE B 20 -25.09 -15.57 -58.36
CA ILE B 20 -26.50 -15.48 -58.70
C ILE B 20 -26.90 -14.02 -58.84
N THR B 21 -28.15 -13.79 -59.20
CA THR B 21 -28.76 -12.46 -59.23
C THR B 21 -30.01 -12.52 -58.37
N MET B 22 -29.85 -12.28 -57.07
CA MET B 22 -30.96 -12.50 -56.15
C MET B 22 -31.98 -11.39 -56.26
N ARG B 23 -33.20 -11.73 -55.90
CA ARG B 23 -34.24 -10.76 -55.54
C ARG B 23 -34.08 -10.40 -54.06
N PRO B 24 -34.02 -9.12 -53.72
CA PRO B 24 -33.76 -8.73 -52.33
C PRO B 24 -34.80 -9.32 -51.40
N PRO B 25 -34.38 -9.80 -50.22
CA PRO B 25 -35.34 -10.47 -49.33
C PRO B 25 -36.46 -9.57 -48.82
N ARG B 26 -36.28 -8.25 -48.87
CA ARG B 26 -37.30 -7.31 -48.45
C ARG B 26 -38.10 -6.76 -49.62
N HIS B 27 -38.30 -7.57 -50.67
CA HIS B 27 -38.98 -7.10 -51.87
C HIS B 27 -40.45 -6.77 -51.61
N SER B 28 -41.05 -7.33 -50.56
CA SER B 28 -42.46 -7.09 -50.31
C SER B 28 -42.73 -5.67 -49.81
N ASP B 29 -41.74 -5.00 -49.25
CA ASP B 29 -41.93 -3.64 -48.77
C ASP B 29 -42.19 -2.69 -49.93
N LYS B 30 -43.08 -1.72 -49.69
CA LYS B 30 -43.45 -0.79 -50.76
C LYS B 30 -42.30 0.13 -51.14
N ILE B 31 -41.36 0.36 -50.22
CA ILE B 31 -40.21 1.20 -50.54
C ILE B 31 -39.21 0.44 -51.41
N ASN B 32 -39.29 -0.90 -51.41
CA ASN B 32 -38.41 -1.73 -52.21
C ASN B 32 -39.06 -2.26 -53.48
N LYS B 33 -40.20 -1.69 -53.87
CA LYS B 33 -40.87 -2.10 -55.08
C LYS B 33 -40.07 -1.64 -56.30
N GLY B 34 -39.63 -2.60 -57.11
CA GLY B 34 -38.90 -2.31 -58.32
C GLY B 34 -37.39 -2.47 -58.22
N LYS B 35 -36.85 -2.57 -57.01
CA LYS B 35 -35.40 -2.73 -56.85
C LYS B 35 -35.00 -4.11 -57.36
N GLY B 36 -34.35 -4.14 -58.52
CA GLY B 36 -34.15 -5.36 -59.25
C GLY B 36 -33.12 -6.29 -58.65
N PRO B 37 -32.94 -7.45 -59.26
CA PRO B 37 -31.98 -8.43 -58.73
C PRO B 37 -30.57 -7.87 -58.70
N PHE B 38 -29.84 -8.23 -57.65
CA PHE B 38 -28.46 -7.82 -57.47
C PHE B 38 -27.55 -9.04 -57.53
N LYS B 39 -26.36 -8.85 -58.11
CA LYS B 39 -25.39 -9.92 -58.19
C LYS B 39 -24.90 -10.31 -56.81
N ALA B 40 -24.85 -11.60 -56.54
CA ALA B 40 -24.45 -12.13 -55.24
C ALA B 40 -23.45 -13.26 -55.44
N PHE B 41 -22.45 -13.29 -54.57
CA PHE B 41 -21.39 -14.30 -54.63
C PHE B 41 -21.35 -15.04 -53.30
N GLN B 42 -21.50 -16.37 -53.35
CA GLN B 42 -21.48 -17.17 -52.14
C GLN B 42 -20.04 -17.33 -51.68
N VAL B 43 -19.65 -16.54 -50.68
CA VAL B 43 -18.25 -16.56 -50.25
C VAL B 43 -18.00 -17.75 -49.34
N ILE B 44 -18.92 -18.04 -48.43
CA ILE B 44 -18.90 -19.23 -47.61
C ILE B 44 -20.29 -19.83 -47.71
N LYS B 45 -20.39 -21.14 -47.44
CA LYS B 45 -21.67 -21.82 -47.52
C LYS B 45 -22.71 -21.10 -46.65
N ASN B 46 -23.80 -20.69 -47.29
CA ASN B 46 -24.88 -19.92 -46.68
C ASN B 46 -24.46 -18.52 -46.25
N ILE B 47 -23.41 -17.97 -46.86
CA ILE B 47 -23.01 -16.58 -46.66
C ILE B 47 -22.75 -15.96 -48.02
N TRP B 48 -23.48 -14.89 -48.34
CA TRP B 48 -23.41 -14.27 -49.66
C TRP B 48 -22.97 -12.82 -49.52
N ILE B 49 -22.07 -12.40 -50.41
CA ILE B 49 -21.66 -11.01 -50.53
C ILE B 49 -22.39 -10.41 -51.71
N VAL B 50 -23.07 -9.29 -51.47
CA VAL B 50 -23.78 -8.55 -52.51
C VAL B 50 -23.22 -7.14 -52.55
N PRO B 51 -22.31 -6.85 -53.48
CA PRO B 51 -21.71 -5.51 -53.51
C PRO B 51 -22.67 -4.44 -53.99
N GLU B 52 -23.68 -4.15 -53.16
CA GLU B 52 -24.61 -3.06 -53.42
C GLU B 52 -24.85 -2.29 -52.12
N ARG B 53 -25.19 -1.02 -52.26
CA ARG B 53 -25.53 -0.22 -51.10
C ARG B 53 -26.82 -0.73 -50.47
N TYR B 54 -26.83 -0.82 -49.15
CA TYR B 54 -28.00 -1.30 -48.43
C TYR B 54 -29.01 -0.17 -48.31
N ASN B 55 -30.12 -0.27 -49.04
CA ASN B 55 -31.13 0.77 -49.06
C ASN B 55 -32.53 0.17 -49.01
N PHE B 56 -32.71 -0.84 -48.14
CA PHE B 56 -33.94 -1.63 -48.14
C PHE B 56 -34.87 -1.35 -46.97
N THR B 57 -34.36 -0.83 -45.87
CA THR B 57 -35.18 -0.45 -44.73
C THR B 57 -35.51 1.04 -44.78
N ASN B 58 -36.54 1.43 -44.03
CA ASN B 58 -36.90 2.83 -43.96
C ASN B 58 -35.80 3.67 -43.34
N ASN B 59 -35.01 3.08 -42.44
CA ASN B 59 -33.89 3.79 -41.84
C ASN B 59 -32.85 4.15 -42.90
N THR B 60 -32.58 3.24 -43.83
CA THR B 60 -31.57 3.44 -44.86
C THR B 60 -32.17 3.61 -46.25
N ASN B 61 -33.41 4.08 -46.34
CA ASN B 61 -34.07 4.21 -47.63
C ASN B 61 -33.35 5.22 -48.53
N ASP B 62 -32.92 6.33 -47.96
CA ASP B 62 -32.26 7.40 -48.71
C ASP B 62 -30.77 7.37 -48.46
N LEU B 63 -30.00 7.65 -49.51
CA LEU B 63 -28.54 7.66 -49.43
C LEU B 63 -27.96 9.06 -49.50
N ASN B 64 -28.74 10.06 -49.89
CA ASN B 64 -28.22 11.40 -50.09
C ASN B 64 -27.90 12.06 -48.76
N ILE B 65 -27.28 13.22 -48.84
CA ILE B 65 -27.06 14.05 -47.64
C ILE B 65 -28.41 14.50 -47.11
N PRO B 66 -28.71 14.31 -45.82
CA PRO B 66 -30.08 14.56 -45.34
C PRO B 66 -30.51 16.01 -45.37
N SER B 67 -29.59 16.95 -45.60
CA SER B 67 -29.89 18.39 -45.59
C SER B 67 -30.46 18.82 -44.25
N GLU B 68 -30.02 18.16 -43.18
CA GLU B 68 -30.47 18.43 -41.82
C GLU B 68 -29.44 17.85 -40.89
N PRO B 69 -29.05 18.57 -39.82
CA PRO B 69 -28.06 18.01 -38.89
C PRO B 69 -28.53 16.68 -38.33
N ILE B 70 -27.59 15.76 -38.17
CA ILE B 70 -27.90 14.44 -37.66
C ILE B 70 -27.29 14.30 -36.26
N MET B 71 -27.62 13.21 -35.60
CA MET B 71 -27.18 12.98 -34.23
C MET B 71 -25.78 12.34 -34.15
N GLU B 72 -25.17 12.01 -35.29
CA GLU B 72 -23.85 11.41 -35.32
C GLU B 72 -22.84 12.43 -35.86
N ALA B 73 -21.74 12.61 -35.13
CA ALA B 73 -20.70 13.53 -35.58
C ALA B 73 -19.85 12.93 -36.70
N ASP B 74 -19.57 11.63 -36.63
CA ASP B 74 -18.75 10.94 -37.61
C ASP B 74 -19.66 10.27 -38.64
N ALA B 75 -19.78 10.87 -39.81
CA ALA B 75 -20.65 10.34 -40.86
C ALA B 75 -20.15 10.84 -42.21
N ILE B 76 -20.21 9.97 -43.21
CA ILE B 76 -19.92 10.33 -44.59
C ILE B 76 -21.13 9.99 -45.43
N TYR B 77 -21.55 10.90 -46.29
CA TYR B 77 -22.65 10.69 -47.21
C TYR B 77 -22.14 10.78 -48.63
N ASN B 78 -22.34 9.71 -49.41
CA ASN B 78 -21.82 9.64 -50.77
C ASN B 78 -22.75 8.76 -51.59
N PRO B 79 -23.79 9.34 -52.18
CA PRO B 79 -24.76 8.52 -52.93
C PRO B 79 -24.14 7.78 -54.10
N ASN B 80 -23.19 8.39 -54.80
CA ASN B 80 -22.56 7.76 -55.96
C ASN B 80 -21.32 6.97 -55.57
N TYR B 81 -21.49 6.08 -54.60
CA TYR B 81 -20.47 5.12 -54.21
C TYR B 81 -21.04 3.73 -54.43
N LEU B 82 -20.19 2.80 -54.87
CA LEU B 82 -20.60 1.45 -55.25
C LEU B 82 -21.59 1.45 -56.42
N ASN B 83 -21.56 2.49 -57.25
CA ASN B 83 -22.45 2.59 -58.40
C ASN B 83 -21.82 2.10 -59.69
N THR B 84 -20.55 1.70 -59.67
CA THR B 84 -19.84 1.30 -60.87
C THR B 84 -19.18 -0.07 -60.65
N PRO B 85 -19.00 -0.86 -61.71
CA PRO B 85 -18.40 -2.20 -61.52
C PRO B 85 -17.02 -2.18 -60.90
N SER B 86 -16.22 -1.12 -61.13
CA SER B 86 -14.90 -1.07 -60.53
C SER B 86 -14.98 -0.95 -59.01
N GLU B 87 -15.83 -0.04 -58.52
CA GLU B 87 -16.00 0.10 -57.08
C GLU B 87 -16.62 -1.15 -56.48
N LYS B 88 -17.56 -1.78 -57.20
CA LYS B 88 -18.15 -3.03 -56.71
C LYS B 88 -17.09 -4.12 -56.60
N ASP B 89 -16.22 -4.24 -57.59
CA ASP B 89 -15.15 -5.23 -57.53
C ASP B 89 -14.20 -4.94 -56.38
N GLU B 90 -13.84 -3.68 -56.17
CA GLU B 90 -12.97 -3.33 -55.06
C GLU B 90 -13.62 -3.69 -53.73
N PHE B 91 -14.91 -3.38 -53.58
CA PHE B 91 -15.62 -3.69 -52.35
C PHE B 91 -15.70 -5.20 -52.13
N LEU B 92 -15.99 -5.96 -53.18
CA LEU B 92 -16.07 -7.42 -53.04
C LEU B 92 -14.73 -8.00 -52.63
N GLN B 93 -13.64 -7.53 -53.26
CA GLN B 93 -12.32 -8.02 -52.89
C GLN B 93 -11.96 -7.63 -51.46
N GLY B 94 -12.34 -6.42 -51.04
CA GLY B 94 -12.08 -6.02 -49.67
C GLY B 94 -12.83 -6.85 -48.65
N VAL B 95 -14.10 -7.16 -48.95
CA VAL B 95 -14.88 -7.98 -48.04
C VAL B 95 -14.32 -9.40 -47.98
N ILE B 96 -13.91 -9.95 -49.13
CA ILE B 96 -13.31 -11.28 -49.13
C ILE B 96 -12.00 -11.27 -48.34
N LYS B 97 -11.22 -10.19 -48.47
CA LYS B 97 -9.98 -10.09 -47.71
C LYS B 97 -10.26 -10.01 -46.21
N VAL B 98 -11.29 -9.26 -45.81
CA VAL B 98 -11.64 -9.17 -44.40
C VAL B 98 -12.11 -10.53 -43.88
N LEU B 99 -12.88 -11.25 -44.69
CA LEU B 99 -13.37 -12.56 -44.28
C LEU B 99 -12.22 -13.56 -44.12
N GLU B 100 -11.25 -13.54 -45.04
CA GLU B 100 -10.13 -14.46 -44.91
C GLU B 100 -9.14 -13.99 -43.84
N ARG B 101 -9.18 -12.72 -43.47
CA ARG B 101 -8.47 -12.27 -42.27
C ARG B 101 -9.12 -12.82 -41.01
N ILE B 102 -10.45 -12.82 -40.97
CA ILE B 102 -11.16 -13.39 -39.83
C ILE B 102 -10.91 -14.89 -39.74
N LYS B 103 -10.97 -15.59 -40.87
CA LYS B 103 -10.78 -17.04 -40.88
C LYS B 103 -9.37 -17.45 -40.49
N SER B 104 -8.39 -16.53 -40.56
CA SER B 104 -7.01 -16.90 -40.28
C SER B 104 -6.85 -17.38 -38.83
N LYS B 105 -7.44 -16.67 -37.89
CA LYS B 105 -7.36 -17.10 -36.50
C LYS B 105 -8.38 -18.20 -36.23
N PRO B 106 -8.07 -19.12 -35.31
CA PRO B 106 -9.03 -20.20 -35.02
C PRO B 106 -10.36 -19.71 -34.48
N GLU B 107 -10.36 -18.62 -33.70
CA GLU B 107 -11.61 -18.09 -33.16
C GLU B 107 -12.51 -17.58 -34.28
N GLY B 108 -11.93 -16.87 -35.25
CA GLY B 108 -12.71 -16.42 -36.39
C GLY B 108 -13.22 -17.57 -37.23
N GLU B 109 -12.42 -18.62 -37.39
CA GLU B 109 -12.87 -19.80 -38.11
C GLU B 109 -14.05 -20.45 -37.40
N LYS B 110 -13.99 -20.55 -36.07
CA LYS B 110 -15.10 -21.10 -35.31
C LYS B 110 -16.35 -20.23 -35.47
N LEU B 111 -16.18 -18.91 -35.43
CA LEU B 111 -17.32 -18.01 -35.58
C LEU B 111 -17.96 -18.14 -36.97
N LEU B 112 -17.14 -18.21 -38.01
CA LEU B 112 -17.67 -18.36 -39.36
C LEU B 112 -18.37 -19.70 -39.54
N GLU B 113 -17.80 -20.77 -38.98
CA GLU B 113 -18.47 -22.07 -39.04
C GLU B 113 -19.81 -22.03 -38.30
N LEU B 114 -19.85 -21.35 -37.15
CA LEU B 114 -21.08 -21.26 -36.38
C LEU B 114 -22.15 -20.50 -37.14
N ILE B 115 -21.76 -19.42 -37.82
CA ILE B 115 -22.72 -18.66 -38.61
C ILE B 115 -23.22 -19.48 -39.80
N SER B 116 -22.30 -20.14 -40.51
CA SER B 116 -22.69 -20.92 -41.67
C SER B 116 -23.42 -22.20 -41.32
N SER B 117 -23.43 -22.60 -40.04
CA SER B 117 -24.04 -23.85 -39.62
C SER B 117 -25.35 -23.67 -38.86
N SER B 118 -25.55 -22.54 -38.20
CA SER B 118 -26.72 -22.33 -37.34
C SER B 118 -27.80 -21.65 -38.18
N ILE B 119 -28.60 -22.47 -38.86
CA ILE B 119 -29.67 -21.98 -39.73
C ILE B 119 -30.90 -21.65 -38.89
N PRO B 120 -31.80 -20.79 -39.37
CA PRO B 120 -33.07 -20.59 -38.65
C PRO B 120 -33.91 -21.85 -38.68
N LEU B 121 -34.83 -21.94 -37.72
CA LEU B 121 -35.68 -23.13 -37.63
C LEU B 121 -36.57 -23.23 -38.85
N PRO B 122 -36.50 -24.33 -39.60
CA PRO B 122 -37.33 -24.46 -40.80
C PRO B 122 -38.73 -24.94 -40.47
N LEU B 123 -39.63 -24.71 -41.43
CA LEU B 123 -41.03 -25.09 -41.21
C LEU B 123 -41.19 -26.60 -41.36
N VAL B 124 -42.35 -27.10 -40.93
CA VAL B 124 -42.66 -28.52 -41.01
C VAL B 124 -43.75 -28.73 -42.06
N SER B 125 -43.54 -29.70 -42.93
CA SER B 125 -44.52 -30.05 -43.95
C SER B 125 -44.48 -31.55 -44.14
N ASN B 126 -45.60 -32.23 -43.84
CA ASN B 126 -45.70 -33.67 -43.99
C ASN B 126 -44.59 -34.40 -43.24
N GLY B 127 -44.24 -33.86 -42.07
CA GLY B 127 -43.21 -34.45 -41.25
C GLY B 127 -41.79 -34.18 -41.67
N ALA B 128 -41.57 -33.30 -42.65
CA ALA B 128 -40.24 -32.99 -43.14
C ALA B 128 -39.95 -31.51 -42.98
N LEU B 129 -38.71 -31.19 -42.59
CA LEU B 129 -38.29 -29.81 -42.47
C LEU B 129 -38.10 -29.20 -43.86
N THR B 130 -38.64 -28.00 -44.06
CA THR B 130 -38.57 -27.31 -45.33
C THR B 130 -38.19 -25.85 -45.12
N LEU B 131 -37.44 -25.33 -46.08
CA LEU B 131 -37.00 -23.95 -46.10
C LEU B 131 -38.15 -23.02 -46.45
N SER B 132 -38.01 -21.75 -46.04
CA SER B 132 -38.97 -20.71 -46.35
C SER B 132 -38.19 -19.47 -46.77
N ASP B 133 -38.92 -18.38 -47.05
CA ASP B 133 -38.24 -17.14 -47.39
C ASP B 133 -37.50 -16.54 -46.21
N ASN B 134 -37.71 -17.06 -45.01
CA ASN B 134 -36.95 -16.63 -43.84
C ASN B 134 -35.52 -17.15 -43.84
N GLU B 135 -35.20 -18.09 -44.74
CA GLU B 135 -33.86 -18.67 -44.79
C GLU B 135 -33.26 -18.74 -46.19
N THR B 136 -34.00 -18.38 -47.23
CA THR B 136 -33.54 -18.54 -48.60
C THR B 136 -33.62 -17.23 -49.36
N ILE B 137 -32.73 -17.08 -50.33
CA ILE B 137 -32.71 -15.96 -51.26
C ILE B 137 -33.12 -16.46 -52.63
N ALA B 138 -33.97 -15.67 -53.30
CA ALA B 138 -34.60 -16.09 -54.55
C ALA B 138 -33.78 -15.59 -55.74
N TYR B 139 -33.06 -16.50 -56.38
CA TYR B 139 -32.32 -16.23 -57.60
C TYR B 139 -33.28 -16.23 -58.79
N GLN B 140 -33.25 -15.14 -59.56
CA GLN B 140 -34.34 -14.72 -60.43
C GLN B 140 -33.83 -14.28 -61.80
N GLU B 141 -34.58 -14.60 -62.85
CA GLU B 141 -34.43 -14.00 -64.16
C GLU B 141 -35.79 -13.59 -64.73
N ASN B 142 -35.78 -12.48 -65.47
CA ASN B 142 -36.93 -12.05 -66.27
C ASN B 142 -38.20 -11.97 -65.42
N ASN B 143 -38.07 -11.38 -64.24
CA ASN B 143 -39.18 -11.20 -63.31
C ASN B 143 -39.82 -12.54 -62.92
N ASN B 144 -39.02 -13.59 -62.90
CA ASN B 144 -39.51 -14.93 -62.56
C ASN B 144 -38.50 -15.59 -61.64
N ILE B 145 -38.97 -16.03 -60.47
CA ILE B 145 -38.09 -16.69 -59.51
C ILE B 145 -37.76 -18.08 -60.02
N VAL B 146 -36.46 -18.38 -60.12
CA VAL B 146 -36.00 -19.65 -60.65
C VAL B 146 -35.55 -20.60 -59.54
N SER B 147 -34.76 -20.13 -58.58
CA SER B 147 -34.31 -21.07 -57.56
C SER B 147 -34.09 -20.36 -56.23
N ASN B 148 -34.55 -20.99 -55.16
CA ASN B 148 -34.39 -20.46 -53.81
C ASN B 148 -33.17 -21.13 -53.17
N LEU B 149 -32.09 -20.37 -53.02
CA LEU B 149 -30.84 -20.88 -52.47
C LEU B 149 -30.74 -20.56 -50.99
N GLN B 150 -30.24 -21.51 -50.21
CA GLN B 150 -30.11 -21.31 -48.77
C GLN B 150 -29.12 -20.18 -48.47
N ALA B 151 -29.42 -19.40 -47.44
CA ALA B 151 -28.58 -18.26 -47.09
C ALA B 151 -28.83 -17.90 -45.64
N ASN B 152 -27.82 -18.10 -44.78
CA ASN B 152 -27.90 -17.69 -43.39
C ASN B 152 -27.56 -16.22 -43.19
N LEU B 153 -26.96 -15.57 -44.19
CA LEU B 153 -26.48 -14.21 -44.04
C LEU B 153 -26.26 -13.61 -45.43
N VAL B 154 -26.67 -12.36 -45.61
CA VAL B 154 -26.42 -11.64 -46.84
C VAL B 154 -25.64 -10.38 -46.49
N ILE B 155 -24.51 -10.16 -47.15
CA ILE B 155 -23.62 -9.04 -46.87
C ILE B 155 -23.74 -8.03 -48.00
N TYR B 156 -24.17 -6.82 -47.66
CA TYR B 156 -24.31 -5.72 -48.60
C TYR B 156 -23.20 -4.71 -48.37
N GLY B 157 -23.26 -3.61 -49.12
CA GLY B 157 -22.42 -2.47 -48.84
C GLY B 157 -23.01 -1.63 -47.73
N PRO B 158 -22.39 -0.48 -47.49
CA PRO B 158 -22.88 0.42 -46.43
C PRO B 158 -24.19 1.08 -46.84
N GLY B 159 -24.88 1.60 -45.82
CA GLY B 159 -26.12 2.30 -46.05
C GLY B 159 -25.86 3.71 -46.55
N PRO B 160 -26.64 4.68 -46.06
CA PRO B 160 -26.35 6.08 -46.39
C PRO B 160 -25.02 6.52 -45.83
N ASP B 161 -24.80 6.26 -44.54
CA ASP B 161 -23.53 6.51 -43.88
C ASP B 161 -22.54 5.46 -44.35
N ILE B 162 -21.67 5.83 -45.30
CA ILE B 162 -20.81 4.86 -45.97
C ILE B 162 -19.70 4.39 -45.04
N ALA B 163 -19.66 4.92 -43.83
CA ALA B 163 -18.70 4.48 -42.82
C ALA B 163 -19.38 3.72 -41.69
N ASN B 164 -20.67 3.42 -41.80
CA ASN B 164 -21.43 2.81 -40.73
C ASN B 164 -21.61 1.32 -40.95
N ASN B 165 -21.77 0.60 -39.86
CA ASN B 165 -22.05 -0.82 -39.87
C ASN B 165 -23.41 -1.08 -39.24
N ALA B 166 -24.09 -2.11 -39.74
CA ALA B 166 -25.40 -2.44 -39.18
C ALA B 166 -25.74 -3.88 -39.52
N THR B 167 -26.57 -4.48 -38.66
CA THR B 167 -27.11 -5.81 -38.88
C THR B 167 -28.62 -5.74 -38.70
N TYR B 168 -29.36 -6.29 -39.65
CA TYR B 168 -30.81 -6.29 -39.60
C TYR B 168 -31.32 -7.71 -39.74
N GLY B 169 -32.43 -8.00 -39.06
CA GLY B 169 -33.12 -9.25 -39.26
C GLY B 169 -33.97 -9.21 -40.51
N LEU B 170 -34.77 -10.25 -40.68
CA LEU B 170 -35.69 -10.32 -41.82
C LEU B 170 -37.15 -10.29 -41.40
N TYR B 171 -37.53 -11.08 -40.42
CA TYR B 171 -38.91 -11.15 -39.95
C TYR B 171 -38.96 -10.86 -38.46
N SER B 172 -40.03 -10.17 -38.03
CA SER B 172 -40.08 -9.65 -36.67
C SER B 172 -40.11 -10.77 -35.64
N THR B 173 -41.13 -11.62 -35.69
CA THR B 173 -41.31 -12.65 -34.65
C THR B 173 -40.17 -13.66 -34.56
N PRO B 174 -39.62 -14.21 -35.66
CA PRO B 174 -38.56 -15.22 -35.50
C PRO B 174 -37.29 -14.70 -34.83
N ILE B 175 -37.09 -13.39 -34.77
CA ILE B 175 -35.90 -12.86 -34.11
C ILE B 175 -35.93 -13.13 -32.62
N SER B 176 -37.10 -13.02 -32.00
CA SER B 176 -37.20 -13.04 -30.54
C SER B 176 -37.83 -14.30 -29.97
N ASN B 177 -38.58 -15.07 -30.76
CA ASN B 177 -39.25 -16.25 -30.23
C ASN B 177 -38.44 -17.52 -30.41
N GLY B 178 -37.12 -17.41 -30.60
CA GLY B 178 -36.26 -18.57 -30.66
C GLY B 178 -36.19 -19.25 -32.01
N GLU B 179 -37.06 -18.88 -32.95
CA GLU B 179 -37.01 -19.51 -34.28
C GLU B 179 -35.71 -19.18 -35.00
N GLY B 180 -35.29 -17.92 -34.97
CA GLY B 180 -34.17 -17.47 -35.76
C GLY B 180 -34.60 -16.99 -37.13
N THR B 181 -33.73 -16.18 -37.75
CA THR B 181 -34.09 -15.56 -39.01
C THR B 181 -32.85 -15.22 -39.81
N LEU B 182 -33.07 -14.94 -41.09
CA LEU B 182 -32.00 -14.47 -41.97
C LEU B 182 -31.55 -13.08 -41.56
N SER B 183 -30.29 -12.78 -41.82
CA SER B 183 -29.71 -11.50 -41.45
C SER B 183 -29.08 -10.82 -42.66
N GLU B 184 -29.12 -9.49 -42.64
CA GLU B 184 -28.50 -8.65 -43.66
C GLU B 184 -27.53 -7.71 -42.97
N VAL B 185 -26.26 -7.78 -43.36
CA VAL B 185 -25.20 -7.00 -42.72
C VAL B 185 -24.70 -5.99 -43.74
N SER B 186 -24.74 -4.71 -43.36
CA SER B 186 -24.26 -3.62 -44.21
C SER B 186 -23.02 -3.03 -43.56
N PHE B 187 -21.90 -3.06 -44.29
CA PHE B 187 -20.65 -2.45 -43.76
C PHE B 187 -19.71 -2.14 -44.92
N SER B 188 -18.84 -1.15 -44.72
CA SER B 188 -17.80 -0.81 -45.69
C SER B 188 -16.44 -1.17 -45.10
N PRO B 189 -15.63 -2.00 -45.77
CA PRO B 189 -14.32 -2.33 -45.23
C PRO B 189 -13.26 -1.27 -45.48
N PHE B 190 -13.52 -0.30 -46.34
CA PHE B 190 -12.55 0.74 -46.66
C PHE B 190 -12.74 2.01 -45.85
N TYR B 191 -13.97 2.50 -45.71
CA TYR B 191 -14.24 3.70 -44.94
C TYR B 191 -14.42 3.33 -43.47
N LEU B 192 -13.67 4.00 -42.60
CA LEU B 192 -13.55 3.61 -41.21
C LEU B 192 -13.86 4.79 -40.31
N LYS B 193 -14.28 4.49 -39.07
CA LYS B 193 -14.54 5.51 -38.07
C LYS B 193 -13.51 5.38 -36.94
N PRO B 194 -12.50 6.25 -36.89
CA PRO B 194 -11.50 6.14 -35.83
C PRO B 194 -12.06 6.46 -34.47
N PHE B 195 -11.40 5.94 -33.44
CA PHE B 195 -11.77 6.21 -32.06
C PHE B 195 -10.61 6.87 -31.32
N ASP B 196 -10.95 7.88 -30.52
CA ASP B 196 -9.96 8.66 -29.78
C ASP B 196 -9.76 8.02 -28.41
N GLU B 197 -8.70 7.24 -28.28
CA GLU B 197 -8.36 6.60 -27.01
C GLU B 197 -7.20 7.38 -26.39
N SER B 198 -7.53 8.49 -25.74
CA SER B 198 -6.54 9.39 -25.18
C SER B 198 -6.41 9.33 -23.66
N TYR B 199 -7.47 8.96 -22.94
CA TYR B 199 -7.37 8.94 -21.48
C TYR B 199 -8.05 7.74 -20.84
N GLY B 200 -8.36 6.68 -21.60
CA GLY B 200 -9.04 5.54 -21.02
C GLY B 200 -8.14 4.43 -20.52
N ASN B 201 -7.31 3.87 -21.40
CA ASN B 201 -6.40 2.80 -21.04
C ASN B 201 -5.12 3.38 -20.46
N TYR B 202 -4.83 3.03 -19.20
CA TYR B 202 -3.55 3.39 -18.62
C TYR B 202 -2.42 2.55 -19.19
N ARG B 203 -2.72 1.37 -19.74
CA ARG B 203 -1.72 0.54 -20.37
C ARG B 203 -1.20 1.20 -21.64
N SER B 204 0.09 1.04 -21.91
CA SER B 204 0.70 1.61 -23.10
C SER B 204 0.10 1.01 -24.36
N LEU B 205 -0.65 1.80 -25.11
CA LEU B 205 -1.28 1.31 -26.33
C LEU B 205 -0.31 1.26 -27.49
N VAL B 206 0.80 1.97 -27.41
CA VAL B 206 1.80 2.03 -28.48
C VAL B 206 3.19 1.89 -27.86
N ASN B 207 4.20 2.02 -28.71
CA ASN B 207 5.58 1.86 -28.26
C ASN B 207 5.98 2.99 -27.32
N ILE B 208 6.91 2.67 -26.41
CA ILE B 208 7.31 3.64 -25.39
C ILE B 208 8.14 4.76 -26.01
N VAL B 209 8.90 4.46 -27.08
CA VAL B 209 9.76 5.43 -27.72
C VAL B 209 9.17 5.88 -29.07
N ASN B 210 7.85 5.85 -29.19
CA ASN B 210 7.20 6.15 -30.47
C ASN B 210 7.21 7.65 -30.77
N LYS B 211 7.25 8.49 -29.72
CA LYS B 211 7.06 9.93 -29.86
C LYS B 211 5.71 10.25 -30.49
N PHE B 212 4.68 9.51 -30.07
CA PHE B 212 3.34 9.63 -30.63
C PHE B 212 2.70 10.92 -30.16
N VAL B 213 2.35 11.80 -31.10
CA VAL B 213 1.73 13.07 -30.74
C VAL B 213 0.32 12.84 -30.21
N LYS B 214 -0.47 12.04 -30.90
CA LYS B 214 -1.86 11.79 -30.53
C LYS B 214 -2.13 10.29 -30.54
N ARG B 215 -2.88 9.83 -29.55
CA ARG B 215 -3.31 8.43 -29.48
C ARG B 215 -4.70 8.26 -30.06
N GLU B 216 -4.81 8.51 -31.36
CA GLU B 216 -6.04 8.33 -32.10
C GLU B 216 -5.86 7.16 -33.06
N PHE B 217 -6.58 6.08 -32.81
CA PHE B 217 -6.43 4.83 -33.55
C PHE B 217 -7.57 4.65 -34.53
N ALA B 218 -7.31 3.88 -35.58
CA ALA B 218 -8.33 3.49 -36.53
C ALA B 218 -8.73 2.04 -36.31
N PRO B 219 -10.01 1.71 -36.43
CA PRO B 219 -10.45 0.35 -36.15
C PRO B 219 -9.97 -0.62 -37.21
N ASP B 220 -10.00 -1.88 -36.87
CA ASP B 220 -9.66 -2.90 -37.86
C ASP B 220 -10.93 -3.36 -38.56
N PRO B 221 -10.97 -3.32 -39.90
CA PRO B 221 -12.18 -3.80 -40.59
C PRO B 221 -12.55 -5.23 -40.24
N ALA B 222 -11.58 -6.07 -39.88
CA ALA B 222 -11.91 -7.42 -39.42
C ALA B 222 -12.74 -7.38 -38.15
N SER B 223 -12.34 -6.55 -37.19
CA SER B 223 -13.10 -6.45 -35.95
C SER B 223 -14.40 -5.68 -36.13
N THR B 224 -14.42 -4.74 -37.08
CA THR B 224 -15.66 -4.02 -37.36
C THR B 224 -16.72 -4.96 -37.91
N LEU B 225 -16.34 -5.86 -38.82
CA LEU B 225 -17.28 -6.87 -39.30
C LEU B 225 -17.57 -7.91 -38.25
N MET B 226 -16.54 -8.33 -37.50
CA MET B 226 -16.71 -9.39 -36.50
C MET B 226 -17.63 -8.95 -35.37
N HIS B 227 -17.94 -7.66 -35.27
CA HIS B 227 -19.02 -7.21 -34.41
C HIS B 227 -20.38 -7.63 -34.97
N GLU B 228 -20.59 -7.40 -36.26
CA GLU B 228 -21.88 -7.72 -36.89
C GLU B 228 -22.11 -9.23 -36.97
N LEU B 229 -21.04 -10.03 -36.99
CA LEU B 229 -21.22 -11.47 -36.99
C LEU B 229 -21.87 -11.95 -35.70
N VAL B 230 -21.59 -11.28 -34.58
CA VAL B 230 -22.24 -11.64 -33.32
C VAL B 230 -23.72 -11.31 -33.37
N HIS B 231 -24.08 -10.17 -33.96
CA HIS B 231 -25.50 -9.86 -34.14
C HIS B 231 -26.16 -10.87 -35.05
N VAL B 232 -25.46 -11.32 -36.08
CA VAL B 232 -25.99 -12.36 -36.97
C VAL B 232 -26.25 -13.63 -36.18
N THR B 233 -25.32 -14.01 -35.30
CA THR B 233 -25.53 -15.19 -34.47
C THR B 233 -26.74 -15.02 -33.57
N HIS B 234 -26.88 -13.86 -32.93
CA HIS B 234 -28.04 -13.61 -32.08
C HIS B 234 -29.34 -13.75 -32.86
N ASN B 235 -29.38 -13.18 -34.06
CA ASN B 235 -30.59 -13.31 -34.89
C ASN B 235 -30.84 -14.75 -35.29
N LEU B 236 -29.78 -15.48 -35.64
CA LEU B 236 -29.94 -16.85 -36.10
C LEU B 236 -30.43 -17.77 -34.99
N TYR B 237 -30.07 -17.49 -33.74
CA TYR B 237 -30.50 -18.33 -32.63
C TYR B 237 -31.77 -17.85 -31.95
N GLY B 238 -32.39 -16.76 -32.44
CA GLY B 238 -33.56 -16.22 -31.77
C GLY B 238 -33.24 -15.67 -30.40
N ILE B 239 -32.41 -14.63 -30.36
CA ILE B 239 -31.84 -14.13 -29.10
C ILE B 239 -32.13 -12.65 -28.91
N SER B 240 -32.28 -11.90 -30.00
CA SER B 240 -32.29 -10.45 -29.92
C SER B 240 -33.67 -10.08 -29.37
N ASN B 241 -33.64 -9.17 -28.40
CA ASN B 241 -34.83 -8.52 -27.79
C ASN B 241 -34.49 -7.01 -27.72
N ARG B 242 -35.36 -6.15 -28.24
CA ARG B 242 -35.09 -4.68 -28.25
C ARG B 242 -35.75 -3.99 -27.05
N ASN B 243 -36.30 -4.75 -26.09
CA ASN B 243 -36.99 -4.14 -24.97
C ASN B 243 -36.03 -3.51 -23.99
N PHE B 244 -34.81 -4.03 -23.89
CA PHE B 244 -33.79 -3.48 -23.00
C PHE B 244 -33.01 -2.42 -23.78
N TYR B 245 -33.46 -1.18 -23.69
CA TYR B 245 -32.83 -0.10 -24.43
C TYR B 245 -32.70 1.12 -23.53
N TYR B 246 -31.64 1.89 -23.74
CA TYR B 246 -31.42 3.15 -23.05
C TYR B 246 -32.08 4.25 -23.85
N ASN B 247 -33.10 4.88 -23.28
CA ASN B 247 -33.75 6.02 -23.91
C ASN B 247 -32.96 7.27 -23.54
N PHE B 248 -32.29 7.86 -24.53
CA PHE B 248 -31.44 9.01 -24.29
C PHE B 248 -32.17 10.34 -24.45
N ASP B 249 -33.50 10.32 -24.53
CA ASP B 249 -34.30 11.53 -24.70
C ASP B 249 -34.74 12.01 -23.32
N THR B 250 -34.02 12.99 -22.78
CA THR B 250 -34.37 13.64 -21.52
C THR B 250 -34.52 15.13 -21.79
N GLY B 251 -35.66 15.70 -21.40
CA GLY B 251 -35.92 17.10 -21.66
C GLY B 251 -35.75 18.01 -20.46
N LYS B 252 -35.74 17.44 -19.25
CA LYS B 252 -35.69 18.27 -18.05
C LYS B 252 -34.33 18.89 -17.85
N ILE B 253 -33.26 18.11 -18.02
CA ILE B 253 -31.91 18.66 -17.87
C ILE B 253 -31.62 19.64 -19.00
N GLU B 254 -32.14 19.38 -20.20
CA GLU B 254 -32.15 20.30 -21.33
C GLU B 254 -30.76 20.42 -21.96
N THR B 255 -29.76 19.80 -21.33
CA THR B 255 -28.42 19.66 -21.92
C THR B 255 -28.16 18.16 -22.01
N SER B 256 -28.62 17.55 -23.09
CA SER B 256 -28.45 16.13 -23.32
C SER B 256 -27.86 15.91 -24.70
N ARG B 257 -27.07 14.84 -24.84
CA ARG B 257 -26.36 14.62 -26.09
C ARG B 257 -27.31 14.40 -27.26
N GLN B 258 -28.57 14.05 -26.99
CA GLN B 258 -29.57 13.82 -28.03
C GLN B 258 -29.09 12.75 -29.01
N GLN B 259 -28.95 11.54 -28.48
CA GLN B 259 -28.51 10.39 -29.25
C GLN B 259 -29.67 9.41 -29.42
N ASN B 260 -29.54 8.54 -30.41
CA ASN B 260 -30.55 7.51 -30.65
C ASN B 260 -30.53 6.47 -29.55
N SER B 261 -31.67 5.79 -29.38
CA SER B 261 -31.79 4.78 -28.34
C SER B 261 -30.78 3.67 -28.54
N LEU B 262 -30.12 3.29 -27.46
CA LEU B 262 -29.05 2.30 -27.48
C LEU B 262 -29.55 0.99 -26.89
N ILE B 263 -29.55 -0.07 -27.69
CA ILE B 263 -30.05 -1.36 -27.25
C ILE B 263 -29.04 -2.01 -26.33
N PHE B 264 -29.53 -2.65 -25.26
CA PHE B 264 -28.63 -3.41 -24.39
C PHE B 264 -27.95 -4.55 -25.12
N GLU B 265 -28.61 -5.11 -26.13
CA GLU B 265 -27.98 -6.14 -26.95
C GLU B 265 -26.74 -5.58 -27.65
N GLU B 266 -26.79 -4.28 -27.98
CA GLU B 266 -25.70 -3.57 -28.68
C GLU B 266 -24.43 -3.47 -27.84
N LEU B 267 -24.55 -3.14 -26.57
CA LEU B 267 -23.42 -3.10 -25.65
C LEU B 267 -22.92 -4.50 -25.29
N LEU B 268 -23.84 -5.45 -25.17
CA LEU B 268 -23.44 -6.83 -24.93
C LEU B 268 -22.63 -7.37 -26.10
N THR B 269 -23.02 -7.00 -27.32
CA THR B 269 -22.29 -7.41 -28.51
C THR B 269 -20.91 -6.77 -28.55
N PHE B 270 -20.80 -5.49 -28.19
CA PHE B 270 -19.50 -4.83 -28.20
C PHE B 270 -18.60 -5.37 -27.10
N GLY B 271 -19.14 -5.59 -25.91
CA GLY B 271 -18.35 -6.08 -24.81
C GLY B 271 -17.52 -4.99 -24.16
N GLY B 272 -16.62 -5.42 -23.27
CA GLY B 272 -15.74 -4.50 -22.59
C GLY B 272 -16.33 -3.89 -21.34
N ILE B 273 -15.96 -2.64 -21.05
CA ILE B 273 -16.40 -1.99 -19.82
C ILE B 273 -17.92 -1.77 -19.85
N ASP B 274 -18.46 -1.33 -20.98
CA ASP B 274 -19.88 -0.99 -21.05
C ASP B 274 -20.76 -2.21 -20.78
N SER B 275 -20.34 -3.38 -21.27
CA SER B 275 -21.16 -4.57 -21.12
C SER B 275 -21.29 -5.00 -19.67
N LYS B 276 -20.23 -4.82 -18.87
CA LYS B 276 -20.23 -5.36 -17.51
C LYS B 276 -21.35 -4.78 -16.66
N ALA B 277 -21.80 -3.57 -16.97
CA ALA B 277 -22.91 -2.99 -16.21
C ALA B 277 -24.23 -3.67 -16.54
N ILE B 278 -24.41 -4.11 -17.78
CA ILE B 278 -25.67 -4.64 -18.25
C ILE B 278 -25.56 -6.11 -18.63
N SER B 279 -24.41 -6.74 -18.41
CA SER B 279 -24.21 -8.10 -18.89
C SER B 279 -25.15 -9.08 -18.22
N SER B 280 -25.19 -9.09 -16.88
CA SER B 280 -25.92 -10.11 -16.17
C SER B 280 -27.43 -10.00 -16.42
N LEU B 281 -27.95 -8.78 -16.44
CA LEU B 281 -29.40 -8.59 -16.58
C LEU B 281 -29.91 -9.12 -17.91
N ILE B 282 -29.37 -8.61 -19.01
CA ILE B 282 -29.88 -8.96 -20.33
C ILE B 282 -29.57 -10.42 -20.65
N ILE B 283 -28.39 -10.91 -20.24
CA ILE B 283 -28.05 -12.31 -20.49
C ILE B 283 -29.00 -13.23 -19.75
N LYS B 284 -29.27 -12.93 -18.48
CA LYS B 284 -30.19 -13.78 -17.71
C LYS B 284 -31.58 -13.76 -18.31
N LYS B 285 -32.09 -12.57 -18.67
CA LYS B 285 -33.43 -12.50 -19.25
C LYS B 285 -33.51 -13.26 -20.57
N ILE B 286 -32.51 -13.07 -21.44
CA ILE B 286 -32.52 -13.74 -22.74
C ILE B 286 -32.47 -15.25 -22.56
N ILE B 287 -31.59 -15.74 -21.69
CA ILE B 287 -31.47 -17.18 -21.54
C ILE B 287 -32.73 -17.76 -20.92
N GLU B 288 -33.30 -17.07 -19.92
CA GLU B 288 -34.52 -17.57 -19.29
C GLU B 288 -35.67 -17.64 -20.27
N THR B 289 -35.83 -16.63 -21.12
CA THR B 289 -36.92 -16.67 -22.09
C THR B 289 -36.62 -17.61 -23.26
N ALA B 290 -35.34 -17.79 -23.60
CA ALA B 290 -34.99 -18.65 -24.72
C ALA B 290 -35.13 -20.11 -24.36
N LYS B 291 -34.91 -20.47 -23.09
CA LYS B 291 -35.18 -21.83 -22.68
C LYS B 291 -36.65 -22.18 -22.89
N ASN B 292 -37.55 -21.29 -22.47
CA ASN B 292 -38.98 -21.53 -22.67
C ASN B 292 -39.32 -21.57 -24.16
N ASN B 293 -38.77 -20.64 -24.95
CA ASN B 293 -39.09 -20.61 -26.37
C ASN B 293 -38.63 -21.87 -27.06
N TYR B 294 -37.41 -22.33 -26.77
CA TYR B 294 -36.89 -23.52 -27.43
C TYR B 294 -37.59 -24.78 -26.96
N THR B 295 -37.96 -24.84 -25.67
CA THR B 295 -38.73 -25.98 -25.19
C THR B 295 -40.08 -26.05 -25.89
N THR B 296 -40.76 -24.92 -26.05
CA THR B 296 -42.04 -24.91 -26.75
C THR B 296 -41.87 -25.29 -28.22
N LEU B 297 -40.82 -24.76 -28.87
CA LEU B 297 -40.60 -25.08 -30.28
C LEU B 297 -40.31 -26.56 -30.48
N ILE B 298 -39.47 -27.14 -29.62
CA ILE B 298 -39.14 -28.56 -29.75
C ILE B 298 -40.36 -29.42 -29.41
N SER B 299 -41.15 -28.99 -28.43
CA SER B 299 -42.33 -29.76 -28.04
C SER B 299 -43.36 -29.83 -29.15
N GLU B 300 -43.57 -28.74 -29.88
CA GLU B 300 -44.67 -28.66 -30.83
C GLU B 300 -44.24 -28.74 -32.29
N ARG B 301 -42.99 -28.44 -32.62
CA ARG B 301 -42.53 -28.47 -34.00
C ARG B 301 -41.48 -29.54 -34.27
N LEU B 302 -40.39 -29.56 -33.49
CA LEU B 302 -39.33 -30.51 -33.74
C LEU B 302 -39.78 -31.94 -33.46
N ASN B 303 -40.72 -32.13 -32.54
CA ASN B 303 -41.22 -33.47 -32.23
C ASN B 303 -42.21 -33.98 -33.26
N THR B 304 -42.66 -33.15 -34.19
CA THR B 304 -43.58 -33.56 -35.25
C THR B 304 -42.86 -33.78 -36.58
N VAL B 305 -41.62 -34.27 -36.53
CA VAL B 305 -40.81 -34.50 -37.72
C VAL B 305 -40.50 -35.98 -37.79
N THR B 306 -40.83 -36.60 -38.93
CA THR B 306 -40.54 -38.02 -39.16
C THR B 306 -39.68 -38.22 -40.40
N VAL B 307 -38.93 -37.21 -40.81
CA VAL B 307 -38.06 -37.28 -41.97
C VAL B 307 -36.69 -36.76 -41.56
N GLU B 308 -35.64 -37.36 -42.12
CA GLU B 308 -34.26 -37.12 -41.70
C GLU B 308 -33.48 -36.31 -42.73
N ASN B 309 -34.10 -35.27 -43.28
CA ASN B 309 -33.44 -34.40 -44.23
C ASN B 309 -32.21 -33.73 -43.61
N ASP B 310 -31.41 -33.10 -44.47
CA ASP B 310 -30.21 -32.42 -44.01
C ASP B 310 -30.53 -31.24 -43.10
N LEU B 311 -31.71 -30.63 -43.28
CA LEU B 311 -32.13 -29.56 -42.38
C LEU B 311 -32.28 -30.08 -40.96
N LEU B 312 -32.68 -31.34 -40.79
CA LEU B 312 -32.72 -31.94 -39.47
C LEU B 312 -31.33 -32.04 -38.88
N LYS B 313 -30.32 -32.36 -39.71
CA LYS B 313 -28.95 -32.38 -39.23
C LYS B 313 -28.51 -30.98 -38.79
N TYR B 314 -28.82 -29.97 -39.60
CA TYR B 314 -28.53 -28.58 -39.22
C TYR B 314 -29.15 -28.25 -37.86
N ILE B 315 -30.41 -28.62 -37.66
CA ILE B 315 -31.11 -28.25 -36.44
C ILE B 315 -30.56 -29.00 -35.24
N LYS B 316 -30.27 -30.29 -35.42
CA LYS B 316 -29.71 -31.08 -34.31
C LYS B 316 -28.33 -30.59 -33.93
N ASN B 317 -27.55 -30.11 -34.88
CA ASN B 317 -26.25 -29.54 -34.54
C ASN B 317 -26.40 -28.17 -33.89
N LYS B 318 -27.34 -27.36 -34.38
CA LYS B 318 -27.52 -26.01 -33.84
C LYS B 318 -28.11 -26.05 -32.44
N ILE B 319 -29.18 -26.81 -32.26
CA ILE B 319 -29.89 -26.89 -30.98
C ILE B 319 -29.47 -28.18 -30.28
N PRO B 320 -28.83 -28.10 -29.12
CA PRO B 320 -28.40 -29.33 -28.43
C PRO B 320 -29.55 -30.13 -27.86
N VAL B 321 -30.34 -30.76 -28.73
CA VAL B 321 -31.46 -31.60 -28.30
C VAL B 321 -30.95 -32.99 -27.95
N GLN B 322 -31.80 -33.80 -27.33
CA GLN B 322 -31.48 -35.19 -27.03
C GLN B 322 -32.75 -36.03 -27.12
N GLY B 323 -32.56 -37.35 -27.18
CA GLY B 323 -33.66 -38.27 -27.36
C GLY B 323 -33.63 -39.08 -28.63
N ARG B 324 -34.81 -39.38 -29.16
CA ARG B 324 -34.98 -39.97 -30.47
C ARG B 324 -36.04 -39.34 -31.34
N LEU B 325 -36.21 -39.81 -32.57
CA LEU B 325 -37.13 -39.18 -33.49
C LEU B 325 -38.50 -39.37 -32.83
N GLY B 326 -39.29 -38.31 -32.82
CA GLY B 326 -40.58 -38.32 -32.17
C GLY B 326 -40.56 -37.93 -30.71
N ASN B 327 -39.39 -37.93 -30.08
CA ASN B 327 -39.23 -37.50 -28.68
C ASN B 327 -37.89 -36.76 -28.59
N PHE B 328 -37.95 -35.45 -28.73
CA PHE B 328 -36.79 -34.58 -28.58
C PHE B 328 -36.97 -33.72 -27.34
N LYS B 329 -35.94 -33.65 -26.51
CA LYS B 329 -35.95 -32.88 -25.28
C LYS B 329 -34.74 -31.95 -25.28
N LEU B 330 -34.97 -30.68 -24.97
CA LEU B 330 -33.88 -29.70 -24.91
C LEU B 330 -33.09 -29.93 -23.64
N ASP B 331 -31.83 -30.32 -23.78
CA ASP B 331 -30.97 -30.54 -22.61
C ASP B 331 -30.50 -29.19 -22.11
N THR B 332 -30.98 -28.81 -20.91
CA THR B 332 -30.82 -27.44 -20.44
C THR B 332 -29.36 -27.10 -20.15
N ALA B 333 -28.55 -28.07 -19.74
CA ALA B 333 -27.18 -27.78 -19.35
C ALA B 333 -26.36 -27.21 -20.50
N GLU B 334 -26.14 -28.01 -21.55
CA GLU B 334 -25.30 -27.53 -22.64
C GLU B 334 -26.00 -26.46 -23.45
N PHE B 335 -27.33 -26.42 -23.45
CA PHE B 335 -28.05 -25.34 -24.13
C PHE B 335 -27.78 -24.00 -23.45
N GLU B 336 -27.88 -23.97 -22.12
CA GLU B 336 -27.54 -22.75 -21.38
C GLU B 336 -26.08 -22.39 -21.58
N LYS B 337 -25.20 -23.38 -21.57
CA LYS B 337 -23.78 -23.11 -21.79
C LYS B 337 -23.54 -22.50 -23.16
N LYS B 338 -24.20 -23.04 -24.19
CA LYS B 338 -24.03 -22.52 -25.54
C LYS B 338 -24.59 -21.12 -25.68
N LEU B 339 -25.75 -20.86 -25.06
CA LEU B 339 -26.30 -19.51 -25.11
C LEU B 339 -25.40 -18.52 -24.39
N ASN B 340 -24.82 -18.92 -23.26
CA ASN B 340 -23.87 -18.05 -22.58
C ASN B 340 -22.66 -17.77 -23.45
N THR B 341 -22.15 -18.80 -24.13
CA THR B 341 -21.02 -18.60 -25.03
C THR B 341 -21.38 -17.64 -26.16
N ILE B 342 -22.58 -17.76 -26.72
CA ILE B 342 -23.01 -16.86 -27.79
C ILE B 342 -23.11 -15.43 -27.28
N LEU B 343 -23.69 -15.22 -26.10
CA LEU B 343 -23.93 -13.87 -25.60
C LEU B 343 -22.71 -13.32 -24.87
N PHE B 344 -22.19 -14.07 -23.91
CA PHE B 344 -21.13 -13.53 -23.04
C PHE B 344 -19.76 -13.66 -23.69
N VAL B 345 -19.39 -14.86 -24.13
CA VAL B 345 -18.03 -15.10 -24.60
C VAL B 345 -17.77 -14.42 -25.94
N LEU B 346 -18.71 -14.54 -26.88
CA LEU B 346 -18.52 -14.03 -28.23
C LEU B 346 -19.00 -12.58 -28.27
N ASN B 347 -18.05 -11.65 -28.29
CA ASN B 347 -18.34 -10.22 -28.40
C ASN B 347 -17.17 -9.55 -29.11
N GLU B 348 -17.30 -8.25 -29.39
CA GLU B 348 -16.27 -7.55 -30.14
C GLU B 348 -14.95 -7.53 -29.39
N SER B 349 -14.98 -7.24 -28.09
CA SER B 349 -13.74 -7.01 -27.35
C SER B 349 -12.90 -8.27 -27.26
N ASN B 350 -13.52 -9.40 -26.89
CA ASN B 350 -12.77 -10.64 -26.74
C ASN B 350 -12.20 -11.10 -28.07
N LEU B 351 -13.01 -11.07 -29.12
CA LEU B 351 -12.54 -11.50 -30.43
C LEU B 351 -11.44 -10.59 -30.95
N ALA B 352 -11.58 -9.28 -30.76
CA ALA B 352 -10.56 -8.35 -31.21
C ALA B 352 -9.27 -8.54 -30.45
N GLN B 353 -9.36 -8.84 -29.14
CA GLN B 353 -8.15 -9.09 -28.37
C GLN B 353 -7.49 -10.39 -28.80
N ARG B 354 -8.28 -11.39 -29.19
CA ARG B 354 -7.69 -12.59 -29.77
C ARG B 354 -7.04 -12.30 -31.11
N PHE B 355 -7.56 -11.33 -31.85
CA PHE B 355 -6.99 -10.92 -33.13
C PHE B 355 -5.90 -9.86 -32.98
N SER B 356 -5.55 -9.49 -31.75
CA SER B 356 -4.56 -8.45 -31.48
C SER B 356 -4.97 -7.13 -32.16
N ILE B 357 -6.17 -6.66 -31.82
CA ILE B 357 -6.75 -5.46 -32.39
C ILE B 357 -7.23 -4.58 -31.25
N LEU B 358 -6.98 -3.27 -31.35
CA LEU B 358 -7.40 -2.33 -30.32
C LEU B 358 -8.85 -1.91 -30.52
N VAL B 359 -9.58 -1.82 -29.42
CA VAL B 359 -10.97 -1.39 -29.45
C VAL B 359 -11.14 -0.18 -28.53
N ALA B 360 -12.32 0.43 -28.58
CA ALA B 360 -12.54 1.75 -28.00
C ALA B 360 -12.72 1.74 -26.49
N LYS B 361 -12.94 0.58 -25.87
CA LYS B 361 -13.14 0.45 -24.43
C LYS B 361 -14.46 1.10 -23.99
N HIS B 362 -15.13 1.77 -24.92
CA HIS B 362 -16.45 2.35 -24.69
C HIS B 362 -17.19 2.35 -26.02
N PHE B 363 -18.38 1.75 -26.03
CA PHE B 363 -19.19 1.81 -27.25
C PHE B 363 -19.55 3.25 -27.59
N LEU B 364 -19.83 4.05 -26.56
CA LEU B 364 -20.18 5.45 -26.79
C LEU B 364 -18.94 6.25 -27.16
N LYS B 365 -19.11 7.21 -28.06
CA LYS B 365 -18.01 8.03 -28.56
C LYS B 365 -18.03 9.37 -27.84
N GLU B 366 -17.17 9.51 -26.83
CA GLU B 366 -17.06 10.79 -26.14
C GLU B 366 -16.39 11.84 -27.04
N ARG B 367 -15.38 11.43 -27.81
CA ARG B 367 -14.66 12.33 -28.71
C ARG B 367 -14.67 11.70 -30.10
N PRO B 368 -15.78 11.82 -30.83
CA PRO B 368 -15.83 11.26 -32.19
C PRO B 368 -14.83 11.95 -33.10
N ILE B 369 -14.24 11.17 -34.00
CA ILE B 369 -13.24 11.65 -34.93
C ILE B 369 -13.79 11.57 -36.34
N ASP B 370 -13.25 12.41 -37.22
CA ASP B 370 -13.67 12.42 -38.61
C ASP B 370 -13.36 11.07 -39.25
N PRO B 371 -14.34 10.40 -39.86
CA PRO B 371 -14.08 9.11 -40.50
C PRO B 371 -13.09 9.23 -41.65
N ILE B 372 -12.32 8.17 -41.85
CA ILE B 372 -11.22 8.16 -42.80
C ILE B 372 -11.48 7.10 -43.87
N TYR B 373 -10.56 7.01 -44.82
CA TYR B 373 -10.61 6.03 -45.89
C TYR B 373 -9.27 5.31 -45.98
N VAL B 374 -9.30 3.98 -46.02
CA VAL B 374 -8.09 3.18 -46.13
C VAL B 374 -8.32 2.12 -47.21
N ASN B 375 -7.30 1.90 -48.03
CA ASN B 375 -7.35 0.90 -49.10
C ASN B 375 -6.73 -0.38 -48.54
N ILE B 376 -7.57 -1.26 -48.00
CA ILE B 376 -7.07 -2.48 -47.37
C ILE B 376 -6.53 -3.46 -48.40
N LEU B 377 -6.86 -3.29 -49.68
CA LEU B 377 -6.35 -4.20 -50.70
C LEU B 377 -4.86 -4.06 -50.92
N ASP B 378 -4.27 -2.93 -50.53
CA ASP B 378 -2.83 -2.74 -50.64
C ASP B 378 -2.13 -3.56 -49.55
N ASP B 379 -1.50 -4.67 -49.94
CA ASP B 379 -0.95 -5.60 -48.97
C ASP B 379 0.16 -4.98 -48.13
N ASN B 380 0.74 -3.86 -48.57
CA ASN B 380 1.77 -3.20 -47.78
C ASN B 380 1.21 -2.64 -46.48
N SER B 381 -0.04 -2.19 -46.49
CA SER B 381 -0.68 -1.59 -45.33
C SER B 381 -1.51 -2.59 -44.53
N TYR B 382 -2.34 -3.38 -45.20
CA TYR B 382 -3.21 -4.35 -44.56
C TYR B 382 -2.87 -5.75 -45.07
N SER B 383 -2.66 -6.68 -44.14
CA SER B 383 -2.31 -8.05 -44.47
C SER B 383 -3.24 -9.00 -43.72
N THR B 384 -3.65 -10.07 -44.40
CA THR B 384 -4.60 -11.01 -43.81
C THR B 384 -4.00 -11.76 -42.62
N LEU B 385 -2.67 -11.90 -42.58
CA LEU B 385 -2.06 -12.63 -41.47
C LEU B 385 -1.99 -11.77 -40.21
N GLU B 386 -1.70 -10.49 -40.35
CA GLU B 386 -1.47 -9.62 -39.20
C GLU B 386 -2.50 -8.51 -39.07
N GLY B 387 -2.91 -7.90 -40.17
CA GLY B 387 -3.83 -6.78 -40.11
C GLY B 387 -3.14 -5.46 -40.37
N PHE B 388 -3.63 -4.38 -39.76
CA PHE B 388 -2.95 -3.10 -39.89
C PHE B 388 -1.58 -3.12 -39.24
N ASN B 389 -1.46 -3.80 -38.09
CA ASN B 389 -0.20 -3.86 -37.35
C ASN B 389 0.68 -4.97 -37.93
N ILE B 390 1.27 -4.69 -39.08
CA ILE B 390 2.17 -5.63 -39.73
C ILE B 390 3.52 -5.56 -39.02
N SER B 391 3.80 -6.54 -38.16
CA SER B 391 5.02 -6.53 -37.38
C SER B 391 6.23 -6.61 -38.30
N SER B 392 7.00 -5.52 -38.35
CA SER B 392 8.17 -5.45 -39.21
C SER B 392 9.27 -4.70 -38.46
N GLN B 393 10.42 -5.35 -38.30
CA GLN B 393 11.58 -4.77 -37.61
C GLN B 393 11.20 -4.28 -36.21
N GLY B 394 10.43 -5.09 -35.50
CA GLY B 394 9.96 -4.77 -34.17
C GLY B 394 8.46 -4.90 -34.09
N SER B 395 7.98 -5.30 -32.92
CA SER B 395 6.54 -5.48 -32.72
C SER B 395 5.85 -4.13 -32.67
N ASN B 396 4.80 -3.98 -33.47
CA ASN B 396 4.07 -2.71 -33.49
C ASN B 396 3.33 -2.49 -32.18
N ASP B 397 2.58 -3.49 -31.71
CA ASP B 397 1.75 -3.39 -30.52
C ASP B 397 0.74 -2.24 -30.67
N PHE B 398 -0.16 -2.43 -31.63
CA PHE B 398 -1.20 -1.46 -31.98
C PHE B 398 -0.60 -0.15 -32.51
N GLN B 399 0.56 -0.22 -33.15
CA GLN B 399 1.18 0.96 -33.72
C GLN B 399 0.68 1.27 -35.12
N GLY B 400 0.30 0.25 -35.89
CA GLY B 400 -0.25 0.48 -37.22
C GLY B 400 -1.68 0.98 -37.21
N GLN B 401 -2.35 0.96 -36.06
CA GLN B 401 -3.72 1.45 -35.96
C GLN B 401 -3.80 2.97 -35.94
N LEU B 402 -2.69 3.66 -35.67
CA LEU B 402 -2.72 5.11 -35.54
C LEU B 402 -3.09 5.76 -36.87
N LEU B 403 -4.00 6.73 -36.81
CA LEU B 403 -4.53 7.30 -38.05
C LEU B 403 -3.58 8.29 -38.73
N GLU B 404 -2.31 8.39 -38.34
CA GLU B 404 -1.33 9.19 -39.05
C GLU B 404 -0.34 8.33 -39.82
N SER B 405 -0.70 7.09 -40.15
CA SER B 405 0.21 6.13 -40.74
C SER B 405 0.30 6.25 -42.27
N SER B 406 -0.16 7.36 -42.84
CA SER B 406 0.10 7.73 -44.23
C SER B 406 -0.69 6.88 -45.23
N TYR B 407 -1.37 5.84 -44.78
CA TYR B 407 -2.33 5.13 -45.62
C TYR B 407 -3.77 5.36 -45.19
N PHE B 408 -3.98 6.04 -44.06
CA PHE B 408 -5.31 6.40 -43.59
C PHE B 408 -5.66 7.74 -44.22
N GLU B 409 -6.18 7.70 -45.44
CA GLU B 409 -6.50 8.92 -46.18
C GLU B 409 -7.65 9.65 -45.49
N LYS B 410 -7.34 10.80 -44.89
CA LYS B 410 -8.36 11.59 -44.23
C LYS B 410 -9.34 12.16 -45.26
N ILE B 411 -10.61 12.23 -44.87
CA ILE B 411 -11.66 12.79 -45.70
C ILE B 411 -12.34 13.91 -44.93
N GLU B 412 -12.52 15.06 -45.59
CA GLU B 412 -13.33 16.12 -45.01
C GLU B 412 -14.78 15.66 -44.92
N SER B 413 -15.40 15.91 -43.77
CA SER B 413 -16.76 15.44 -43.54
C SER B 413 -17.76 16.44 -44.12
N ASN B 414 -18.68 15.94 -44.94
CA ASN B 414 -19.73 16.76 -45.50
C ASN B 414 -20.99 16.78 -44.64
N ALA B 415 -20.99 16.07 -43.52
CA ALA B 415 -22.14 16.09 -42.62
C ALA B 415 -22.30 17.45 -41.98
N LEU B 416 -23.55 17.89 -41.86
CA LEU B 416 -23.83 19.18 -41.24
C LEU B 416 -23.51 19.15 -39.76
N ARG B 417 -23.05 20.28 -39.23
CA ARG B 417 -22.70 20.36 -37.82
C ARG B 417 -23.94 20.34 -36.95
N ALA B 418 -23.85 19.63 -35.82
CA ALA B 418 -24.93 19.49 -34.87
C ALA B 418 -24.55 20.24 -33.60
N PHE B 419 -25.17 21.40 -33.40
CA PHE B 419 -24.82 22.27 -32.29
C PHE B 419 -26.08 22.76 -31.59
N ILE B 420 -25.94 23.01 -30.30
CA ILE B 420 -26.99 23.61 -29.48
C ILE B 420 -26.49 24.96 -29.01
N LYS B 421 -27.36 25.96 -29.08
CA LYS B 421 -26.99 27.34 -28.80
C LYS B 421 -27.39 27.68 -27.37
N ILE B 422 -26.41 27.70 -26.47
CA ILE B 422 -26.65 28.07 -25.09
C ILE B 422 -26.54 29.58 -25.03
N CYS B 423 -27.67 30.27 -25.12
CA CYS B 423 -27.58 31.67 -25.46
C CYS B 423 -28.26 32.52 -24.40
N PRO B 424 -27.52 32.81 -23.31
CA PRO B 424 -28.01 33.43 -22.08
C PRO B 424 -28.53 34.87 -22.01
N ARG B 425 -29.47 35.04 -21.08
CA ARG B 425 -30.13 36.31 -20.68
C ARG B 425 -31.10 36.00 -19.52
N GLY B 466 -23.45 38.06 -28.44
CA GLY B 466 -22.53 36.94 -28.48
C GLY B 466 -22.86 35.87 -27.46
N CYS B 467 -23.41 34.76 -27.94
CA CYS B 467 -23.80 33.65 -27.08
C CYS B 467 -23.34 32.32 -27.68
N ILE B 468 -22.88 31.42 -26.81
CA ILE B 468 -22.10 30.26 -27.23
C ILE B 468 -22.94 29.27 -28.04
N GLU B 469 -22.31 28.66 -29.04
CA GLU B 469 -22.86 27.55 -29.83
C GLU B 469 -21.97 26.35 -29.57
N VAL B 470 -22.42 25.41 -28.73
CA VAL B 470 -21.60 24.26 -28.35
C VAL B 470 -22.05 23.03 -29.13
N GLU B 471 -21.09 22.25 -29.59
CA GLU B 471 -21.39 21.09 -30.42
C GLU B 471 -22.21 20.07 -29.64
N ASN B 472 -22.97 19.25 -30.39
CA ASN B 472 -23.77 18.21 -29.76
C ASN B 472 -22.90 17.16 -29.07
N LYS B 473 -21.71 16.90 -29.61
CA LYS B 473 -20.82 15.89 -29.04
C LYS B 473 -20.26 16.29 -27.69
N ASP B 474 -20.43 17.55 -27.27
CA ASP B 474 -19.93 18.01 -25.99
C ASP B 474 -20.98 17.96 -24.88
N LEU B 475 -22.25 17.75 -25.22
CA LEU B 475 -23.30 17.78 -24.22
C LEU B 475 -23.26 16.53 -23.34
N PHE B 476 -23.93 16.63 -22.19
CA PHE B 476 -23.96 15.52 -21.26
C PHE B 476 -24.76 14.36 -21.82
N LEU B 477 -24.29 13.14 -21.56
CA LEU B 477 -24.98 11.92 -21.99
C LEU B 477 -25.82 11.42 -20.82
N ILE B 478 -27.09 11.79 -20.80
CA ILE B 478 -28.00 11.43 -19.72
C ILE B 478 -29.11 10.60 -20.30
N SER B 479 -29.18 9.32 -19.91
CA SER B 479 -30.28 8.46 -20.31
C SER B 479 -31.52 8.77 -19.47
N ASN B 480 -32.68 8.61 -20.09
CA ASN B 480 -33.93 8.88 -19.38
C ASN B 480 -34.07 7.96 -18.18
N LYS B 481 -34.60 8.50 -17.08
CA LYS B 481 -34.70 7.71 -15.85
C LYS B 481 -35.74 6.61 -15.96
N ASP B 482 -36.69 6.70 -16.88
CA ASP B 482 -37.71 5.68 -17.09
C ASP B 482 -37.39 4.78 -18.28
N SER B 483 -36.10 4.66 -18.64
CA SER B 483 -35.75 3.82 -19.78
C SER B 483 -36.02 2.35 -19.49
N LEU B 484 -35.76 1.91 -18.26
CA LEU B 484 -35.99 0.53 -17.87
C LEU B 484 -37.36 0.30 -17.24
N ASN B 485 -38.20 1.33 -17.17
CA ASN B 485 -39.58 1.13 -16.77
C ASN B 485 -40.35 0.45 -17.90
N ASP B 486 -41.61 0.10 -17.61
CA ASP B 486 -42.47 -0.65 -18.51
C ASP B 486 -41.92 -2.05 -18.80
N ILE B 487 -40.87 -2.45 -18.10
CA ILE B 487 -40.34 -3.80 -18.26
C ILE B 487 -41.26 -4.81 -17.57
N ASN B 488 -41.06 -6.09 -17.90
CA ASN B 488 -41.95 -7.13 -17.39
C ASN B 488 -41.74 -7.34 -15.90
N LEU B 489 -40.54 -7.79 -15.51
CA LEU B 489 -40.20 -8.02 -14.11
C LEU B 489 -41.23 -8.91 -13.42
N SER B 490 -41.64 -9.98 -14.12
CA SER B 490 -42.63 -10.90 -13.60
C SER B 490 -42.31 -12.30 -14.09
N GLU B 491 -42.80 -13.29 -13.33
CA GLU B 491 -42.58 -14.68 -13.66
C GLU B 491 -43.87 -15.47 -13.44
N GLU B 492 -44.01 -16.57 -14.16
CA GLU B 492 -45.21 -17.39 -14.08
C GLU B 492 -45.24 -18.15 -12.75
N LYS B 493 -46.24 -19.02 -12.61
CA LYS B 493 -46.33 -19.86 -11.42
C LYS B 493 -45.13 -20.78 -11.34
N ILE B 494 -44.55 -20.87 -10.14
CA ILE B 494 -43.32 -21.63 -9.96
C ILE B 494 -43.67 -23.10 -9.85
N LYS B 495 -43.49 -23.84 -10.95
CA LYS B 495 -43.75 -25.25 -11.07
C LYS B 495 -42.51 -26.04 -10.69
N PRO B 496 -42.60 -27.37 -10.63
CA PRO B 496 -41.38 -28.17 -10.55
C PRO B 496 -40.60 -28.10 -11.84
N GLU B 497 -39.32 -28.45 -11.76
CA GLU B 497 -38.40 -28.53 -12.90
C GLU B 497 -38.42 -27.26 -13.74
N THR B 498 -38.47 -26.10 -13.07
CA THR B 498 -38.31 -24.84 -13.78
C THR B 498 -36.85 -24.59 -14.16
N THR B 499 -35.92 -24.94 -13.27
CA THR B 499 -34.48 -24.87 -13.53
C THR B 499 -34.06 -23.45 -13.93
N VAL B 500 -34.17 -22.56 -12.93
CA VAL B 500 -33.79 -21.17 -13.14
C VAL B 500 -32.32 -21.09 -13.54
N PHE B 501 -32.00 -20.11 -14.40
CA PHE B 501 -30.66 -20.01 -14.95
C PHE B 501 -29.66 -19.55 -13.90
N PHE B 502 -28.62 -20.36 -13.70
CA PHE B 502 -27.55 -20.09 -12.73
C PHE B 502 -26.29 -19.71 -13.51
N LYS B 503 -26.03 -18.41 -13.64
CA LYS B 503 -24.87 -17.98 -14.39
C LYS B 503 -23.56 -18.33 -13.69
N ASP B 504 -23.60 -18.57 -12.38
CA ASP B 504 -22.40 -18.85 -11.62
C ASP B 504 -22.02 -20.33 -11.62
N LYS B 505 -22.91 -21.22 -12.06
CA LYS B 505 -22.61 -22.63 -12.15
C LYS B 505 -22.09 -23.05 -13.51
N LEU B 506 -22.08 -22.14 -14.49
CA LEU B 506 -21.52 -22.46 -15.79
C LEU B 506 -20.00 -22.49 -15.73
N PRO B 507 -19.36 -23.35 -16.52
CA PRO B 507 -17.90 -23.34 -16.59
C PRO B 507 -17.40 -22.03 -17.15
N PRO B 508 -16.16 -21.64 -16.84
CA PRO B 508 -15.68 -20.32 -17.25
C PRO B 508 -15.52 -20.18 -18.77
N GLN B 509 -15.00 -19.02 -19.18
CA GLN B 509 -15.04 -18.62 -20.58
C GLN B 509 -14.26 -19.59 -21.47
N ASP B 510 -14.69 -19.68 -22.72
CA ASP B 510 -14.00 -20.41 -23.78
C ASP B 510 -14.04 -19.53 -25.03
N ILE B 511 -13.04 -18.67 -25.19
CA ILE B 511 -13.03 -17.76 -26.32
C ILE B 511 -12.82 -18.52 -27.62
N THR B 512 -11.98 -19.55 -27.60
CA THR B 512 -11.66 -20.31 -28.79
C THR B 512 -12.79 -21.22 -29.23
N LEU B 513 -13.72 -21.54 -28.33
CA LEU B 513 -14.75 -22.53 -28.58
C LEU B 513 -14.14 -23.88 -28.95
N SER B 514 -13.38 -24.43 -27.98
CA SER B 514 -12.70 -25.70 -28.22
C SER B 514 -13.71 -26.82 -28.48
N ASN B 515 -14.80 -26.83 -27.74
CA ASN B 515 -15.91 -27.74 -28.04
C ASN B 515 -16.73 -27.17 -29.19
N TYR B 516 -17.92 -27.72 -29.43
CA TYR B 516 -18.77 -27.34 -30.56
C TYR B 516 -18.03 -27.54 -31.88
N ASP B 517 -17.78 -28.82 -32.19
CA ASP B 517 -17.24 -29.15 -33.50
C ASP B 517 -18.27 -28.83 -34.58
N PHE B 518 -17.77 -28.49 -35.77
CA PHE B 518 -18.63 -28.11 -36.88
C PHE B 518 -18.38 -28.95 -38.13
N THR B 519 -17.58 -30.00 -38.04
CA THR B 519 -17.32 -30.84 -39.20
C THR B 519 -18.60 -31.50 -39.71
N GLU B 520 -19.57 -31.76 -38.82
CA GLU B 520 -20.83 -32.33 -39.26
C GLU B 520 -21.59 -31.38 -40.17
N ALA B 521 -21.58 -30.08 -39.86
CA ALA B 521 -22.38 -29.10 -40.57
C ALA B 521 -21.63 -28.40 -41.69
N ASN B 522 -20.32 -28.60 -41.81
CA ASN B 522 -19.57 -28.07 -42.95
C ASN B 522 -19.46 -29.06 -44.10
N SER B 523 -19.98 -30.26 -43.95
CA SER B 523 -20.04 -31.23 -45.03
C SER B 523 -21.42 -31.31 -45.67
N ILE B 524 -22.37 -30.53 -45.20
CA ILE B 524 -23.73 -30.56 -45.75
C ILE B 524 -23.80 -29.61 -46.94
N PRO B 525 -24.23 -30.08 -48.11
CA PRO B 525 -24.34 -29.18 -49.27
C PRO B 525 -25.53 -28.25 -49.17
N SER B 526 -25.77 -27.45 -50.21
CA SER B 526 -26.88 -26.50 -50.22
C SER B 526 -28.08 -27.09 -50.94
N ILE B 527 -29.27 -26.82 -50.42
CA ILE B 527 -30.47 -27.47 -50.91
C ILE B 527 -30.89 -26.90 -52.27
N SER B 528 -31.20 -25.60 -52.30
CA SER B 528 -31.57 -24.89 -53.52
C SER B 528 -32.85 -25.47 -54.14
N GLN B 529 -33.92 -25.48 -53.34
CA GLN B 529 -35.21 -25.93 -53.84
C GLN B 529 -35.88 -24.81 -54.64
N GLN B 530 -36.85 -25.20 -55.46
CA GLN B 530 -37.51 -24.25 -56.35
C GLN B 530 -38.73 -23.59 -55.70
N ASN B 531 -39.53 -24.35 -54.96
CA ASN B 531 -40.70 -23.82 -54.27
C ASN B 531 -40.49 -23.89 -52.76
N ILE B 532 -40.87 -22.81 -52.08
CA ILE B 532 -40.66 -22.67 -50.65
C ILE B 532 -41.97 -22.31 -49.97
N LEU B 533 -42.04 -22.58 -48.67
CA LEU B 533 -43.20 -22.21 -47.88
C LEU B 533 -43.20 -20.71 -47.62
N GLU B 534 -44.39 -20.11 -47.75
CA GLU B 534 -44.50 -18.65 -47.70
C GLU B 534 -44.11 -18.11 -46.33
N ARG B 535 -44.58 -18.75 -45.26
CA ARG B 535 -44.35 -18.26 -43.89
C ARG B 535 -44.79 -16.80 -43.76
N ASN B 536 -46.09 -16.58 -43.91
CA ASN B 536 -46.62 -15.22 -43.92
C ASN B 536 -46.39 -14.55 -42.58
N GLU B 537 -45.40 -13.66 -42.53
CA GLU B 537 -45.06 -12.91 -41.32
C GLU B 537 -44.68 -11.50 -41.72
N GLU B 538 -44.74 -10.59 -40.74
CA GLU B 538 -44.46 -9.19 -40.98
C GLU B 538 -42.96 -8.93 -40.97
N LEU B 539 -42.54 -7.99 -41.81
CA LEU B 539 -41.13 -7.65 -41.91
C LEU B 539 -40.66 -6.91 -40.67
N TYR B 540 -39.40 -7.13 -40.31
CA TYR B 540 -38.79 -6.48 -39.15
C TYR B 540 -38.20 -5.15 -39.57
N GLU B 541 -38.85 -4.06 -39.19
CA GLU B 541 -38.37 -2.72 -39.48
C GLU B 541 -37.75 -2.13 -38.22
N PRO B 542 -36.43 -1.90 -38.19
CA PRO B 542 -35.79 -1.38 -36.97
C PRO B 542 -36.24 0.03 -36.63
N ILE B 543 -35.78 0.54 -35.49
CA ILE B 543 -36.20 1.87 -35.05
C ILE B 543 -35.71 2.91 -36.05
N ARG B 544 -36.62 3.76 -36.49
CA ARG B 544 -36.24 4.89 -37.34
C ARG B 544 -35.53 5.92 -36.49
N ASN B 545 -34.29 6.25 -36.86
CA ASN B 545 -33.49 7.17 -36.07
C ASN B 545 -34.15 8.54 -36.03
N SER B 546 -34.23 9.11 -34.83
CA SER B 546 -34.86 10.41 -34.66
C SER B 546 -34.02 11.50 -35.31
N LEU B 547 -34.68 12.58 -35.71
CA LEU B 547 -34.02 13.72 -36.33
C LEU B 547 -33.55 14.68 -35.25
N PHE B 548 -32.31 15.15 -35.38
CA PHE B 548 -31.79 16.14 -34.45
C PHE B 548 -32.55 17.45 -34.61
N GLU B 549 -32.92 18.05 -33.49
CA GLU B 549 -33.66 19.30 -33.47
C GLU B 549 -32.78 20.42 -32.92
N ILE B 550 -32.83 21.57 -33.57
CA ILE B 550 -32.05 22.72 -33.16
C ILE B 550 -32.83 23.47 -32.09
N LYS B 551 -32.30 23.47 -30.87
CA LYS B 551 -32.94 24.12 -29.74
C LYS B 551 -31.95 25.07 -29.08
N THR B 552 -32.48 26.13 -28.48
CA THR B 552 -31.68 27.11 -27.78
C THR B 552 -31.98 27.06 -26.29
N ILE B 553 -30.97 27.32 -25.47
CA ILE B 553 -31.08 27.27 -24.02
C ILE B 553 -30.86 28.66 -23.47
N TYR B 554 -31.68 29.06 -22.52
CA TYR B 554 -31.53 30.33 -21.82
C TYR B 554 -31.12 30.04 -20.38
N VAL B 555 -29.87 30.33 -20.05
CA VAL B 555 -29.34 30.12 -18.71
C VAL B 555 -28.98 31.49 -18.12
N ASP B 556 -29.00 31.57 -16.79
CA ASP B 556 -28.77 32.82 -16.10
C ASP B 556 -27.35 32.96 -15.57
N LYS B 557 -26.57 31.89 -15.59
CA LYS B 557 -25.19 31.92 -15.09
C LYS B 557 -24.30 31.17 -16.06
N LEU B 558 -23.01 31.47 -16.01
CA LEU B 558 -22.05 30.79 -16.87
C LEU B 558 -22.01 29.30 -16.54
N THR B 559 -22.11 28.47 -17.57
CA THR B 559 -22.14 27.03 -17.41
C THR B 559 -20.74 26.47 -17.66
N THR B 560 -20.63 25.13 -17.60
CA THR B 560 -19.35 24.51 -17.89
C THR B 560 -18.95 24.67 -19.34
N PHE B 561 -19.92 24.68 -20.27
CA PHE B 561 -19.61 24.89 -21.68
C PHE B 561 -19.02 26.26 -21.92
N HIS B 562 -19.50 27.28 -21.19
CA HIS B 562 -18.86 28.59 -21.27
C HIS B 562 -17.41 28.52 -20.84
N PHE B 563 -17.12 27.78 -19.77
CA PHE B 563 -15.74 27.66 -19.29
C PHE B 563 -14.85 26.92 -20.29
N LEU B 564 -15.37 25.88 -20.93
CA LEU B 564 -14.58 25.21 -21.97
C LEU B 564 -14.34 26.13 -23.16
N GLU B 565 -15.37 26.82 -23.63
CA GLU B 565 -15.19 27.65 -24.81
C GLU B 565 -14.32 28.87 -24.54
N ALA B 566 -14.25 29.31 -23.28
CA ALA B 566 -13.34 30.38 -22.91
C ALA B 566 -11.88 29.96 -23.03
N GLN B 567 -11.59 28.67 -23.01
CA GLN B 567 -10.24 28.16 -23.15
C GLN B 567 -9.91 27.78 -24.59
N ASN B 568 -10.64 28.32 -25.55
CA ASN B 568 -10.47 27.97 -26.95
C ASN B 568 -10.02 29.17 -27.76
N ILE B 569 -9.17 28.93 -28.75
CA ILE B 569 -8.79 29.92 -29.74
C ILE B 569 -8.89 29.29 -31.12
N ASP B 570 -9.52 30.01 -32.05
CA ASP B 570 -9.73 29.49 -33.38
C ASP B 570 -8.40 29.28 -34.09
N GLU B 571 -8.35 28.26 -34.95
CA GLU B 571 -7.14 27.99 -35.72
C GLU B 571 -6.83 29.09 -36.73
N SER B 572 -7.78 29.97 -37.02
CA SER B 572 -7.50 31.12 -37.87
C SER B 572 -6.54 32.10 -37.20
N ILE B 573 -6.36 32.00 -35.88
CA ILE B 573 -5.40 32.86 -35.19
C ILE B 573 -3.99 32.41 -35.52
N ASP B 574 -3.21 33.30 -36.12
CA ASP B 574 -1.84 32.97 -36.48
C ASP B 574 -0.97 32.92 -35.24
N SER B 575 -0.13 31.88 -35.15
CA SER B 575 0.74 31.73 -33.99
C SER B 575 1.70 32.91 -33.87
N SER B 576 2.29 33.34 -34.99
CA SER B 576 3.10 34.54 -35.00
C SER B 576 2.21 35.78 -35.09
N LYS B 577 2.79 36.93 -34.69
CA LYS B 577 2.15 38.24 -34.76
C LYS B 577 1.02 38.38 -33.75
N ILE B 578 0.65 37.29 -33.08
CA ILE B 578 -0.35 37.30 -32.02
C ILE B 578 0.13 36.41 -30.90
N ARG B 579 0.20 36.96 -29.69
CA ARG B 579 0.64 36.25 -28.51
C ARG B 579 -0.56 35.97 -27.63
N VAL B 580 -0.90 34.69 -27.46
CA VAL B 580 -2.04 34.30 -26.64
C VAL B 580 -1.65 34.36 -25.17
N GLU B 581 -2.00 35.47 -24.52
CA GLU B 581 -1.63 35.67 -23.12
C GLU B 581 -2.63 34.99 -22.21
N LEU B 582 -2.15 33.99 -21.46
CA LEU B 582 -3.03 33.27 -20.54
C LEU B 582 -3.56 34.21 -19.47
N THR B 583 -4.86 34.15 -19.24
CA THR B 583 -5.53 35.03 -18.28
C THR B 583 -6.17 34.19 -17.18
N ASP B 584 -6.93 34.87 -16.32
CA ASP B 584 -7.60 34.24 -15.20
C ASP B 584 -9.09 34.52 -15.13
N SER B 585 -9.62 35.39 -15.98
CA SER B 585 -11.03 35.74 -15.96
C SER B 585 -11.69 35.24 -17.24
N VAL B 586 -12.76 34.45 -17.08
CA VAL B 586 -13.41 33.84 -18.23
C VAL B 586 -14.03 34.91 -19.13
N ASP B 587 -14.60 35.97 -18.54
CA ASP B 587 -15.26 36.99 -19.33
C ASP B 587 -14.28 37.66 -20.30
N GLU B 588 -13.07 37.96 -19.84
CA GLU B 588 -12.09 38.58 -20.73
C GLU B 588 -11.66 37.61 -21.82
N ALA B 589 -11.44 36.34 -21.48
CA ALA B 589 -11.05 35.36 -22.49
C ALA B 589 -12.19 35.10 -23.48
N LEU B 590 -13.43 35.18 -23.02
CA LEU B 590 -14.57 34.96 -23.90
C LEU B 590 -14.63 36.01 -25.00
N SER B 591 -14.38 37.27 -24.64
CA SER B 591 -14.55 38.37 -25.60
C SER B 591 -13.30 38.60 -26.43
N ASN B 592 -12.12 38.45 -25.84
CA ASN B 592 -10.88 38.78 -26.52
C ASN B 592 -10.30 37.52 -27.16
N PRO B 593 -10.21 37.45 -28.50
CA PRO B 593 -9.71 36.22 -29.13
C PRO B 593 -8.27 35.88 -28.74
N ASN B 594 -7.43 36.88 -28.49
CA ASN B 594 -6.02 36.60 -28.20
C ASN B 594 -5.87 35.82 -26.90
N LYS B 595 -6.49 36.29 -25.82
CA LYS B 595 -6.21 35.73 -24.51
C LYS B 595 -6.89 34.36 -24.35
N VAL B 596 -6.37 33.59 -23.40
CA VAL B 596 -6.87 32.26 -23.07
C VAL B 596 -7.08 32.19 -21.57
N TYR B 597 -8.20 31.60 -21.16
CA TYR B 597 -8.49 31.44 -19.74
C TYR B 597 -7.67 30.30 -19.15
N SER B 598 -6.84 30.62 -18.16
CA SER B 598 -6.09 29.61 -17.42
C SER B 598 -6.38 29.79 -15.93
N PRO B 599 -6.96 28.77 -15.29
CA PRO B 599 -7.24 28.83 -13.88
C PRO B 599 -5.98 28.43 -13.10
N PHE B 600 -4.93 27.99 -13.80
CA PHE B 600 -3.66 27.55 -13.20
C PHE B 600 -3.02 28.77 -12.56
N LYS B 601 -3.09 29.91 -13.22
CA LYS B 601 -2.69 31.21 -12.62
C LYS B 601 -1.26 31.06 -12.11
N ASN B 602 -0.55 30.13 -12.71
CA ASN B 602 0.86 30.06 -12.35
C ASN B 602 1.66 29.79 -13.61
N MET B 603 1.10 29.06 -14.58
CA MET B 603 1.69 29.05 -15.92
C MET B 603 1.64 30.44 -16.52
N SER B 604 0.54 31.17 -16.32
CA SER B 604 0.39 32.50 -16.89
C SER B 604 1.50 33.44 -16.41
N ASN B 605 2.11 33.16 -15.27
CA ASN B 605 3.27 33.93 -14.84
C ASN B 605 4.50 33.60 -15.68
N THR B 606 4.76 32.31 -15.90
CA THR B 606 5.93 31.90 -16.67
C THR B 606 5.67 31.85 -18.17
N ILE B 607 4.42 31.90 -18.60
CA ILE B 607 4.11 31.97 -20.02
C ILE B 607 4.12 33.42 -20.50
N ASN B 608 3.48 34.31 -19.75
CA ASN B 608 3.56 35.73 -19.99
C ASN B 608 4.80 36.27 -19.27
N SER B 609 4.91 37.60 -19.20
CA SER B 609 5.92 38.32 -18.42
C SER B 609 7.34 38.12 -18.92
N ILE B 610 7.55 37.30 -19.95
CA ILE B 610 8.87 37.09 -20.53
C ILE B 610 8.94 37.88 -21.83
N GLU B 611 9.98 38.69 -21.97
CA GLU B 611 10.06 39.61 -23.10
C GLU B 611 10.19 38.83 -24.40
N THR B 612 9.35 39.19 -25.37
CA THR B 612 9.47 38.60 -26.70
C THR B 612 10.76 39.06 -27.37
N GLY B 613 11.42 38.14 -28.05
CA GLY B 613 12.72 38.43 -28.62
C GLY B 613 13.85 37.98 -27.70
N ILE B 614 13.76 36.73 -27.24
CA ILE B 614 14.77 36.19 -26.35
C ILE B 614 16.11 36.10 -27.08
N THR B 615 17.18 36.52 -26.39
CA THR B 615 18.47 36.75 -27.03
C THR B 615 19.40 35.54 -27.02
N SER B 616 19.03 34.44 -26.37
CA SER B 616 19.94 33.31 -26.27
C SER B 616 19.17 32.01 -26.17
N THR B 617 19.79 30.92 -26.62
CA THR B 617 19.19 29.60 -26.48
C THR B 617 19.18 29.13 -25.03
N TYR B 618 20.11 29.63 -24.21
CA TYR B 618 20.10 29.32 -22.79
C TYR B 618 18.81 29.82 -22.14
N ILE B 619 18.36 31.02 -22.52
CA ILE B 619 17.15 31.58 -21.91
C ILE B 619 15.90 30.84 -22.35
N PHE B 620 15.92 30.38 -23.61
CA PHE B 620 14.87 29.59 -24.28
C PHE B 620 14.86 28.12 -23.82
N TYR B 621 15.90 27.66 -23.14
CA TYR B 621 15.95 26.37 -22.47
C TYR B 621 15.51 26.52 -21.02
N GLN B 622 15.98 27.57 -20.34
CA GLN B 622 15.56 27.82 -18.97
C GLN B 622 14.05 28.06 -18.88
N TRP B 623 13.52 28.93 -19.74
CA TRP B 623 12.09 29.21 -19.74
C TRP B 623 11.28 27.97 -20.05
N LEU B 624 11.78 27.19 -21.02
CA LEU B 624 11.17 25.93 -21.53
C LEU B 624 11.11 24.83 -20.48
N ARG B 625 12.14 24.66 -19.66
CA ARG B 625 12.14 23.74 -18.53
C ARG B 625 11.30 24.27 -17.38
N SER B 626 11.28 25.58 -17.16
CA SER B 626 10.40 26.14 -16.15
C SER B 626 8.94 25.91 -16.50
N ILE B 627 8.59 26.06 -17.78
CA ILE B 627 7.23 25.76 -18.24
C ILE B 627 6.88 24.32 -17.90
N VAL B 628 7.77 23.39 -18.28
CA VAL B 628 7.48 21.97 -18.06
C VAL B 628 7.31 21.69 -16.57
N LYS B 629 8.22 22.20 -15.75
CA LYS B 629 8.17 21.93 -14.32
C LYS B 629 6.89 22.49 -13.71
N ASP B 630 6.55 23.74 -14.01
CA ASP B 630 5.37 24.35 -13.41
C ASP B 630 4.10 23.64 -13.85
N PHE B 631 3.99 23.30 -15.14
CA PHE B 631 2.79 22.60 -15.60
C PHE B 631 2.68 21.21 -14.98
N SER B 632 3.79 20.48 -14.89
CA SER B 632 3.73 19.14 -14.32
C SER B 632 3.42 19.17 -12.84
N ASP B 633 3.97 20.14 -12.11
CA ASP B 633 3.75 20.20 -10.67
C ASP B 633 2.37 20.74 -10.33
N GLU B 634 1.80 21.58 -11.20
CA GLU B 634 0.57 22.27 -10.82
C GLU B 634 -0.69 21.54 -11.27
N THR B 635 -0.62 20.72 -12.33
CA THR B 635 -1.75 19.89 -12.68
C THR B 635 -1.79 18.58 -11.91
N GLY B 636 -0.75 18.29 -11.14
CA GLY B 636 -0.73 17.15 -10.25
C GLY B 636 -1.21 17.45 -8.85
N LYS B 637 -1.74 18.65 -8.62
CA LYS B 637 -2.23 19.03 -7.30
C LYS B 637 -3.45 18.19 -6.93
N ILE B 638 -3.36 17.49 -5.79
CA ILE B 638 -4.45 16.67 -5.29
C ILE B 638 -4.69 17.01 -3.83
N ASP B 639 -5.90 16.72 -3.36
CA ASP B 639 -6.28 16.89 -1.96
C ASP B 639 -6.76 15.56 -1.44
N VAL B 640 -5.99 14.95 -0.55
CA VAL B 640 -6.30 13.61 -0.03
C VAL B 640 -7.05 13.82 1.28
N ILE B 641 -8.38 13.91 1.20
CA ILE B 641 -9.20 13.85 2.40
C ILE B 641 -9.19 12.43 2.92
N ASP B 642 -9.19 12.27 4.24
CA ASP B 642 -8.91 10.98 4.86
C ASP B 642 -10.11 10.42 5.60
N LYS B 643 -11.29 10.47 4.99
CA LYS B 643 -12.40 9.68 5.48
C LYS B 643 -12.15 8.22 5.13
N SER B 644 -12.22 7.34 6.13
CA SER B 644 -11.83 5.95 5.94
C SER B 644 -12.69 5.29 4.88
N SER B 645 -12.08 4.44 4.07
CA SER B 645 -12.68 3.69 2.97
C SER B 645 -13.23 4.59 1.87
N ASP B 646 -13.07 5.91 1.97
CA ASP B 646 -13.35 6.80 0.86
C ASP B 646 -12.09 7.47 0.34
N THR B 647 -11.36 8.19 1.19
CA THR B 647 -10.04 8.74 0.89
C THR B 647 -9.98 9.34 -0.51
N LEU B 648 -10.88 10.28 -0.76
CA LEU B 648 -10.94 10.92 -2.07
C LEU B 648 -9.70 11.75 -2.32
N ALA B 649 -9.04 11.51 -3.45
CA ALA B 649 -7.90 12.30 -3.87
C ALA B 649 -8.36 13.38 -4.85
N ILE B 650 -9.12 14.34 -4.29
CA ILE B 650 -9.74 15.37 -5.11
C ILE B 650 -8.66 16.30 -5.67
N VAL B 651 -8.70 16.51 -6.98
CA VAL B 651 -7.87 17.54 -7.62
C VAL B 651 -8.65 18.85 -7.58
N PRO B 652 -8.13 19.88 -6.92
CA PRO B 652 -8.96 21.07 -6.68
C PRO B 652 -9.14 21.95 -7.90
N TYR B 653 -8.22 21.90 -8.87
CA TYR B 653 -8.26 22.85 -9.96
C TYR B 653 -9.45 22.65 -10.88
N ILE B 654 -10.20 21.55 -10.74
CA ILE B 654 -11.43 21.39 -11.51
C ILE B 654 -12.45 22.44 -11.11
N GLY B 655 -12.30 23.02 -9.91
CA GLY B 655 -13.19 24.06 -9.44
C GLY B 655 -13.29 25.24 -10.39
N PRO B 656 -12.16 25.89 -10.70
CA PRO B 656 -12.19 26.98 -11.69
C PRO B 656 -11.99 26.51 -13.12
N LEU B 657 -11.44 25.31 -13.31
CA LEU B 657 -11.36 24.75 -14.66
C LEU B 657 -12.76 24.48 -15.22
N LEU B 658 -13.64 23.91 -14.40
CA LEU B 658 -14.98 23.56 -14.79
C LEU B 658 -15.95 24.17 -13.79
N ASN B 659 -16.97 24.85 -14.29
CA ASN B 659 -17.89 25.53 -13.40
C ASN B 659 -18.81 24.55 -12.69
N ILE B 660 -18.26 23.72 -11.81
CA ILE B 660 -19.04 22.66 -11.17
C ILE B 660 -19.54 23.08 -9.80
N GLY B 661 -18.62 23.30 -8.87
CA GLY B 661 -19.00 23.47 -7.47
C GLY B 661 -19.21 24.91 -7.06
N ASN B 662 -19.30 25.82 -8.04
CA ASN B 662 -19.48 27.22 -7.71
C ASN B 662 -20.88 27.51 -7.17
N ASP B 663 -21.88 26.75 -7.62
CA ASP B 663 -23.24 26.97 -7.14
C ASP B 663 -23.38 26.58 -5.67
N ILE B 664 -22.91 25.39 -5.31
CA ILE B 664 -23.07 24.91 -3.93
C ILE B 664 -22.19 25.70 -2.97
N ARG B 665 -20.91 25.89 -3.31
CA ARG B 665 -19.98 26.63 -2.47
C ARG B 665 -19.02 27.36 -3.40
N HIS B 666 -19.27 28.64 -3.65
CA HIS B 666 -18.44 29.39 -4.58
C HIS B 666 -17.01 29.51 -4.07
N GLY B 667 -16.05 29.26 -4.96
CA GLY B 667 -14.65 29.40 -4.64
C GLY B 667 -14.02 28.19 -3.99
N ASP B 668 -14.79 27.16 -3.67
CA ASP B 668 -14.28 25.95 -3.05
C ASP B 668 -14.85 24.74 -3.77
N PHE B 669 -13.97 23.81 -4.15
CA PHE B 669 -14.38 22.57 -4.78
C PHE B 669 -14.17 21.34 -3.91
N VAL B 670 -13.03 21.24 -3.22
CA VAL B 670 -12.82 20.11 -2.32
C VAL B 670 -13.82 20.14 -1.18
N GLY B 671 -14.09 21.32 -0.64
CA GLY B 671 -15.15 21.46 0.34
C GLY B 671 -16.53 21.19 -0.23
N ALA B 672 -16.74 21.55 -1.50
CA ALA B 672 -18.04 21.32 -2.13
C ALA B 672 -18.32 19.84 -2.30
N ILE B 673 -17.27 19.03 -2.46
CA ILE B 673 -17.46 17.59 -2.59
C ILE B 673 -17.93 16.99 -1.27
N GLU B 674 -17.42 17.51 -0.15
CA GLU B 674 -17.80 16.98 1.16
C GLU B 674 -19.30 17.19 1.42
N LEU B 675 -19.81 18.37 1.11
CA LEU B 675 -21.22 18.65 1.35
C LEU B 675 -22.12 17.75 0.51
N ALA B 676 -21.74 17.53 -0.75
CA ALA B 676 -22.51 16.65 -1.65
C ALA B 676 -21.51 15.92 -2.53
N GLY B 677 -21.40 14.61 -2.35
CA GLY B 677 -20.41 13.85 -3.09
C GLY B 677 -20.68 13.79 -4.58
N ILE B 678 -21.93 13.54 -4.96
CA ILE B 678 -22.32 13.42 -6.36
C ILE B 678 -23.22 14.56 -6.80
N THR B 679 -24.10 15.04 -5.91
CA THR B 679 -25.04 16.10 -6.28
C THR B 679 -24.30 17.33 -6.80
N ALA B 680 -23.12 17.61 -6.24
CA ALA B 680 -22.32 18.72 -6.75
C ALA B 680 -21.64 18.36 -8.07
N LEU B 681 -21.18 17.11 -8.20
CA LEU B 681 -20.40 16.71 -9.37
C LEU B 681 -21.25 16.51 -10.60
N LEU B 682 -22.52 16.13 -10.42
CA LEU B 682 -23.40 15.79 -11.53
C LEU B 682 -24.52 16.79 -11.67
N GLU B 683 -24.99 16.96 -12.91
CA GLU B 683 -26.05 17.91 -13.23
C GLU B 683 -27.45 17.33 -13.06
N TYR B 684 -27.58 16.02 -12.83
CA TYR B 684 -28.89 15.38 -12.78
C TYR B 684 -28.83 14.22 -11.81
N VAL B 685 -29.51 14.35 -10.67
CA VAL B 685 -29.79 13.22 -9.80
C VAL B 685 -31.15 12.67 -10.21
N PRO B 686 -31.23 11.40 -10.57
CA PRO B 686 -32.43 10.92 -11.27
C PRO B 686 -33.65 10.70 -10.39
N GLU B 687 -33.45 10.27 -9.14
CA GLU B 687 -34.55 9.88 -8.25
C GLU B 687 -35.37 8.75 -8.88
N PHE B 688 -34.70 7.60 -8.99
CA PHE B 688 -35.19 6.47 -9.76
C PHE B 688 -36.42 5.83 -9.11
N THR B 689 -37.03 4.91 -9.87
CA THR B 689 -38.18 4.14 -9.43
C THR B 689 -38.14 2.78 -10.11
N ILE B 690 -38.83 1.81 -9.51
CA ILE B 690 -38.85 0.44 -10.00
C ILE B 690 -40.27 -0.11 -9.87
N PRO B 691 -40.71 -1.00 -10.78
CA PRO B 691 -42.08 -1.51 -10.71
C PRO B 691 -42.50 -2.10 -9.37
N ILE B 692 -43.80 -2.36 -9.21
CA ILE B 692 -44.37 -2.69 -7.92
C ILE B 692 -43.92 -4.03 -7.36
N LEU B 693 -43.39 -4.94 -8.20
CA LEU B 693 -42.83 -6.21 -7.76
C LEU B 693 -43.87 -7.05 -7.01
N VAL B 694 -44.87 -7.51 -7.78
CA VAL B 694 -45.87 -8.41 -7.22
C VAL B 694 -45.20 -9.71 -6.75
N GLY B 695 -45.72 -10.26 -5.66
CA GLY B 695 -45.17 -11.48 -5.12
C GLY B 695 -45.44 -12.68 -6.01
N LEU B 696 -44.58 -13.68 -5.87
CA LEU B 696 -44.67 -14.89 -6.68
C LEU B 696 -45.73 -15.83 -6.15
N GLU B 697 -46.10 -16.81 -6.97
CA GLU B 697 -47.13 -17.78 -6.64
C GLU B 697 -46.70 -19.17 -7.10
N VAL B 698 -47.53 -20.16 -6.79
CA VAL B 698 -47.24 -21.55 -7.12
C VAL B 698 -48.48 -22.18 -7.75
N ILE B 699 -48.29 -23.37 -8.32
CA ILE B 699 -49.37 -24.09 -8.97
C ILE B 699 -50.16 -24.89 -7.95
N GLY B 700 -51.36 -25.30 -8.35
CA GLY B 700 -52.20 -26.13 -7.51
C GLY B 700 -52.69 -27.38 -8.23
N GLY B 701 -52.45 -28.53 -7.63
CA GLY B 701 -52.88 -29.78 -8.25
C GLY B 701 -52.50 -30.96 -7.38
N GLU B 702 -52.80 -32.15 -7.89
CA GLU B 702 -52.52 -33.40 -7.18
C GLU B 702 -51.02 -33.68 -7.23
N LEU B 703 -50.29 -32.98 -6.38
CA LEU B 703 -48.84 -33.02 -6.40
C LEU B 703 -48.31 -34.15 -5.51
N ALA B 704 -47.00 -34.34 -5.55
CA ALA B 704 -46.31 -35.36 -4.80
C ALA B 704 -45.27 -34.72 -3.90
N ARG B 705 -44.87 -35.47 -2.86
CA ARG B 705 -43.95 -34.94 -1.86
C ARG B 705 -42.60 -34.58 -2.48
N GLU B 706 -42.03 -35.52 -3.23
CA GLU B 706 -40.71 -35.31 -3.82
C GLU B 706 -40.69 -34.17 -4.82
N GLN B 707 -41.85 -33.76 -5.33
CA GLN B 707 -41.91 -32.64 -6.26
C GLN B 707 -42.45 -31.36 -5.65
N VAL B 708 -43.28 -31.43 -4.61
CA VAL B 708 -43.64 -30.20 -3.90
C VAL B 708 -42.44 -29.65 -3.13
N GLU B 709 -41.57 -30.54 -2.64
CA GLU B 709 -40.32 -30.07 -2.05
C GLU B 709 -39.47 -29.33 -3.09
N ALA B 710 -39.43 -29.87 -4.31
CA ALA B 710 -38.72 -29.19 -5.39
C ALA B 710 -39.39 -27.86 -5.73
N ILE B 711 -40.72 -27.80 -5.62
CA ILE B 711 -41.43 -26.54 -5.84
C ILE B 711 -40.99 -25.49 -4.81
N VAL B 712 -40.88 -25.90 -3.55
CA VAL B 712 -40.45 -24.96 -2.51
C VAL B 712 -39.02 -24.49 -2.79
N ASN B 713 -38.13 -25.41 -3.13
CA ASN B 713 -36.75 -25.03 -3.43
C ASN B 713 -36.70 -24.09 -4.62
N ASN B 714 -37.49 -24.37 -5.66
CA ASN B 714 -37.52 -23.51 -6.84
C ASN B 714 -38.06 -22.14 -6.51
N ALA B 715 -39.07 -22.06 -5.63
CA ALA B 715 -39.59 -20.77 -5.23
C ALA B 715 -38.53 -19.94 -4.50
N LEU B 716 -37.78 -20.59 -3.61
CA LEU B 716 -36.70 -19.87 -2.92
C LEU B 716 -35.64 -19.39 -3.91
N ASP B 717 -35.24 -20.25 -4.84
CA ASP B 717 -34.24 -19.85 -5.84
C ASP B 717 -34.77 -18.73 -6.72
N LYS B 718 -36.05 -18.78 -7.08
CA LYS B 718 -36.64 -17.72 -7.89
C LYS B 718 -36.68 -16.40 -7.14
N ARG B 719 -36.94 -16.44 -5.83
CA ARG B 719 -36.87 -15.22 -5.04
C ARG B 719 -35.46 -14.65 -5.04
N ASP B 720 -34.46 -15.52 -4.90
CA ASP B 720 -33.07 -15.06 -4.93
C ASP B 720 -32.73 -14.41 -6.28
N GLN B 721 -33.13 -15.07 -7.37
CA GLN B 721 -32.86 -14.49 -8.69
C GLN B 721 -33.65 -13.21 -8.92
N LYS B 722 -34.84 -13.07 -8.32
CA LYS B 722 -35.56 -11.82 -8.44
C LYS B 722 -34.84 -10.70 -7.71
N TRP B 723 -34.31 -10.98 -6.52
CA TRP B 723 -33.51 -9.97 -5.82
C TRP B 723 -32.31 -9.56 -6.67
N ALA B 724 -31.59 -10.54 -7.22
CA ALA B 724 -30.43 -10.22 -8.05
C ALA B 724 -30.83 -9.45 -9.30
N GLU B 725 -31.98 -9.78 -9.88
CA GLU B 725 -32.42 -9.12 -11.10
C GLU B 725 -32.80 -7.67 -10.85
N VAL B 726 -33.46 -7.39 -9.73
CA VAL B 726 -33.79 -5.98 -9.44
C VAL B 726 -32.52 -5.21 -9.10
N TYR B 727 -31.56 -5.85 -8.42
CA TYR B 727 -30.27 -5.20 -8.22
C TYR B 727 -29.59 -4.89 -9.56
N ASN B 728 -29.66 -5.82 -10.51
CA ASN B 728 -29.06 -5.58 -11.82
C ASN B 728 -29.79 -4.47 -12.57
N ILE B 729 -31.12 -4.39 -12.40
CA ILE B 729 -31.88 -3.33 -13.04
C ILE B 729 -31.44 -1.96 -12.51
N THR B 730 -31.29 -1.85 -11.19
CA THR B 730 -30.88 -0.56 -10.65
C THR B 730 -29.42 -0.26 -10.98
N LYS B 731 -28.58 -1.30 -11.13
CA LYS B 731 -27.21 -1.07 -11.60
C LYS B 731 -27.20 -0.56 -13.03
N ALA B 732 -28.05 -1.11 -13.89
CA ALA B 732 -28.14 -0.63 -15.27
C ALA B 732 -28.64 0.81 -15.31
N GLN B 733 -29.62 1.14 -14.46
CA GLN B 733 -30.07 2.53 -14.38
C GLN B 733 -28.95 3.46 -13.93
N TRP B 734 -28.17 3.03 -12.94
CA TRP B 734 -27.03 3.81 -12.49
C TRP B 734 -26.04 4.05 -13.62
N TRP B 735 -25.71 2.98 -14.35
CA TRP B 735 -24.76 3.12 -15.46
C TRP B 735 -25.30 4.06 -16.52
N GLY B 736 -26.58 3.95 -16.84
CA GLY B 736 -27.15 4.80 -17.89
C GLY B 736 -27.20 6.26 -17.50
N THR B 737 -27.57 6.56 -16.25
CA THR B 737 -27.83 7.94 -15.85
C THR B 737 -26.69 8.57 -15.07
N ILE B 738 -25.98 7.81 -14.24
CA ILE B 738 -24.96 8.35 -13.35
C ILE B 738 -23.56 8.23 -13.94
N HIS B 739 -23.21 7.05 -14.47
CA HIS B 739 -21.85 6.85 -14.94
C HIS B 739 -21.57 7.59 -16.24
N LEU B 740 -22.56 7.68 -17.13
CA LEU B 740 -22.32 8.37 -18.40
C LEU B 740 -22.09 9.86 -18.19
N GLN B 741 -22.73 10.45 -17.17
CA GLN B 741 -22.43 11.82 -16.80
C GLN B 741 -20.99 11.94 -16.32
N ILE B 742 -20.49 10.94 -15.59
CA ILE B 742 -19.10 10.96 -15.15
C ILE B 742 -18.17 10.89 -16.35
N ASN B 743 -18.50 10.05 -17.33
CA ASN B 743 -17.65 9.95 -18.52
C ASN B 743 -17.64 11.25 -19.31
N THR B 744 -18.79 11.91 -19.44
CA THR B 744 -18.79 13.19 -20.16
C THR B 744 -18.09 14.28 -19.35
N ARG B 745 -18.13 14.21 -18.02
CA ARG B 745 -17.33 15.11 -17.21
C ARG B 745 -15.85 14.90 -17.45
N LEU B 746 -15.42 13.64 -17.56
CA LEU B 746 -14.02 13.35 -17.87
C LEU B 746 -13.65 13.89 -19.25
N ALA B 747 -14.56 13.75 -20.22
CA ALA B 747 -14.30 14.29 -21.55
C ALA B 747 -14.15 15.81 -21.51
N HIS B 748 -15.01 16.48 -20.72
CA HIS B 748 -14.89 17.93 -20.58
C HIS B 748 -13.56 18.32 -19.94
N THR B 749 -13.14 17.57 -18.93
CA THR B 749 -11.85 17.84 -18.30
C THR B 749 -10.71 17.65 -19.29
N TYR B 750 -10.79 16.61 -20.14
CA TYR B 750 -9.76 16.41 -21.14
C TYR B 750 -9.73 17.54 -22.15
N LYS B 751 -10.90 18.01 -22.58
CA LYS B 751 -10.93 19.18 -23.46
C LYS B 751 -10.23 20.35 -22.81
N ALA B 752 -10.57 20.64 -21.55
CA ALA B 752 -9.99 21.81 -20.87
C ALA B 752 -8.47 21.68 -20.78
N LEU B 753 -7.98 20.52 -20.35
CA LEU B 753 -6.54 20.36 -20.18
C LEU B 753 -5.80 20.38 -21.51
N SER B 754 -6.37 19.75 -22.54
CA SER B 754 -5.73 19.76 -23.85
C SER B 754 -5.66 21.18 -24.43
N ARG B 755 -6.70 21.98 -24.20
CA ARG B 755 -6.65 23.34 -24.71
C ARG B 755 -5.71 24.23 -23.88
N GLN B 756 -5.55 23.93 -22.60
CA GLN B 756 -4.48 24.59 -21.84
C GLN B 756 -3.13 24.28 -22.45
N ALA B 757 -2.90 23.00 -22.76
CA ALA B 757 -1.62 22.60 -23.33
C ALA B 757 -1.40 23.22 -24.72
N ASN B 758 -2.46 23.31 -25.52
CA ASN B 758 -2.27 23.89 -26.85
C ASN B 758 -2.09 25.40 -26.77
N ALA B 759 -2.66 26.07 -25.77
CA ALA B 759 -2.35 27.48 -25.56
C ALA B 759 -0.88 27.66 -25.20
N ILE B 760 -0.37 26.78 -24.33
CA ILE B 760 1.06 26.83 -24.01
C ILE B 760 1.90 26.61 -25.26
N LYS B 761 1.48 25.68 -26.12
CA LYS B 761 2.21 25.41 -27.36
C LYS B 761 2.15 26.61 -28.31
N MET B 762 1.00 27.27 -28.39
CA MET B 762 0.91 28.50 -29.19
C MET B 762 1.92 29.52 -28.70
N ASN B 763 2.00 29.71 -27.39
CA ASN B 763 2.95 30.68 -26.86
C ASN B 763 4.40 30.27 -27.13
N MET B 764 4.72 28.98 -26.98
CA MET B 764 6.09 28.54 -27.25
C MET B 764 6.48 28.75 -28.71
N GLU B 765 5.58 28.40 -29.63
CA GLU B 765 5.93 28.54 -31.04
C GLU B 765 5.94 30.01 -31.46
N PHE B 766 5.15 30.86 -30.80
CA PHE B 766 5.30 32.29 -31.01
C PHE B 766 6.68 32.76 -30.56
N GLN B 767 7.13 32.29 -29.40
CA GLN B 767 8.45 32.70 -28.91
C GLN B 767 9.55 32.25 -29.85
N LEU B 768 9.45 31.01 -30.37
CA LEU B 768 10.41 30.56 -31.37
C LEU B 768 10.34 31.40 -32.64
N ALA B 769 9.14 31.87 -33.01
CA ALA B 769 9.00 32.73 -34.17
C ALA B 769 9.67 34.09 -33.97
N ASN B 770 10.04 34.45 -32.74
CA ASN B 770 10.73 35.69 -32.48
C ASN B 770 12.14 35.44 -31.94
N TYR B 771 12.79 34.44 -32.50
CA TYR B 771 14.15 34.23 -31.96
C TYR B 771 15.01 35.27 -32.67
N LYS B 772 15.12 36.41 -32.01
CA LYS B 772 15.97 37.53 -32.38
C LYS B 772 17.42 37.35 -31.94
N GLY B 773 17.66 36.44 -30.99
CA GLY B 773 19.01 36.32 -30.45
C GLY B 773 20.01 35.80 -31.46
N ASN B 774 19.65 34.77 -32.21
CA ASN B 774 20.57 34.13 -33.14
C ASN B 774 19.83 33.82 -34.43
N ILE B 775 20.60 33.41 -35.44
CA ILE B 775 20.07 33.09 -36.75
C ILE B 775 20.42 31.63 -37.07
N ASP B 776 19.48 30.93 -37.68
CA ASP B 776 19.67 29.56 -38.18
C ASP B 776 19.99 28.58 -37.05
N ASP B 777 19.63 28.91 -35.82
CA ASP B 777 19.79 28.01 -34.68
C ASP B 777 18.45 27.59 -34.10
N LYS B 778 17.36 27.74 -34.87
CA LYS B 778 16.02 27.43 -34.38
C LYS B 778 15.71 25.94 -34.39
N ALA B 779 16.44 25.14 -35.15
CA ALA B 779 16.09 23.73 -35.31
C ALA B 779 16.17 22.99 -33.99
N LYS B 780 17.25 23.19 -33.24
CA LYS B 780 17.37 22.55 -31.93
C LYS B 780 16.30 23.05 -30.99
N ILE B 781 15.97 24.35 -31.06
CA ILE B 781 14.90 24.89 -30.23
C ILE B 781 13.57 24.28 -30.64
N LYS B 782 13.36 24.03 -31.93
CA LYS B 782 12.12 23.40 -32.37
C LYS B 782 12.00 21.98 -31.86
N ASN B 783 13.11 21.22 -31.87
CA ASN B 783 13.09 19.89 -31.28
C ASN B 783 12.81 19.96 -29.79
N ALA B 784 13.38 20.95 -29.11
CA ALA B 784 13.11 21.13 -27.69
C ALA B 784 11.63 21.41 -27.44
N ILE B 785 11.02 22.24 -28.29
CA ILE B 785 9.59 22.53 -28.13
C ILE B 785 8.74 21.29 -28.40
N SER B 786 9.13 20.47 -29.38
CA SER B 786 8.38 19.24 -29.63
C SER B 786 8.45 18.30 -28.43
N GLU B 787 9.64 18.11 -27.88
CA GLU B 787 9.77 17.28 -26.69
C GLU B 787 9.01 17.87 -25.51
N THR B 788 9.01 19.20 -25.39
CA THR B 788 8.26 19.85 -24.32
C THR B 788 6.77 19.62 -24.47
N GLU B 789 6.25 19.67 -25.69
CA GLU B 789 4.84 19.37 -25.92
C GLU B 789 4.53 17.93 -25.54
N ILE B 790 5.45 17.00 -25.83
CA ILE B 790 5.26 15.63 -25.39
C ILE B 790 5.19 15.56 -23.87
N LEU B 791 6.07 16.27 -23.18
CA LEU B 791 6.05 16.27 -21.72
C LEU B 791 4.76 16.86 -21.17
N LEU B 792 4.26 17.92 -21.81
CA LEU B 792 3.00 18.51 -21.40
C LEU B 792 1.86 17.52 -21.56
N ASN B 793 1.86 16.77 -22.65
CA ASN B 793 0.83 15.74 -22.84
C ASN B 793 0.91 14.67 -21.76
N LYS B 794 2.12 14.28 -21.38
CA LYS B 794 2.27 13.31 -20.28
C LYS B 794 1.72 13.86 -18.97
N SER B 795 1.99 15.13 -18.66
CA SER B 795 1.42 15.73 -17.46
C SER B 795 -0.10 15.77 -17.52
N VAL B 796 -0.64 16.08 -18.71
CA VAL B 796 -2.09 16.12 -18.87
C VAL B 796 -2.70 14.74 -18.62
N GLU B 797 -2.07 13.69 -19.15
CA GLU B 797 -2.63 12.35 -18.96
C GLU B 797 -2.51 11.90 -17.51
N GLN B 798 -1.45 12.29 -16.79
CA GLN B 798 -1.38 11.98 -15.37
C GLN B 798 -2.49 12.69 -14.60
N ALA B 799 -2.74 13.97 -14.91
CA ALA B 799 -3.82 14.70 -14.26
C ALA B 799 -5.16 14.04 -14.54
N MET B 800 -5.37 13.59 -15.77
CA MET B 800 -6.63 12.94 -16.10
C MET B 800 -6.76 11.58 -15.43
N LYS B 801 -5.64 10.89 -15.22
CA LYS B 801 -5.67 9.66 -14.44
C LYS B 801 -6.16 9.93 -13.02
N ASN B 802 -5.64 10.98 -12.39
CA ASN B 802 -6.11 11.34 -11.05
C ASN B 802 -7.60 11.69 -11.05
N THR B 803 -8.02 12.49 -12.04
CA THR B 803 -9.41 12.92 -12.10
C THR B 803 -10.36 11.74 -12.24
N GLU B 804 -10.05 10.85 -13.19
CA GLU B 804 -10.85 9.64 -13.36
C GLU B 804 -10.83 8.79 -12.09
N LYS B 805 -9.67 8.72 -11.44
CA LYS B 805 -9.54 7.86 -10.27
C LYS B 805 -10.47 8.30 -9.15
N PHE B 806 -10.63 9.61 -8.98
CA PHE B 806 -11.46 10.20 -7.89
C PHE B 806 -12.92 10.35 -8.26
N MET B 807 -13.27 10.40 -9.55
CA MET B 807 -14.65 10.47 -10.01
C MET B 807 -15.30 9.10 -10.06
N ILE B 808 -14.54 8.09 -10.50
CA ILE B 808 -15.09 6.73 -10.55
C ILE B 808 -15.44 6.24 -9.15
N LYS B 809 -14.58 6.52 -8.17
CA LYS B 809 -14.87 6.13 -6.80
C LYS B 809 -16.12 6.83 -6.29
N LEU B 810 -16.28 8.11 -6.60
CA LEU B 810 -17.49 8.82 -6.19
C LEU B 810 -18.74 8.17 -6.78
N SER B 811 -18.70 7.85 -8.07
CA SER B 811 -19.89 7.26 -8.71
C SER B 811 -20.19 5.88 -8.14
N ASN B 812 -19.17 5.05 -7.93
CA ASN B 812 -19.40 3.73 -7.36
C ASN B 812 -19.97 3.83 -5.94
N SER B 813 -19.45 4.77 -5.15
CA SER B 813 -19.97 4.97 -3.81
C SER B 813 -21.44 5.39 -3.86
N TYR B 814 -21.80 6.28 -4.78
CA TYR B 814 -23.20 6.67 -4.90
C TYR B 814 -24.08 5.47 -5.23
N LEU B 815 -23.66 4.66 -6.20
CA LEU B 815 -24.44 3.46 -6.55
C LEU B 815 -24.65 2.59 -5.33
N THR B 816 -23.58 2.32 -4.58
CA THR B 816 -23.70 1.33 -3.51
C THR B 816 -24.44 1.90 -2.30
N LYS B 817 -24.36 3.20 -2.04
CA LYS B 817 -24.91 3.77 -0.82
C LYS B 817 -26.31 4.35 -0.97
N GLU B 818 -26.59 5.08 -2.06
CA GLU B 818 -27.83 5.84 -2.15
C GLU B 818 -28.83 5.23 -3.12
N MET B 819 -28.55 4.05 -3.68
CA MET B 819 -29.36 3.52 -4.76
C MET B 819 -29.97 2.16 -4.38
N ILE B 820 -29.16 1.22 -3.91
CA ILE B 820 -29.63 -0.10 -3.47
C ILE B 820 -30.61 0.00 -2.30
N PRO B 821 -30.34 0.81 -1.26
CA PRO B 821 -31.29 0.87 -0.14
C PRO B 821 -32.69 1.31 -0.54
N LYS B 822 -32.83 2.09 -1.60
CA LYS B 822 -34.16 2.41 -2.11
C LYS B 822 -34.85 1.14 -2.60
N VAL B 823 -34.11 0.28 -3.29
CA VAL B 823 -34.68 -0.94 -3.86
C VAL B 823 -35.05 -1.93 -2.76
N GLN B 824 -34.22 -2.01 -1.72
CA GLN B 824 -34.34 -3.09 -0.73
C GLN B 824 -35.70 -3.07 -0.03
N ASP B 825 -36.34 -1.91 0.06
CA ASP B 825 -37.65 -1.86 0.72
C ASP B 825 -38.70 -2.61 -0.10
N ASN B 826 -38.80 -2.31 -1.39
CA ASN B 826 -39.73 -3.02 -2.25
C ASN B 826 -39.37 -4.50 -2.34
N LEU B 827 -38.07 -4.81 -2.39
CA LEU B 827 -37.65 -6.20 -2.42
C LEU B 827 -38.06 -6.93 -1.14
N LYS B 828 -37.98 -6.26 0.01
CA LYS B 828 -38.41 -6.85 1.27
C LYS B 828 -39.91 -7.10 1.27
N ASN B 829 -40.69 -6.16 0.73
CA ASN B 829 -42.13 -6.37 0.66
C ASN B 829 -42.47 -7.57 -0.22
N PHE B 830 -41.80 -7.67 -1.37
CA PHE B 830 -41.99 -8.85 -2.23
C PHE B 830 -41.59 -10.12 -1.52
N ASP B 831 -40.49 -10.07 -0.76
CA ASP B 831 -40.01 -11.25 -0.05
C ASP B 831 -41.02 -11.69 1.01
N LEU B 832 -41.61 -10.73 1.72
CA LEU B 832 -42.64 -11.05 2.72
C LEU B 832 -43.88 -11.65 2.06
N GLU B 833 -44.29 -11.10 0.92
CA GLU B 833 -45.42 -11.68 0.20
C GLU B 833 -45.13 -13.12 -0.23
N THR B 834 -43.92 -13.36 -0.72
CA THR B 834 -43.51 -14.71 -1.10
C THR B 834 -43.51 -15.64 0.10
N LYS B 835 -43.02 -15.15 1.24
CA LYS B 835 -43.01 -15.96 2.46
C LYS B 835 -44.42 -16.34 2.89
N LYS B 836 -45.35 -15.38 2.84
CA LYS B 836 -46.74 -15.67 3.19
C LYS B 836 -47.32 -16.72 2.24
N THR B 837 -47.12 -16.54 0.94
CA THR B 837 -47.68 -17.49 -0.02
C THR B 837 -47.10 -18.88 0.17
N LEU B 838 -45.78 -18.98 0.38
CA LEU B 838 -45.15 -20.28 0.53
C LEU B 838 -45.56 -20.95 1.84
N ASP B 839 -45.63 -20.19 2.93
CA ASP B 839 -46.03 -20.78 4.20
C ASP B 839 -47.47 -21.23 4.18
N LYS B 840 -48.33 -20.53 3.42
CA LYS B 840 -49.67 -21.05 3.19
C LYS B 840 -49.64 -22.29 2.30
N PHE B 841 -48.66 -22.38 1.40
CA PHE B 841 -48.52 -23.56 0.55
C PHE B 841 -48.05 -24.78 1.32
N ILE B 842 -47.49 -24.60 2.52
CA ILE B 842 -47.04 -25.74 3.30
C ILE B 842 -48.09 -26.16 4.34
N LYS B 843 -48.95 -25.24 4.78
CA LYS B 843 -50.06 -25.64 5.64
C LYS B 843 -50.95 -26.66 4.94
N GLU B 844 -51.30 -26.37 3.69
CA GLU B 844 -51.83 -27.40 2.81
C GLU B 844 -50.66 -28.20 2.24
N LYS B 845 -50.96 -29.40 1.74
CA LYS B 845 -49.96 -30.35 1.25
C LYS B 845 -49.03 -30.83 2.36
N GLU B 846 -49.32 -30.49 3.62
CA GLU B 846 -48.46 -30.90 4.72
C GLU B 846 -48.51 -32.42 4.91
N ASP B 847 -49.71 -33.01 4.77
CA ASP B 847 -49.84 -34.45 4.93
C ASP B 847 -49.01 -35.19 3.88
N ILE B 848 -48.97 -34.67 2.67
CA ILE B 848 -48.16 -35.28 1.61
C ILE B 848 -46.68 -35.22 1.94
N LEU B 849 -46.23 -34.09 2.50
CA LEU B 849 -44.83 -33.94 2.87
C LEU B 849 -44.41 -34.94 3.94
N GLY B 850 -45.20 -35.06 5.00
CA GLY B 850 -44.69 -35.68 6.20
C GLY B 850 -44.17 -34.65 7.18
N THR B 851 -44.29 -34.97 8.47
CA THR B 851 -44.04 -33.96 9.50
C THR B 851 -42.58 -33.48 9.49
N ASN B 852 -41.63 -34.39 9.27
CA ASN B 852 -40.23 -34.00 9.29
C ASN B 852 -39.87 -33.11 8.11
N LEU B 853 -40.31 -33.50 6.90
CA LEU B 853 -40.05 -32.68 5.73
C LEU B 853 -40.78 -31.35 5.82
N SER B 854 -42.00 -31.35 6.37
CA SER B 854 -42.71 -30.10 6.58
C SER B 854 -41.93 -29.19 7.52
N SER B 855 -41.40 -29.74 8.62
CA SER B 855 -40.63 -28.93 9.55
C SER B 855 -39.38 -28.36 8.89
N SER B 856 -38.66 -29.20 8.13
CA SER B 856 -37.45 -28.72 7.47
C SER B 856 -37.76 -27.63 6.46
N LEU B 857 -38.80 -27.83 5.65
CA LEU B 857 -39.18 -26.81 4.66
C LEU B 857 -39.62 -25.52 5.33
N ARG B 858 -40.39 -25.61 6.41
CA ARG B 858 -40.82 -24.41 7.10
C ARG B 858 -39.64 -23.65 7.69
N ARG B 859 -38.69 -24.38 8.28
CA ARG B 859 -37.50 -23.72 8.82
C ARG B 859 -36.71 -23.04 7.71
N LYS B 860 -36.52 -23.73 6.58
CA LYS B 860 -35.78 -23.14 5.47
C LYS B 860 -36.46 -21.89 4.94
N VAL B 861 -37.78 -21.95 4.78
CA VAL B 861 -38.53 -20.79 4.27
C VAL B 861 -38.45 -19.63 5.25
N SER B 862 -38.60 -19.91 6.54
CA SER B 862 -38.58 -18.85 7.54
C SER B 862 -37.20 -18.19 7.61
N ILE B 863 -36.13 -18.98 7.56
CA ILE B 863 -34.79 -18.41 7.67
C ILE B 863 -34.41 -17.66 6.40
N ARG B 864 -34.63 -18.27 5.23
CA ARG B 864 -34.16 -17.66 4.00
C ARG B 864 -35.00 -16.45 3.61
N LEU B 865 -36.32 -16.58 3.66
CA LEU B 865 -37.18 -15.46 3.26
C LEU B 865 -37.43 -14.50 4.42
N ASN B 866 -36.35 -14.16 5.12
CA ASN B 866 -36.36 -13.11 6.13
C ASN B 866 -35.14 -12.22 6.05
N LYS B 867 -34.10 -12.63 5.35
CA LYS B 867 -32.90 -11.85 5.15
C LYS B 867 -32.86 -10.91 3.96
N ASN B 868 -31.74 -10.19 3.85
CA ASN B 868 -31.46 -9.27 2.70
C ASN B 868 -30.34 -9.91 1.86
N ILE B 869 -30.53 -10.01 0.55
CA ILE B 869 -29.55 -10.68 -0.30
C ILE B 869 -28.54 -9.59 -0.62
N ALA B 870 -27.27 -9.89 -0.42
CA ALA B 870 -26.21 -8.92 -0.66
C ALA B 870 -26.08 -8.63 -2.14
N PHE B 871 -25.77 -7.38 -2.45
CA PHE B 871 -25.49 -6.95 -3.82
C PHE B 871 -24.07 -7.32 -4.17
N ASP B 872 -23.89 -8.08 -5.25
CA ASP B 872 -22.58 -8.53 -5.67
C ASP B 872 -21.98 -7.54 -6.66
N ILE B 873 -20.90 -6.88 -6.26
CA ILE B 873 -20.31 -5.81 -7.05
C ILE B 873 -18.94 -6.22 -7.59
N ASN B 874 -18.62 -7.51 -7.60
CA ASN B 874 -17.35 -7.94 -8.18
C ASN B 874 -17.32 -7.75 -9.68
N ASP B 875 -18.49 -7.68 -10.33
CA ASP B 875 -18.59 -7.43 -11.77
C ASP B 875 -18.91 -5.98 -12.09
N ILE B 876 -18.67 -5.07 -11.14
CA ILE B 876 -18.92 -3.65 -11.39
C ILE B 876 -17.98 -3.19 -12.50
N PRO B 877 -18.38 -2.29 -13.39
CA PRO B 877 -17.49 -1.92 -14.50
C PRO B 877 -16.12 -1.43 -14.06
N PHE B 878 -16.06 -0.42 -13.19
CA PHE B 878 -14.79 0.13 -12.74
C PHE B 878 -14.61 -0.20 -11.26
N SER B 879 -13.62 -1.04 -10.97
CA SER B 879 -13.35 -1.51 -9.62
C SER B 879 -11.90 -1.25 -9.27
N GLU B 880 -11.64 -1.09 -7.97
CA GLU B 880 -10.27 -0.89 -7.51
C GLU B 880 -9.42 -2.14 -7.75
N PHE B 881 -10.02 -3.32 -7.57
CA PHE B 881 -9.26 -4.56 -7.73
C PHE B 881 -8.71 -4.69 -9.13
N ASP B 882 -9.45 -4.24 -10.14
CA ASP B 882 -8.94 -4.24 -11.51
C ASP B 882 -7.75 -3.31 -11.64
N ASP B 883 -7.79 -2.16 -10.97
CA ASP B 883 -6.72 -1.17 -11.05
C ASP B 883 -5.53 -1.53 -10.19
N LEU B 884 -5.67 -2.47 -9.25
CA LEU B 884 -4.59 -2.83 -8.34
C LEU B 884 -3.95 -4.17 -8.66
N ILE B 885 -4.66 -5.09 -9.31
CA ILE B 885 -4.12 -6.41 -9.58
C ILE B 885 -2.92 -6.33 -10.51
N ASN B 886 -2.86 -5.31 -11.37
CA ASN B 886 -1.77 -5.11 -12.30
C ASN B 886 -1.14 -3.74 -12.11
N GLN B 887 -1.05 -3.28 -10.87
CA GLN B 887 -0.47 -1.98 -10.58
C GLN B 887 1.01 -1.96 -10.96
N TYR B 888 1.75 -2.99 -10.54
CA TYR B 888 3.18 -3.06 -10.78
C TYR B 888 3.49 -3.20 -12.27
N LYS B 889 2.66 -3.91 -13.02
CA LYS B 889 2.90 -4.07 -14.45
C LYS B 889 2.67 -2.76 -15.19
N ASN B 890 1.63 -2.01 -14.83
CA ASN B 890 1.29 -0.80 -15.55
C ASN B 890 2.02 0.44 -15.05
N GLU B 891 2.71 0.37 -13.91
CA GLU B 891 3.39 1.55 -13.39
C GLU B 891 4.90 1.44 -13.35
N ILE B 892 5.46 0.22 -13.32
CA ILE B 892 6.90 0.07 -13.18
C ILE B 892 7.46 -0.75 -14.34
N GLU B 893 6.99 -1.99 -14.47
CA GLU B 893 7.55 -2.90 -15.48
C GLU B 893 7.21 -2.47 -16.90
N ASP B 894 6.16 -1.65 -17.09
CA ASP B 894 5.79 -1.20 -18.42
C ASP B 894 6.86 -0.34 -19.06
N TYR B 895 7.61 0.40 -18.25
CA TYR B 895 8.60 1.35 -18.74
C TYR B 895 10.02 0.81 -18.70
N GLU B 896 10.18 -0.48 -18.45
CA GLU B 896 11.51 -1.08 -18.36
C GLU B 896 12.07 -1.29 -19.76
N VAL B 897 13.18 -0.61 -20.07
CA VAL B 897 13.82 -0.75 -21.37
C VAL B 897 15.13 -1.51 -21.28
N LEU B 898 15.58 -1.85 -20.07
CA LEU B 898 16.75 -2.69 -19.90
C LEU B 898 16.62 -3.39 -18.56
N ASN B 899 16.99 -4.66 -18.51
CA ASN B 899 17.04 -5.41 -17.25
C ASN B 899 18.11 -6.48 -17.43
N LEU B 900 19.34 -6.16 -17.03
CA LEU B 900 20.47 -7.05 -17.23
C LEU B 900 20.52 -8.04 -16.07
N GLY B 901 20.19 -9.29 -16.34
CA GLY B 901 20.21 -10.30 -15.30
C GLY B 901 20.79 -11.61 -15.81
N ALA B 902 20.66 -12.67 -15.01
CA ALA B 902 21.14 -13.99 -15.36
C ALA B 902 19.96 -14.97 -15.35
N GLU B 903 19.78 -15.69 -16.45
CA GLU B 903 18.74 -16.70 -16.56
C GLU B 903 19.35 -17.96 -17.17
N ASP B 904 19.06 -19.10 -16.55
CA ASP B 904 19.53 -20.41 -17.03
C ASP B 904 21.04 -20.45 -17.18
N GLY B 905 21.76 -19.69 -16.36
CA GLY B 905 23.21 -19.67 -16.42
C GLY B 905 23.81 -18.76 -17.46
N LYS B 906 22.99 -17.94 -18.14
CA LYS B 906 23.49 -17.03 -19.16
C LYS B 906 23.02 -15.62 -18.85
N ILE B 907 23.92 -14.65 -19.05
CA ILE B 907 23.59 -13.25 -18.83
C ILE B 907 22.80 -12.74 -20.03
N LYS B 908 21.68 -12.07 -19.76
CA LYS B 908 20.83 -11.58 -20.83
C LYS B 908 19.98 -10.43 -20.31
N ASP B 909 19.39 -9.70 -21.26
CA ASP B 909 18.41 -8.67 -20.95
C ASP B 909 17.08 -9.35 -20.66
N LEU B 910 16.70 -9.40 -19.38
CA LEU B 910 15.45 -10.06 -18.99
C LEU B 910 14.23 -9.36 -19.58
N SER B 911 14.34 -8.07 -19.90
CA SER B 911 13.22 -7.36 -20.51
C SER B 911 13.04 -7.72 -21.98
N GLY B 912 14.12 -8.12 -22.65
CA GLY B 912 14.04 -8.50 -24.05
C GLY B 912 14.07 -7.36 -25.03
N THR B 913 14.30 -6.12 -24.58
CA THR B 913 14.31 -4.99 -25.49
C THR B 913 15.48 -5.04 -26.45
N THR B 914 16.66 -5.43 -25.97
CA THR B 914 17.86 -5.46 -26.79
C THR B 914 18.56 -6.80 -26.64
N SER B 915 19.34 -7.17 -27.65
CA SER B 915 20.13 -8.40 -27.63
C SER B 915 21.57 -8.20 -28.05
N ASP B 916 21.99 -6.96 -28.33
CA ASP B 916 23.37 -6.68 -28.69
C ASP B 916 24.20 -6.33 -27.46
N ILE B 917 24.13 -7.19 -26.45
CA ILE B 917 24.88 -7.05 -25.22
C ILE B 917 26.02 -8.04 -25.27
N ASN B 918 27.26 -7.56 -25.34
CA ASN B 918 28.41 -8.45 -25.43
C ASN B 918 29.25 -8.35 -24.17
N ILE B 919 29.58 -9.50 -23.60
CA ILE B 919 30.21 -9.61 -22.30
C ILE B 919 31.64 -10.11 -22.49
N GLY B 920 32.52 -9.71 -21.58
CA GLY B 920 33.91 -10.08 -21.66
C GLY B 920 34.14 -11.54 -21.33
N SER B 921 35.36 -11.99 -21.64
CA SER B 921 35.72 -13.38 -21.40
C SER B 921 35.92 -13.70 -19.92
N ASP B 922 36.27 -12.70 -19.11
CA ASP B 922 36.53 -12.90 -17.69
C ASP B 922 35.36 -12.50 -16.82
N ILE B 923 34.16 -12.36 -17.37
CA ILE B 923 32.96 -12.17 -16.58
C ILE B 923 32.47 -13.54 -16.10
N GLU B 924 31.93 -13.58 -14.88
CA GLU B 924 31.42 -14.83 -14.31
C GLU B 924 30.08 -14.58 -13.64
N LEU B 925 29.37 -15.68 -13.41
CA LEU B 925 28.11 -15.67 -12.69
C LEU B 925 28.30 -16.36 -11.34
N ALA B 926 27.95 -15.66 -10.26
CA ALA B 926 28.09 -16.20 -8.91
C ALA B 926 26.73 -16.17 -8.21
N ASP B 927 26.65 -16.91 -7.11
CA ASP B 927 25.40 -16.99 -6.37
C ASP B 927 24.97 -15.61 -5.88
N GLY B 928 23.70 -15.29 -6.08
CA GLY B 928 23.23 -13.95 -5.83
C GLY B 928 21.98 -13.84 -4.99
N ARG B 929 21.27 -12.73 -5.15
CA ARG B 929 20.15 -12.41 -4.27
C ARG B 929 19.00 -13.39 -4.47
N GLU B 930 18.59 -13.59 -5.71
CA GLU B 930 17.55 -14.59 -5.99
C GLU B 930 17.93 -15.67 -6.98
N ASN B 931 18.71 -15.27 -8.00
CA ASN B 931 19.26 -16.14 -9.07
C ASN B 931 20.70 -15.65 -9.31
N LYS B 932 21.53 -16.39 -10.05
CA LYS B 932 22.92 -16.02 -10.19
C LYS B 932 23.17 -14.54 -10.50
N ALA B 933 24.27 -14.02 -9.97
CA ALA B 933 24.57 -12.60 -10.04
C ALA B 933 25.79 -12.34 -10.92
N ILE B 934 25.77 -11.20 -11.60
CA ILE B 934 26.87 -10.81 -12.47
C ILE B 934 28.06 -10.38 -11.61
N LYS B 935 29.23 -10.95 -11.88
CA LYS B 935 30.43 -10.75 -11.09
C LYS B 935 31.52 -10.15 -11.98
N ILE B 936 31.79 -8.86 -11.81
CA ILE B 936 32.80 -8.17 -12.60
C ILE B 936 34.14 -8.31 -11.88
N LYS B 937 35.04 -9.11 -12.45
CA LYS B 937 36.32 -9.39 -11.80
C LYS B 937 37.26 -8.20 -11.79
N GLY B 938 36.95 -7.13 -12.50
CA GLY B 938 37.80 -5.95 -12.50
C GLY B 938 39.20 -6.21 -13.03
N SER B 939 39.32 -7.08 -14.03
CA SER B 939 40.60 -7.43 -14.64
C SER B 939 40.80 -6.77 -15.99
N GLU B 940 39.98 -5.79 -16.34
CA GLU B 940 40.00 -5.03 -17.59
C GLU B 940 39.65 -5.87 -18.81
N ASN B 941 39.44 -7.18 -18.63
CA ASN B 941 38.87 -8.02 -19.67
C ASN B 941 37.48 -8.52 -19.31
N SER B 942 37.02 -8.30 -18.08
CA SER B 942 35.66 -8.60 -17.69
C SER B 942 34.78 -7.38 -17.97
N THR B 943 34.76 -6.98 -19.24
CA THR B 943 34.03 -5.82 -19.70
C THR B 943 32.69 -6.27 -20.27
N ILE B 944 31.60 -5.76 -19.72
CA ILE B 944 30.29 -5.94 -20.31
C ILE B 944 29.93 -4.64 -21.02
N LYS B 945 29.42 -4.73 -22.24
CA LYS B 945 29.00 -3.50 -22.87
C LYS B 945 27.74 -3.73 -23.68
N ILE B 946 26.83 -2.76 -23.57
CA ILE B 946 25.52 -2.79 -24.21
C ILE B 946 25.53 -1.72 -25.29
N ALA B 947 25.47 -2.14 -26.55
CA ALA B 947 25.41 -1.20 -27.66
C ALA B 947 24.13 -0.39 -27.55
N MET B 948 24.27 0.93 -27.52
CA MET B 948 23.13 1.79 -27.25
C MET B 948 22.18 1.83 -28.45
N ASN B 949 20.90 1.66 -28.17
CA ASN B 949 19.85 1.73 -29.19
C ASN B 949 18.88 2.85 -28.86
N LYS B 950 17.78 2.95 -29.61
CA LYS B 950 16.83 4.03 -29.40
C LYS B 950 16.12 3.95 -28.06
N TYR B 951 16.13 2.79 -27.41
CA TYR B 951 15.49 2.67 -26.10
C TYR B 951 16.33 3.33 -25.02
N LEU B 952 17.65 3.17 -25.08
CA LEU B 952 18.56 3.66 -24.05
C LEU B 952 19.11 5.05 -24.33
N ARG B 953 18.73 5.66 -25.45
CA ARG B 953 19.14 7.01 -25.76
C ARG B 953 18.19 7.99 -25.07
N PHE B 954 18.71 8.70 -24.07
CA PHE B 954 17.90 9.61 -23.27
C PHE B 954 18.22 11.04 -23.70
N SER B 955 17.20 11.72 -24.24
CA SER B 955 17.37 13.07 -24.74
C SER B 955 17.37 14.05 -23.57
N ALA B 956 17.27 15.34 -23.88
CA ALA B 956 17.36 16.37 -22.85
C ALA B 956 16.20 16.26 -21.86
N THR B 957 14.99 16.02 -22.35
CA THR B 957 13.79 16.11 -21.55
C THR B 957 13.26 14.75 -21.09
N ASP B 958 14.02 13.68 -21.25
CA ASP B 958 13.55 12.33 -20.96
C ASP B 958 13.94 11.95 -19.54
N ASN B 959 12.93 11.77 -18.68
CA ASN B 959 13.16 11.25 -17.34
C ASN B 959 13.63 9.80 -17.43
N PHE B 960 14.49 9.39 -16.50
CA PHE B 960 14.94 8.01 -16.52
C PHE B 960 15.39 7.57 -15.14
N SER B 961 15.26 6.28 -14.89
CA SER B 961 15.62 5.71 -13.60
C SER B 961 16.51 4.50 -13.81
N ILE B 962 17.46 4.32 -12.90
CA ILE B 962 18.42 3.22 -12.96
C ILE B 962 18.40 2.51 -11.61
N SER B 963 17.99 1.25 -11.59
CA SER B 963 17.87 0.48 -10.36
C SER B 963 18.72 -0.77 -10.46
N PHE B 964 19.56 -1.02 -9.46
CA PHE B 964 20.40 -2.20 -9.51
C PHE B 964 20.76 -2.67 -8.11
N TRP B 965 20.96 -3.97 -7.98
CA TRP B 965 21.48 -4.56 -6.76
C TRP B 965 22.99 -4.63 -6.83
N ILE B 966 23.65 -4.28 -5.73
CA ILE B 966 25.10 -4.32 -5.66
C ILE B 966 25.51 -5.08 -4.41
N LYS B 967 26.60 -5.83 -4.54
CA LYS B 967 27.26 -6.49 -3.41
C LYS B 967 28.75 -6.22 -3.57
N HIS B 968 29.25 -5.24 -2.80
CA HIS B 968 30.62 -4.82 -2.92
C HIS B 968 31.45 -5.43 -1.80
N PRO B 969 32.51 -6.17 -2.12
CA PRO B 969 33.29 -6.84 -1.08
C PRO B 969 33.94 -5.86 -0.12
N LYS B 970 34.13 -6.31 1.11
CA LYS B 970 34.92 -5.55 2.07
C LYS B 970 36.35 -5.45 1.57
N PRO B 971 36.96 -4.26 1.58
CA PRO B 971 38.34 -4.11 1.08
C PRO B 971 39.32 -4.87 1.93
N THR B 972 39.95 -5.89 1.34
CA THR B 972 40.87 -6.75 2.06
C THR B 972 42.27 -6.18 2.19
N ASN B 973 42.62 -5.16 1.41
CA ASN B 973 43.93 -4.55 1.48
C ASN B 973 43.82 -3.07 1.13
N LEU B 974 44.77 -2.28 1.65
CA LEU B 974 44.69 -0.82 1.60
C LEU B 974 45.57 -0.33 0.45
N LEU B 975 45.04 -0.44 -0.76
CA LEU B 975 45.74 0.09 -1.93
C LEU B 975 44.79 0.80 -2.90
N ASN B 976 43.54 1.02 -2.51
CA ASN B 976 42.54 1.59 -3.40
C ASN B 976 41.78 2.74 -2.78
N ASN B 977 42.18 3.20 -1.60
CA ASN B 977 41.47 4.29 -0.94
C ASN B 977 41.78 5.61 -1.64
N GLY B 978 40.76 6.45 -1.76
CA GLY B 978 40.90 7.72 -2.44
C GLY B 978 40.97 7.63 -3.94
N ILE B 979 40.93 6.43 -4.50
CA ILE B 979 40.98 6.21 -5.95
C ILE B 979 39.57 5.86 -6.39
N GLU B 980 38.86 6.83 -6.94
CA GLU B 980 37.53 6.57 -7.46
C GLU B 980 37.62 5.81 -8.78
N TYR B 981 36.89 4.70 -8.86
CA TYR B 981 36.88 3.85 -10.03
C TYR B 981 35.44 3.59 -10.45
N THR B 982 35.20 3.61 -11.76
CA THR B 982 33.84 3.53 -12.24
C THR B 982 33.31 2.11 -12.13
N LEU B 983 31.99 2.01 -12.04
CA LEU B 983 31.28 0.73 -12.02
C LEU B 983 30.48 0.49 -13.28
N VAL B 984 29.66 1.47 -13.68
CA VAL B 984 28.95 1.43 -14.95
C VAL B 984 28.84 2.84 -15.50
N GLU B 985 29.32 3.06 -16.71
CA GLU B 985 29.40 4.40 -17.27
C GLU B 985 28.82 4.41 -18.68
N ASN B 986 28.00 5.42 -18.97
CA ASN B 986 27.65 5.80 -20.33
C ASN B 986 28.20 7.22 -20.42
N PHE B 987 29.49 7.32 -20.77
CA PHE B 987 30.22 8.57 -20.57
C PHE B 987 31.28 8.73 -21.65
N ASN B 988 31.26 9.88 -22.30
CA ASN B 988 32.25 10.31 -23.29
C ASN B 988 32.61 11.77 -23.04
N GLN B 989 33.05 12.07 -21.81
CA GLN B 989 33.16 13.42 -21.26
C GLN B 989 31.83 14.17 -21.38
N ARG B 990 30.75 13.41 -21.50
CA ARG B 990 29.37 13.89 -21.40
C ARG B 990 28.45 12.69 -21.20
N GLY B 991 27.68 12.67 -20.12
CA GLY B 991 26.81 11.55 -19.86
C GLY B 991 26.70 11.20 -18.40
N TRP B 992 26.35 9.95 -18.09
CA TRP B 992 26.15 9.52 -16.71
C TRP B 992 27.14 8.43 -16.35
N LYS B 993 27.41 8.32 -15.05
CA LYS B 993 28.47 7.43 -14.59
C LYS B 993 28.24 7.08 -13.12
N ILE B 994 28.17 5.79 -12.82
CA ILE B 994 28.07 5.27 -11.47
C ILE B 994 29.42 4.67 -11.12
N SER B 995 30.11 5.26 -10.14
CA SER B 995 31.43 4.85 -9.73
C SER B 995 31.41 4.50 -8.25
N ILE B 996 32.51 3.93 -7.77
CA ILE B 996 32.63 3.48 -6.39
C ILE B 996 33.92 4.06 -5.83
N GLN B 997 33.79 4.99 -4.89
CA GLN B 997 34.93 5.44 -4.11
C GLN B 997 35.01 4.58 -2.85
N ASP B 998 35.78 5.02 -1.85
CA ASP B 998 36.00 4.18 -0.68
C ASP B 998 34.73 3.99 0.13
N SER B 999 34.03 2.90 -0.15
CA SER B 999 32.78 2.50 0.51
C SER B 999 31.63 3.47 0.25
N LYS B 1000 31.76 4.34 -0.75
CA LYS B 1000 30.70 5.28 -1.09
C LYS B 1000 30.42 5.19 -2.58
N LEU B 1001 29.14 5.15 -2.94
CA LEU B 1001 28.73 5.04 -4.34
C LEU B 1001 28.43 6.42 -4.89
N ILE B 1002 29.03 6.75 -6.04
CA ILE B 1002 28.96 8.08 -6.61
C ILE B 1002 28.15 8.02 -7.90
N TRP B 1003 27.19 8.91 -8.04
CA TRP B 1003 26.36 9.04 -9.23
C TRP B 1003 26.66 10.40 -9.85
N TYR B 1004 27.02 10.40 -11.14
CA TYR B 1004 27.56 11.59 -11.79
C TYR B 1004 26.82 11.82 -13.11
N LEU B 1005 26.30 13.04 -13.28
CA LEU B 1005 25.87 13.52 -14.59
C LEU B 1005 26.79 14.64 -15.03
N ARG B 1006 27.10 14.66 -16.32
CA ARG B 1006 27.96 15.70 -16.88
C ARG B 1006 27.35 16.15 -18.21
N ASP B 1007 26.85 17.39 -18.24
CA ASP B 1007 26.41 18.01 -19.48
C ASP B 1007 27.65 18.65 -20.11
N HIS B 1008 27.46 19.49 -21.12
CA HIS B 1008 28.60 20.18 -21.73
C HIS B 1008 29.26 21.13 -20.75
N ASN B 1009 28.51 21.66 -19.79
CA ASN B 1009 29.08 22.62 -18.83
C ASN B 1009 28.69 22.30 -17.39
N ASN B 1010 27.56 21.63 -17.19
CA ASN B 1010 27.00 21.42 -15.86
C ASN B 1010 27.17 19.97 -15.43
N SER B 1011 27.02 19.73 -14.13
CA SER B 1011 27.25 18.40 -13.59
C SER B 1011 26.51 18.24 -12.26
N ILE B 1012 26.30 16.98 -11.89
CA ILE B 1012 25.79 16.59 -10.57
C ILE B 1012 26.62 15.42 -10.07
N LYS B 1013 26.98 15.45 -8.79
CA LYS B 1013 27.69 14.37 -8.13
C LYS B 1013 26.98 14.08 -6.81
N ILE B 1014 26.32 12.93 -6.70
CA ILE B 1014 25.59 12.53 -5.51
C ILE B 1014 26.28 11.30 -4.92
N VAL B 1015 26.58 11.35 -3.63
CA VAL B 1015 27.38 10.32 -2.97
C VAL B 1015 26.53 9.62 -1.92
N THR B 1016 26.40 8.30 -2.03
CA THR B 1016 25.78 7.53 -0.96
C THR B 1016 26.69 7.53 0.27
N PRO B 1017 26.12 7.39 1.47
CA PRO B 1017 26.91 7.68 2.67
C PRO B 1017 28.11 6.77 2.87
N ASP B 1018 27.83 5.47 3.01
CA ASP B 1018 28.75 4.43 3.47
C ASP B 1018 28.16 3.07 3.16
N TYR B 1019 28.72 2.03 3.77
CA TYR B 1019 28.15 0.68 3.87
C TYR B 1019 27.87 0.03 2.52
N ILE B 1020 28.33 0.62 1.42
CA ILE B 1020 28.29 -0.10 0.15
C ILE B 1020 29.27 -1.26 0.16
N ALA B 1021 30.43 -1.05 0.78
CA ALA B 1021 31.50 -2.05 0.81
C ALA B 1021 31.45 -2.92 2.05
N PHE B 1022 30.26 -3.17 2.59
CA PHE B 1022 30.08 -4.07 3.72
C PHE B 1022 29.58 -5.45 3.28
N ASN B 1023 29.68 -5.76 1.99
CA ASN B 1023 29.36 -7.07 1.44
C ASN B 1023 27.89 -7.42 1.61
N GLY B 1024 27.01 -6.41 1.58
CA GLY B 1024 25.57 -6.63 1.70
C GLY B 1024 24.86 -6.21 0.42
N TRP B 1025 23.81 -6.96 0.09
CA TRP B 1025 23.03 -6.66 -1.11
C TRP B 1025 22.25 -5.36 -0.89
N ASN B 1026 22.62 -4.32 -1.62
CA ASN B 1026 21.96 -3.02 -1.52
C ASN B 1026 21.32 -2.69 -2.85
N LEU B 1027 20.05 -2.29 -2.83
CA LEU B 1027 19.34 -1.86 -4.02
C LEU B 1027 19.48 -0.35 -4.14
N ILE B 1028 20.25 0.11 -5.11
CA ILE B 1028 20.40 1.53 -5.37
C ILE B 1028 19.56 1.88 -6.58
N THR B 1029 18.66 2.84 -6.42
CA THR B 1029 17.80 3.32 -7.49
C THR B 1029 17.93 4.82 -7.61
N ILE B 1030 18.28 5.29 -8.80
CA ILE B 1030 18.52 6.70 -9.08
C ILE B 1030 17.45 7.14 -10.06
N THR B 1031 16.59 8.07 -9.63
CA THR B 1031 15.48 8.54 -10.44
C THR B 1031 15.77 9.98 -10.87
N ASN B 1032 15.77 10.22 -12.17
CA ASN B 1032 16.11 11.51 -12.75
C ASN B 1032 14.88 12.08 -13.43
N ASN B 1033 14.22 13.01 -12.75
CA ASN B 1033 13.19 13.86 -13.34
C ASN B 1033 13.88 15.12 -13.86
N ARG B 1034 14.01 15.21 -15.18
CA ARG B 1034 14.82 16.27 -15.77
C ARG B 1034 14.32 17.66 -15.37
N SER B 1035 13.02 17.78 -15.11
CA SER B 1035 12.47 19.08 -14.75
C SER B 1035 12.86 19.47 -13.32
N LYS B 1036 12.72 18.53 -12.38
CA LYS B 1036 12.83 18.89 -10.96
C LYS B 1036 14.19 18.56 -10.37
N GLY B 1037 14.58 17.28 -10.37
CA GLY B 1037 15.82 16.92 -9.72
C GLY B 1037 16.03 15.42 -9.74
N SER B 1038 17.28 15.04 -9.49
CA SER B 1038 17.70 13.64 -9.46
C SER B 1038 17.82 13.20 -8.01
N ILE B 1039 17.16 12.09 -7.68
CA ILE B 1039 17.09 11.56 -6.33
C ILE B 1039 17.75 10.19 -6.31
N VAL B 1040 18.48 9.91 -5.24
CA VAL B 1040 19.16 8.62 -5.08
C VAL B 1040 18.60 7.94 -3.84
N TYR B 1041 18.07 6.73 -4.01
CA TYR B 1041 17.58 5.92 -2.92
C TYR B 1041 18.46 4.69 -2.77
N VAL B 1042 18.81 4.35 -1.53
CA VAL B 1042 19.51 3.12 -1.22
C VAL B 1042 18.61 2.29 -0.33
N ASN B 1043 18.31 1.06 -0.77
CA ASN B 1043 17.39 0.17 -0.08
C ASN B 1043 16.03 0.85 0.13
N GLY B 1044 15.55 1.55 -0.89
CA GLY B 1044 14.24 2.17 -0.85
C GLY B 1044 14.14 3.43 -0.02
N SER B 1045 15.23 3.86 0.61
CA SER B 1045 15.24 5.04 1.47
C SER B 1045 16.01 6.15 0.78
N LYS B 1046 15.41 7.34 0.74
CA LYS B 1046 16.02 8.47 0.06
C LYS B 1046 17.34 8.86 0.72
N ILE B 1047 18.34 9.15 -0.11
CA ILE B 1047 19.64 9.63 0.36
C ILE B 1047 19.80 11.12 0.08
N GLU B 1048 19.71 11.52 -1.18
CA GLU B 1048 19.89 12.92 -1.53
C GLU B 1048 19.21 13.21 -2.86
N GLU B 1049 18.74 14.45 -2.99
CA GLU B 1049 18.14 14.95 -4.22
C GLU B 1049 18.87 16.24 -4.62
N LYS B 1050 19.26 16.34 -5.88
CA LYS B 1050 19.99 17.49 -6.39
C LYS B 1050 19.30 18.05 -7.61
N ASP B 1051 19.40 19.37 -7.79
CA ASP B 1051 18.76 20.04 -8.92
C ASP B 1051 19.42 19.64 -10.22
N ILE B 1052 18.60 19.23 -11.19
CA ILE B 1052 19.10 18.70 -12.46
C ILE B 1052 18.59 19.60 -13.59
N SER B 1053 17.95 20.71 -13.21
CA SER B 1053 17.33 21.61 -14.17
C SER B 1053 18.34 22.33 -15.05
N SER B 1054 19.62 22.33 -14.70
CA SER B 1054 20.64 23.01 -15.49
C SER B 1054 21.37 22.07 -16.44
N ILE B 1055 21.12 20.77 -16.37
CA ILE B 1055 21.77 19.78 -17.22
C ILE B 1055 20.86 19.46 -18.40
N TRP B 1056 21.42 19.52 -19.60
CA TRP B 1056 20.56 19.37 -20.80
C TRP B 1056 20.85 18.17 -21.70
N ASN B 1057 22.07 17.98 -22.17
CA ASN B 1057 22.35 16.86 -23.06
C ASN B 1057 23.36 15.92 -22.40
N THR B 1058 22.90 14.71 -22.06
CA THR B 1058 23.75 13.68 -21.49
C THR B 1058 23.79 12.45 -22.38
N GLU B 1059 23.55 12.62 -23.67
CA GLU B 1059 23.40 11.53 -24.62
C GLU B 1059 24.67 11.37 -25.44
N VAL B 1060 25.28 10.19 -25.36
CA VAL B 1060 26.40 9.82 -26.21
C VAL B 1060 26.14 8.42 -26.76
N ASP B 1061 26.68 8.17 -27.94
CA ASP B 1061 26.41 6.94 -28.68
C ASP B 1061 27.30 5.78 -28.24
N ASP B 1062 28.24 5.99 -27.32
CA ASP B 1062 29.08 4.91 -26.86
C ASP B 1062 28.26 3.93 -26.03
N PRO B 1063 28.63 2.64 -26.05
CA PRO B 1063 27.84 1.65 -25.33
C PRO B 1063 27.87 1.87 -23.83
N ILE B 1064 26.81 1.44 -23.17
CA ILE B 1064 26.80 1.43 -21.70
C ILE B 1064 27.78 0.36 -21.24
N ILE B 1065 28.81 0.77 -20.50
CA ILE B 1065 29.94 -0.08 -20.19
C ILE B 1065 29.93 -0.42 -18.71
N PHE B 1066 29.76 -1.70 -18.39
CA PHE B 1066 29.95 -2.22 -17.05
C PHE B 1066 31.39 -2.71 -16.95
N ARG B 1067 32.20 -1.98 -16.19
CA ARG B 1067 33.62 -2.27 -16.05
C ARG B 1067 34.12 -1.63 -14.76
N LEU B 1068 35.29 -2.08 -14.31
CA LEU B 1068 35.89 -1.56 -13.09
C LEU B 1068 37.21 -0.86 -13.40
N LYS B 1069 37.24 -0.02 -14.43
CA LYS B 1069 38.48 0.62 -14.80
C LYS B 1069 38.89 1.64 -13.75
N ASN B 1070 40.17 2.02 -13.79
CA ASN B 1070 40.80 2.88 -12.79
C ASN B 1070 40.81 2.23 -11.42
N ASN B 1071 40.88 0.90 -11.39
CA ASN B 1071 40.98 0.15 -10.15
C ASN B 1071 42.42 -0.32 -9.98
N ARG B 1072 43.04 0.07 -8.87
CA ARG B 1072 44.42 -0.32 -8.60
C ARG B 1072 44.54 -1.77 -8.15
N ASP B 1073 43.44 -2.43 -7.82
CA ASP B 1073 43.45 -3.81 -7.37
C ASP B 1073 42.94 -4.70 -8.50
N THR B 1074 43.76 -5.67 -8.90
CA THR B 1074 43.36 -6.58 -9.97
C THR B 1074 42.45 -7.70 -9.48
N GLN B 1075 42.40 -7.94 -8.18
CA GLN B 1075 41.53 -8.98 -7.62
C GLN B 1075 40.19 -8.43 -7.15
N ALA B 1076 40.00 -7.13 -7.15
CA ALA B 1076 38.75 -6.55 -6.66
C ALA B 1076 37.61 -6.89 -7.60
N PHE B 1077 36.48 -7.30 -7.02
CA PHE B 1077 35.30 -7.61 -7.81
C PHE B 1077 34.06 -6.93 -7.24
N THR B 1078 32.89 -7.28 -7.77
CA THR B 1078 31.62 -6.71 -7.34
C THR B 1078 30.51 -7.55 -7.94
N LEU B 1079 29.50 -7.88 -7.15
CA LEU B 1079 28.36 -8.63 -7.65
C LEU B 1079 27.26 -7.66 -8.04
N LEU B 1080 26.76 -7.79 -9.27
CA LEU B 1080 25.67 -6.99 -9.78
C LEU B 1080 24.50 -7.89 -10.12
N ASP B 1081 23.29 -7.41 -9.89
CA ASP B 1081 22.09 -8.19 -10.17
C ASP B 1081 20.96 -7.26 -10.59
N GLN B 1082 20.26 -7.66 -11.65
CA GLN B 1082 19.04 -6.97 -12.09
C GLN B 1082 19.28 -5.48 -12.31
N PHE B 1083 20.36 -5.17 -13.02
CA PHE B 1083 20.58 -3.78 -13.43
C PHE B 1083 19.53 -3.42 -14.47
N SER B 1084 18.60 -2.54 -14.09
CA SER B 1084 17.47 -2.20 -14.93
C SER B 1084 17.39 -0.71 -15.12
N ILE B 1085 16.87 -0.31 -16.28
CA ILE B 1085 16.68 1.09 -16.64
C ILE B 1085 15.22 1.27 -17.05
N TYR B 1086 14.59 2.32 -16.51
CA TYR B 1086 13.21 2.64 -16.79
C TYR B 1086 13.15 4.03 -17.42
N ARG B 1087 12.19 4.23 -18.32
CA ARG B 1087 12.03 5.51 -18.99
C ARG B 1087 11.05 6.43 -18.27
N LYS B 1088 10.93 6.30 -16.95
CA LYS B 1088 10.12 7.20 -16.14
C LYS B 1088 10.81 7.43 -14.81
N GLU B 1089 10.46 8.54 -14.17
CA GLU B 1089 11.00 8.87 -12.85
C GLU B 1089 10.09 8.25 -11.80
N LEU B 1090 10.53 7.16 -11.20
CA LEU B 1090 9.76 6.52 -10.14
C LEU B 1090 9.81 7.38 -8.89
N ASN B 1091 8.65 7.81 -8.41
CA ASN B 1091 8.61 8.58 -7.18
C ASN B 1091 8.76 7.69 -5.95
N GLN B 1092 8.62 8.27 -4.76
CA GLN B 1092 8.91 7.41 -3.59
C GLN B 1092 7.98 6.21 -3.56
N ASN B 1093 6.69 6.38 -3.82
CA ASN B 1093 5.80 5.21 -3.79
C ASN B 1093 6.22 4.08 -4.71
N GLU B 1094 6.54 4.38 -5.97
CA GLU B 1094 6.94 3.33 -6.89
C GLU B 1094 8.30 2.75 -6.53
N VAL B 1095 9.20 3.57 -5.96
CA VAL B 1095 10.49 3.06 -5.54
C VAL B 1095 10.32 2.05 -4.40
N VAL B 1096 9.52 2.39 -3.39
CA VAL B 1096 9.31 1.46 -2.29
C VAL B 1096 8.51 0.25 -2.75
N LYS B 1097 7.63 0.42 -3.74
CA LYS B 1097 6.93 -0.72 -4.32
C LYS B 1097 7.88 -1.67 -5.04
N LEU B 1098 8.83 -1.10 -5.79
CA LEU B 1098 9.83 -1.92 -6.48
C LEU B 1098 10.74 -2.61 -5.49
N TYR B 1099 11.00 -1.97 -4.35
CA TYR B 1099 11.82 -2.61 -3.33
C TYR B 1099 11.02 -3.69 -2.59
N ASN B 1100 9.72 -3.54 -2.47
CA ASN B 1100 9.02 -4.70 -1.90
C ASN B 1100 9.05 -5.84 -2.94
N TYR B 1101 8.83 -5.54 -4.22
CA TYR B 1101 8.71 -6.59 -5.21
C TYR B 1101 9.82 -7.63 -5.10
N TYR B 1102 11.03 -7.20 -4.73
CA TYR B 1102 12.15 -8.12 -4.69
C TYR B 1102 12.06 -9.08 -3.52
N PHE B 1103 11.17 -8.84 -2.56
CA PHE B 1103 10.97 -9.71 -1.41
C PHE B 1103 9.56 -10.29 -1.40
N ASN B 1104 9.01 -10.54 -2.60
CA ASN B 1104 7.67 -11.13 -2.67
C ASN B 1104 7.65 -12.51 -2.06
N SER B 1105 8.65 -13.33 -2.35
CA SER B 1105 8.75 -14.63 -1.72
C SER B 1105 9.04 -14.47 -0.23
N ASN B 1106 8.66 -15.49 0.55
CA ASN B 1106 8.80 -15.44 2.00
C ASN B 1106 10.09 -16.10 2.48
N TYR B 1107 11.16 -16.02 1.69
CA TYR B 1107 12.42 -16.61 2.09
C TYR B 1107 12.99 -15.90 3.31
N ILE B 1108 13.83 -16.62 4.04
CA ILE B 1108 14.57 -16.05 5.17
C ILE B 1108 15.94 -15.63 4.67
N ARG B 1109 16.35 -14.42 5.00
CA ARG B 1109 17.58 -13.83 4.48
C ARG B 1109 18.67 -13.88 5.54
N ASP B 1110 19.87 -14.30 5.12
CA ASP B 1110 21.04 -14.22 5.97
C ASP B 1110 21.52 -12.78 6.04
N ILE B 1111 22.66 -12.55 6.70
CA ILE B 1111 23.11 -11.17 6.92
C ILE B 1111 23.44 -10.47 5.61
N TRP B 1112 23.99 -11.20 4.64
CA TRP B 1112 24.35 -10.57 3.38
C TRP B 1112 23.13 -10.18 2.56
N GLY B 1113 22.03 -10.91 2.70
CA GLY B 1113 20.84 -10.69 1.91
C GLY B 1113 20.46 -11.85 1.01
N ASN B 1114 21.24 -12.92 1.00
CA ASN B 1114 20.92 -14.10 0.23
C ASN B 1114 19.84 -14.92 0.93
N PRO B 1115 19.12 -15.77 0.20
CA PRO B 1115 18.16 -16.66 0.85
C PRO B 1115 18.88 -17.69 1.69
N LEU B 1116 18.17 -18.22 2.68
CA LEU B 1116 18.74 -19.15 3.64
C LEU B 1116 18.47 -20.58 3.18
N GLN B 1117 19.51 -21.40 3.17
CA GLN B 1117 19.45 -22.75 2.61
C GLN B 1117 19.33 -23.77 3.74
N TYR B 1118 19.19 -25.05 3.34
CA TYR B 1118 18.87 -26.10 4.28
C TYR B 1118 19.99 -27.08 4.57
N ASN B 1119 21.15 -26.97 3.91
CA ASN B 1119 22.27 -27.83 4.23
C ASN B 1119 23.58 -27.07 4.30
N LYS B 1120 23.52 -25.74 4.44
CA LYS B 1120 24.71 -24.91 4.53
C LYS B 1120 24.96 -24.52 5.98
N LYS B 1121 26.21 -24.59 6.40
CA LYS B 1121 26.58 -24.26 7.77
C LYS B 1121 26.74 -22.74 7.91
N TYR B 1122 26.10 -22.18 8.91
CA TYR B 1122 26.10 -20.74 9.14
C TYR B 1122 26.68 -20.43 10.52
N TYR B 1123 27.38 -19.29 10.61
CA TYR B 1123 27.68 -18.72 11.91
C TYR B 1123 26.43 -18.02 12.45
N LEU B 1124 26.17 -18.18 13.73
CA LEU B 1124 24.95 -17.68 14.35
C LEU B 1124 25.29 -16.66 15.42
N GLN B 1125 24.72 -15.46 15.30
CA GLN B 1125 24.94 -14.39 16.26
C GLN B 1125 23.65 -13.61 16.48
N THR B 1126 23.52 -13.06 17.68
CA THR B 1126 22.37 -12.22 18.00
C THR B 1126 22.61 -10.80 17.50
N GLN B 1127 21.53 -10.08 17.20
CA GLN B 1127 21.66 -8.68 16.85
C GLN B 1127 22.25 -7.90 18.01
N ASP B 1128 21.79 -8.16 19.22
CA ASP B 1128 22.46 -7.66 20.40
C ASP B 1128 23.73 -8.47 20.65
N LYS B 1129 24.66 -7.88 21.40
CA LYS B 1129 25.93 -8.50 21.72
C LYS B 1129 26.65 -8.94 20.45
N PRO B 1130 27.05 -8.00 19.58
CA PRO B 1130 27.73 -8.40 18.34
C PRO B 1130 29.11 -8.96 18.61
N GLY B 1131 29.54 -9.85 17.72
CA GLY B 1131 30.84 -10.46 17.82
C GLY B 1131 30.89 -11.78 18.58
N LYS B 1132 29.79 -12.17 19.23
CA LYS B 1132 29.74 -13.40 20.00
C LYS B 1132 28.94 -14.44 19.22
N GLY B 1133 29.57 -15.57 18.91
CA GLY B 1133 28.90 -16.68 18.28
C GLY B 1133 28.50 -17.74 19.30
N LEU B 1134 27.78 -18.74 18.82
CA LEU B 1134 27.26 -19.79 19.69
C LEU B 1134 28.28 -20.91 19.85
N ILE B 1135 28.50 -21.34 21.10
CA ILE B 1135 29.28 -22.51 21.43
C ILE B 1135 28.49 -23.31 22.46
N ARG B 1136 29.09 -24.38 22.96
CA ARG B 1136 28.44 -25.25 23.93
C ARG B 1136 29.34 -25.45 25.13
N GLU B 1137 28.73 -25.62 26.30
CA GLU B 1137 29.47 -26.20 27.42
C GLU B 1137 28.60 -27.22 28.14
N TYR B 1138 29.22 -28.26 28.66
CA TYR B 1138 28.53 -29.37 29.30
C TYR B 1138 28.60 -29.23 30.81
N TRP B 1139 27.44 -29.36 31.47
CA TRP B 1139 27.33 -29.35 32.91
C TRP B 1139 27.09 -30.79 33.35
N SER B 1140 28.11 -31.39 33.97
CA SER B 1140 28.03 -32.79 34.35
C SER B 1140 27.09 -32.99 35.53
N SER B 1141 27.08 -32.05 36.48
CA SER B 1141 26.18 -32.17 37.62
C SER B 1141 24.72 -32.14 37.17
N PHE B 1142 24.39 -31.24 36.25
CA PHE B 1142 23.04 -31.19 35.68
C PHE B 1142 22.90 -32.11 34.47
N GLY B 1143 24.00 -32.58 33.89
CA GLY B 1143 23.93 -33.39 32.70
C GLY B 1143 23.29 -32.68 31.52
N TYR B 1144 23.65 -31.43 31.30
CA TYR B 1144 22.99 -30.61 30.29
C TYR B 1144 24.03 -29.86 29.47
N ASP B 1145 23.82 -29.80 28.15
CA ASP B 1145 24.77 -29.16 27.24
C ASP B 1145 24.20 -27.81 26.83
N TYR B 1146 24.57 -26.77 27.56
CA TYR B 1146 24.02 -25.44 27.32
C TYR B 1146 24.68 -24.79 26.11
N VAL B 1147 23.87 -24.05 25.35
CA VAL B 1147 24.34 -23.23 24.24
C VAL B 1147 24.57 -21.81 24.77
N ILE B 1148 25.77 -21.29 24.55
CA ILE B 1148 26.23 -20.05 25.16
C ILE B 1148 26.93 -19.19 24.12
N LEU B 1149 26.67 -17.88 24.16
CA LEU B 1149 27.41 -16.96 23.31
C LEU B 1149 28.89 -16.99 23.68
N SER B 1150 29.74 -17.13 22.68
CA SER B 1150 31.17 -17.29 22.91
C SER B 1150 31.81 -15.95 23.27
N ASP B 1151 33.13 -15.98 23.48
CA ASP B 1151 33.85 -14.77 23.84
C ASP B 1151 33.89 -13.81 22.66
N SER B 1152 33.74 -12.52 22.96
CA SER B 1152 33.70 -11.50 21.92
C SER B 1152 35.07 -11.28 21.31
N LYS B 1153 35.09 -11.00 20.00
CA LYS B 1153 36.30 -10.59 19.31
C LYS B 1153 35.93 -9.60 18.23
N THR B 1154 36.90 -8.76 17.86
CA THR B 1154 36.70 -7.70 16.88
C THR B 1154 37.71 -7.82 15.76
N ILE B 1155 37.36 -7.25 14.61
CA ILE B 1155 38.20 -7.24 13.43
C ILE B 1155 38.67 -5.82 13.18
N THR B 1156 39.87 -5.69 12.63
CA THR B 1156 40.47 -4.40 12.33
C THR B 1156 40.39 -4.15 10.83
N PHE B 1157 39.72 -3.07 10.43
CA PHE B 1157 39.66 -2.70 9.03
C PHE B 1157 40.98 -2.10 8.58
N PRO B 1158 41.26 -2.12 7.27
CA PRO B 1158 42.46 -1.42 6.77
C PRO B 1158 42.47 0.06 7.11
N ASN B 1159 41.31 0.69 7.19
CA ASN B 1159 41.21 2.08 7.60
C ASN B 1159 41.22 2.26 9.12
N ASN B 1160 41.65 1.23 9.85
CA ASN B 1160 41.88 1.28 11.29
C ASN B 1160 40.62 1.58 12.11
N ILE B 1161 39.47 1.10 11.66
CA ILE B 1161 38.23 1.19 12.43
C ILE B 1161 37.82 -0.21 12.82
N ARG B 1162 37.54 -0.42 14.11
CA ARG B 1162 37.26 -1.74 14.65
C ARG B 1162 35.78 -2.06 14.53
N TYR B 1163 35.48 -3.30 14.13
CA TYR B 1163 34.12 -3.78 14.01
C TYR B 1163 34.01 -5.17 14.62
N GLY B 1164 32.80 -5.51 15.06
CA GLY B 1164 32.57 -6.81 15.66
C GLY B 1164 32.73 -7.92 14.63
N ALA B 1165 33.48 -8.96 15.02
CA ALA B 1165 33.73 -10.07 14.12
C ALA B 1165 32.45 -10.84 13.82
N LEU B 1166 32.35 -11.34 12.60
CA LEU B 1166 31.20 -12.15 12.20
C LEU B 1166 31.47 -13.64 12.24
N TYR B 1167 32.70 -14.06 11.97
CA TYR B 1167 33.05 -15.48 11.95
C TYR B 1167 33.60 -15.85 13.32
N ASN B 1168 32.69 -16.03 14.27
CA ASN B 1168 33.05 -16.34 15.64
C ASN B 1168 32.19 -17.49 16.15
N GLY B 1169 32.77 -18.27 17.06
CA GLY B 1169 32.03 -19.37 17.65
C GLY B 1169 32.00 -20.60 16.75
N SER B 1170 30.91 -21.35 16.87
CA SER B 1170 30.72 -22.59 16.12
C SER B 1170 29.74 -22.37 14.98
N LYS B 1171 29.85 -23.20 13.96
CA LYS B 1171 29.01 -23.12 12.77
C LYS B 1171 27.79 -24.01 12.97
N VAL B 1172 26.61 -23.41 13.03
CA VAL B 1172 25.37 -24.16 13.15
C VAL B 1172 24.89 -24.52 11.75
N LEU B 1173 24.31 -25.70 11.62
CA LEU B 1173 23.83 -26.22 10.34
C LEU B 1173 22.32 -26.28 10.40
N ILE B 1174 21.66 -25.45 9.59
CA ILE B 1174 20.22 -25.55 9.45
C ILE B 1174 19.87 -26.87 8.77
N LYS B 1175 18.80 -27.50 9.22
CA LYS B 1175 18.45 -28.82 8.72
C LYS B 1175 16.94 -28.91 8.60
N ASN B 1176 16.48 -30.05 8.10
CA ASN B 1176 15.07 -30.37 8.02
C ASN B 1176 14.85 -31.80 8.49
N SER B 1177 13.59 -32.14 8.78
CA SER B 1177 13.27 -33.48 9.23
C SER B 1177 13.49 -34.52 8.14
N LYS B 1178 13.63 -34.09 6.88
CA LYS B 1178 13.80 -35.00 5.76
C LYS B 1178 14.90 -34.56 4.80
N LYS B 1179 15.64 -33.51 5.14
CA LYS B 1179 16.72 -32.97 4.30
C LYS B 1179 16.17 -32.54 2.93
N LEU B 1180 15.29 -31.54 2.98
CA LEU B 1180 14.66 -31.03 1.76
C LEU B 1180 15.67 -30.37 0.83
N ASP B 1181 16.72 -29.75 1.40
CA ASP B 1181 17.76 -29.06 0.63
C ASP B 1181 17.21 -27.94 -0.25
N GLY B 1182 16.16 -27.28 0.20
CA GLY B 1182 15.61 -26.13 -0.50
C GLY B 1182 16.09 -24.82 0.08
N LEU B 1183 15.18 -23.84 0.07
CA LEU B 1183 15.42 -22.55 0.70
C LEU B 1183 14.47 -22.37 1.87
N VAL B 1184 14.99 -21.82 2.97
CA VAL B 1184 14.18 -21.65 4.18
C VAL B 1184 13.12 -20.58 3.94
N ARG B 1185 11.93 -20.80 4.48
CA ARG B 1185 10.79 -19.92 4.27
C ARG B 1185 10.32 -19.33 5.59
N ASN B 1186 9.21 -18.58 5.52
CA ASN B 1186 8.83 -17.68 6.61
C ASN B 1186 8.51 -18.44 7.89
N LYS B 1187 7.80 -19.57 7.79
CA LYS B 1187 7.38 -20.28 8.99
C LYS B 1187 7.74 -21.76 8.93
N ASP B 1188 8.87 -22.08 8.31
CA ASP B 1188 9.29 -23.47 8.20
C ASP B 1188 9.73 -23.99 9.56
N PHE B 1189 9.62 -25.30 9.74
CA PHE B 1189 10.05 -25.97 10.97
C PHE B 1189 11.43 -26.58 10.73
N ILE B 1190 12.40 -26.13 11.50
CA ILE B 1190 13.80 -26.44 11.25
C ILE B 1190 14.41 -27.22 12.40
N GLN B 1191 15.70 -27.57 12.28
CA GLN B 1191 16.43 -28.24 13.34
C GLN B 1191 17.87 -27.79 13.26
N LEU B 1192 18.23 -26.78 14.06
CA LEU B 1192 19.61 -26.34 14.13
C LEU B 1192 20.49 -27.45 14.68
N GLU B 1193 21.66 -27.65 14.07
CA GLU B 1193 22.59 -28.70 14.46
C GLU B 1193 23.97 -28.08 14.61
N ILE B 1194 24.33 -27.74 15.85
CA ILE B 1194 25.62 -27.14 16.16
C ILE B 1194 26.61 -28.25 16.50
N ASP B 1195 27.76 -28.24 15.83
CA ASP B 1195 28.84 -29.19 16.08
C ASP B 1195 28.37 -30.64 15.95
N GLY B 1196 27.37 -30.87 15.10
CA GLY B 1196 26.83 -32.20 14.91
C GLY B 1196 25.79 -32.64 15.91
N TYR B 1197 25.37 -31.76 16.82
CA TYR B 1197 24.40 -32.08 17.85
C TYR B 1197 23.20 -31.17 17.72
N ASN B 1198 22.01 -31.76 17.65
CA ASN B 1198 20.78 -31.00 17.47
C ASN B 1198 20.52 -30.10 18.67
N MET B 1199 19.99 -28.91 18.41
CA MET B 1199 19.63 -27.95 19.45
C MET B 1199 18.14 -28.02 19.73
N GLY B 1200 17.77 -27.88 21.00
CA GLY B 1200 16.37 -27.91 21.37
C GLY B 1200 16.19 -27.59 22.83
N ILE B 1201 14.93 -27.44 23.22
CA ILE B 1201 14.55 -27.13 24.59
C ILE B 1201 14.23 -28.43 25.31
N SER B 1202 14.29 -28.39 26.65
CA SER B 1202 14.06 -29.57 27.45
C SER B 1202 12.60 -30.02 27.33
N ALA B 1203 12.40 -31.34 27.40
CA ALA B 1203 11.07 -31.93 27.29
C ALA B 1203 10.61 -32.57 28.60
N ASP B 1204 10.97 -31.97 29.73
CA ASP B 1204 10.53 -32.44 31.03
C ASP B 1204 10.52 -31.25 31.99
N ARG B 1205 10.27 -31.52 33.27
CA ARG B 1205 10.15 -30.47 34.27
C ARG B 1205 11.49 -30.09 34.90
N PHE B 1206 12.59 -30.66 34.43
CA PHE B 1206 13.89 -30.37 35.03
C PHE B 1206 14.25 -28.90 34.90
N ASN B 1207 14.08 -28.34 33.69
CA ASN B 1207 14.52 -26.98 33.39
C ASN B 1207 13.31 -26.06 33.39
N GLU B 1208 12.83 -25.71 34.58
CA GLU B 1208 11.72 -24.79 34.70
C GLU B 1208 12.15 -23.34 34.88
N ASP B 1209 13.46 -23.08 34.95
CA ASP B 1209 13.98 -21.73 35.13
C ASP B 1209 14.47 -21.19 33.80
N THR B 1210 13.65 -20.37 33.16
CA THR B 1210 13.94 -19.62 31.93
C THR B 1210 14.09 -20.52 30.71
N ASN B 1211 14.04 -21.85 30.86
CA ASN B 1211 14.07 -22.78 29.73
C ASN B 1211 15.34 -22.60 28.91
N TYR B 1212 16.48 -22.89 29.55
CA TYR B 1212 17.76 -22.87 28.86
C TYR B 1212 17.73 -23.85 27.68
N ILE B 1213 18.28 -23.42 26.56
CA ILE B 1213 18.32 -24.25 25.36
C ILE B 1213 19.56 -25.14 25.40
N GLY B 1214 19.36 -26.44 25.26
CA GLY B 1214 20.44 -27.40 25.26
C GLY B 1214 20.59 -28.09 23.91
N THR B 1215 21.54 -29.02 23.88
CA THR B 1215 21.80 -29.82 22.69
C THR B 1215 21.65 -31.30 23.03
N THR B 1216 21.63 -32.11 21.98
CA THR B 1216 21.48 -33.56 22.14
C THR B 1216 22.68 -34.17 22.86
N TYR B 1217 23.78 -33.46 22.96
CA TYR B 1217 24.91 -33.94 23.76
C TYR B 1217 24.49 -34.05 25.21
N GLY B 1218 24.58 -35.26 25.75
CA GLY B 1218 24.06 -35.53 27.08
C GLY B 1218 22.65 -36.08 27.00
N THR B 1219 22.49 -37.36 27.28
CA THR B 1219 21.21 -38.05 27.10
C THR B 1219 20.40 -38.12 28.38
N THR B 1220 20.78 -37.39 29.42
CA THR B 1220 20.03 -37.42 30.67
C THR B 1220 18.64 -36.85 30.49
N HIS B 1221 18.50 -35.78 29.71
CA HIS B 1221 17.23 -35.11 29.51
C HIS B 1221 16.83 -35.17 28.05
N ASP B 1222 15.54 -35.38 27.81
CA ASP B 1222 14.99 -35.41 26.45
C ASP B 1222 14.67 -34.00 25.97
N LEU B 1223 14.88 -33.78 24.68
CA LEU B 1223 14.73 -32.45 24.08
C LEU B 1223 13.69 -32.49 22.96
N THR B 1224 13.07 -31.33 22.73
CA THR B 1224 12.13 -31.14 21.63
C THR B 1224 12.86 -30.28 20.60
N THR B 1225 13.44 -30.94 19.59
CA THR B 1225 14.39 -30.29 18.70
C THR B 1225 13.75 -29.28 17.76
N ASP B 1226 12.52 -29.53 17.32
CA ASP B 1226 11.95 -28.81 16.18
C ASP B 1226 11.76 -27.33 16.52
N PHE B 1227 12.64 -26.49 15.99
CA PHE B 1227 12.52 -25.04 16.12
C PHE B 1227 11.52 -24.53 15.08
N GLU B 1228 11.49 -23.20 14.89
CA GLU B 1228 10.67 -22.61 13.83
C GLU B 1228 11.24 -21.24 13.49
N ILE B 1229 11.87 -21.11 12.34
CA ILE B 1229 12.31 -19.79 11.89
C ILE B 1229 11.09 -18.97 11.50
N ILE B 1230 11.03 -17.74 12.01
CA ILE B 1230 9.97 -16.80 11.65
C ILE B 1230 10.60 -15.44 11.39
N GLN B 1231 9.84 -14.58 10.70
CA GLN B 1231 10.22 -13.19 10.46
C GLN B 1231 8.99 -12.35 10.79
N ARG B 1232 8.88 -11.96 12.06
CA ARG B 1232 7.74 -11.13 12.46
C ARG B 1232 7.89 -9.70 11.97
N GLN B 1233 9.12 -9.23 11.79
CA GLN B 1233 9.37 -7.90 11.27
C GLN B 1233 9.19 -7.90 9.76
N GLU B 1234 9.65 -6.83 9.10
CA GLU B 1234 9.54 -6.75 7.67
C GLU B 1234 10.33 -7.87 7.00
N LYS B 1235 9.88 -8.25 5.81
CA LYS B 1235 10.39 -9.40 5.04
C LYS B 1235 11.85 -9.23 4.62
N TYR B 1236 12.29 -8.00 4.42
CA TYR B 1236 13.65 -7.79 3.87
C TYR B 1236 14.73 -7.77 4.95
N ARG B 1237 14.37 -7.87 6.23
CA ARG B 1237 15.40 -7.80 7.28
C ARG B 1237 16.35 -8.98 7.16
N ASN B 1238 17.63 -8.75 7.41
CA ASN B 1238 18.62 -9.79 7.27
C ASN B 1238 18.73 -10.64 8.54
N TYR B 1239 17.77 -10.54 9.44
CA TYR B 1239 17.75 -11.35 10.65
C TYR B 1239 16.40 -12.03 10.81
N CYS B 1240 16.38 -13.12 11.58
CA CYS B 1240 15.18 -13.91 11.78
C CYS B 1240 15.04 -14.28 13.25
N GLN B 1241 13.79 -14.44 13.69
CA GLN B 1241 13.50 -14.95 15.02
C GLN B 1241 13.41 -16.48 14.98
N LEU B 1242 13.70 -17.10 16.11
CA LEU B 1242 13.72 -18.55 16.24
C LEU B 1242 12.72 -18.98 17.31
N LYS B 1243 11.46 -19.16 16.92
CA LYS B 1243 10.44 -19.60 17.85
C LYS B 1243 10.69 -21.04 18.28
N THR B 1244 10.56 -21.30 19.56
CA THR B 1244 10.74 -22.61 20.15
C THR B 1244 9.44 -23.39 20.15
N PRO B 1245 9.51 -24.72 20.07
CA PRO B 1245 8.29 -25.51 20.06
C PRO B 1245 7.57 -25.47 21.39
N TYR B 1246 6.26 -25.67 21.34
CA TYR B 1246 5.45 -25.77 22.54
C TYR B 1246 5.29 -27.24 22.90
N ASN B 1247 6.08 -27.70 23.86
CA ASN B 1247 5.79 -28.95 24.53
C ASN B 1247 4.91 -28.66 25.75
N ILE B 1248 4.37 -29.73 26.35
CA ILE B 1248 3.43 -29.51 27.45
C ILE B 1248 4.11 -28.88 28.65
N PHE B 1249 5.44 -29.00 28.75
CA PHE B 1249 6.15 -28.48 29.91
C PHE B 1249 6.46 -26.99 29.75
N HIS B 1250 6.87 -26.55 28.56
CA HIS B 1250 7.29 -25.18 28.33
C HIS B 1250 6.38 -24.52 27.31
N LYS B 1251 6.01 -23.28 27.57
CA LYS B 1251 5.25 -22.51 26.59
C LYS B 1251 6.15 -22.10 25.43
N SER B 1252 5.52 -21.73 24.33
CA SER B 1252 6.27 -21.33 23.15
C SER B 1252 6.91 -19.97 23.35
N GLY B 1253 8.20 -19.86 23.00
CA GLY B 1253 8.93 -18.63 23.18
C GLY B 1253 9.89 -18.38 22.04
N LEU B 1254 10.44 -17.17 22.01
CA LEU B 1254 11.37 -16.74 20.98
C LEU B 1254 12.79 -16.84 21.50
N MET B 1255 13.61 -17.62 20.81
CA MET B 1255 15.02 -17.82 21.21
C MET B 1255 15.71 -16.50 21.45
N SER B 1256 16.20 -16.31 22.67
CA SER B 1256 16.89 -15.10 23.06
C SER B 1256 18.06 -15.47 23.96
N THR B 1257 18.76 -14.47 24.48
CA THR B 1257 19.90 -14.68 25.34
C THR B 1257 19.80 -13.81 26.58
N GLU B 1258 20.19 -14.37 27.73
CA GLU B 1258 20.26 -13.63 28.97
C GLU B 1258 21.63 -13.84 29.58
N THR B 1259 22.21 -12.76 30.11
CA THR B 1259 23.54 -12.83 30.70
C THR B 1259 23.40 -13.08 32.21
N SER B 1260 24.03 -14.14 32.69
CA SER B 1260 23.81 -14.56 34.07
C SER B 1260 24.93 -15.47 34.53
N LYS B 1261 24.94 -15.72 35.84
CA LYS B 1261 25.86 -16.65 36.49
C LYS B 1261 25.01 -17.51 37.42
N PRO B 1262 24.31 -18.51 36.87
CA PRO B 1262 23.32 -19.24 37.68
C PRO B 1262 23.91 -19.95 38.89
N THR B 1263 25.13 -20.48 38.78
CA THR B 1263 25.74 -21.23 39.88
C THR B 1263 27.24 -20.89 39.87
N PHE B 1264 28.04 -21.72 40.55
CA PHE B 1264 29.44 -21.39 40.78
C PHE B 1264 30.26 -21.28 39.50
N HIS B 1265 29.75 -21.78 38.38
CA HIS B 1265 30.44 -21.60 37.12
C HIS B 1265 30.44 -20.12 36.72
N ASP B 1266 31.34 -19.77 35.81
CA ASP B 1266 31.62 -18.38 35.52
C ASP B 1266 30.40 -17.67 34.92
N TYR B 1267 30.49 -16.35 34.90
CA TYR B 1267 29.43 -15.50 34.37
C TYR B 1267 29.42 -15.55 32.84
N ARG B 1268 28.30 -15.99 32.26
CA ARG B 1268 28.23 -16.27 30.84
C ARG B 1268 26.95 -15.67 30.26
N ASP B 1269 26.71 -15.97 28.98
CA ASP B 1269 25.49 -15.57 28.28
C ASP B 1269 24.77 -16.83 27.83
N TRP B 1270 23.65 -17.15 28.48
CA TRP B 1270 22.94 -18.39 28.22
C TRP B 1270 21.79 -18.13 27.25
N VAL B 1271 21.62 -19.04 26.30
CA VAL B 1271 20.54 -18.95 25.33
C VAL B 1271 19.32 -19.69 25.87
N TYR B 1272 18.15 -19.05 25.82
CA TYR B 1272 16.94 -19.59 26.42
C TYR B 1272 15.75 -19.22 25.56
N SER B 1273 14.65 -19.96 25.76
CA SER B 1273 13.52 -19.88 24.84
C SER B 1273 12.70 -18.60 25.02
N SER B 1274 12.66 -18.06 26.25
CA SER B 1274 12.00 -16.78 26.52
C SER B 1274 10.52 -16.81 26.12
N ALA B 1275 9.76 -17.62 26.87
CA ALA B 1275 8.32 -17.70 26.63
C ALA B 1275 7.62 -16.36 26.79
N TRP B 1276 8.22 -15.41 27.51
CA TRP B 1276 7.57 -14.13 27.74
C TRP B 1276 7.61 -13.25 26.49
N TYR B 1277 8.72 -13.27 25.76
CA TYR B 1277 8.84 -12.42 24.57
C TYR B 1277 7.83 -12.79 23.51
N PHE B 1278 7.60 -14.08 23.29
CA PHE B 1278 6.68 -14.49 22.23
C PHE B 1278 5.26 -14.02 22.51
N GLN B 1279 4.83 -14.10 23.77
CA GLN B 1279 3.45 -13.73 24.10
C GLN B 1279 3.21 -12.24 23.89
N ASN B 1280 4.17 -11.40 24.26
CA ASN B 1280 4.00 -9.96 24.23
C ASN B 1280 4.87 -9.29 23.16
N TYR B 1281 5.15 -10.00 22.07
CA TYR B 1281 6.11 -9.51 21.09
C TYR B 1281 5.64 -8.21 20.44
N GLU B 1282 4.36 -8.15 20.05
CA GLU B 1282 3.90 -7.02 19.27
C GLU B 1282 3.73 -5.75 20.10
N ASN B 1283 3.72 -5.87 21.43
CA ASN B 1283 3.62 -4.70 22.29
C ASN B 1283 4.98 -4.11 22.67
N LEU B 1284 6.05 -4.89 22.56
CA LEU B 1284 7.38 -4.39 22.89
C LEU B 1284 7.84 -3.35 21.89
N ASN B 1285 8.69 -2.44 22.35
CA ASN B 1285 9.26 -1.45 21.46
C ASN B 1285 10.38 -2.06 20.63
N LEU B 1286 10.81 -1.32 19.61
CA LEU B 1286 11.80 -1.84 18.66
C LEU B 1286 13.15 -2.11 19.32
N ARG B 1287 13.41 -1.54 20.50
CA ARG B 1287 14.71 -1.72 21.13
C ARG B 1287 14.82 -3.09 21.78
N LYS B 1288 13.73 -3.60 22.35
CA LYS B 1288 13.77 -4.92 22.96
C LYS B 1288 13.79 -6.03 21.92
N HIS B 1289 13.23 -5.77 20.74
CA HIS B 1289 13.24 -6.76 19.66
C HIS B 1289 14.66 -7.15 19.27
N THR B 1290 15.64 -6.30 19.57
CA THR B 1290 17.03 -6.64 19.28
C THR B 1290 17.46 -7.91 20.00
N LYS B 1291 16.85 -8.22 21.14
CA LYS B 1291 17.24 -9.40 21.89
C LYS B 1291 16.91 -10.69 21.14
N THR B 1292 15.80 -10.70 20.41
CA THR B 1292 15.30 -11.92 19.78
C THR B 1292 15.86 -12.19 18.40
N ASN B 1293 16.49 -11.20 17.76
CA ASN B 1293 16.94 -11.36 16.38
C ASN B 1293 18.23 -12.16 16.30
N TRP B 1294 18.37 -12.95 15.23
CA TRP B 1294 19.55 -13.74 14.97
C TRP B 1294 19.97 -13.55 13.52
N TYR B 1295 21.29 -13.57 13.27
CA TYR B 1295 21.79 -13.13 11.98
C TYR B 1295 22.07 -14.25 10.99
N PHE B 1296 22.56 -15.41 11.45
CA PHE B 1296 22.87 -16.53 10.56
C PHE B 1296 23.92 -16.14 9.50
N ILE B 1297 25.13 -15.88 10.00
CA ILE B 1297 26.24 -15.39 9.17
C ILE B 1297 26.77 -16.52 8.28
N PRO B 1298 26.75 -16.36 6.96
CA PRO B 1298 27.48 -17.30 6.11
C PRO B 1298 28.97 -16.97 6.05
N LYS B 1299 29.76 -17.96 5.65
CA LYS B 1299 31.15 -17.71 5.29
C LYS B 1299 31.19 -17.40 3.80
N ASP B 1300 31.27 -16.11 3.48
CA ASP B 1300 31.14 -15.64 2.11
C ASP B 1300 32.40 -14.88 1.70
N GLU B 1301 32.86 -15.14 0.48
CA GLU B 1301 33.96 -14.36 -0.07
C GLU B 1301 33.53 -12.91 -0.25
N GLY B 1302 34.47 -11.99 -0.04
CA GLY B 1302 34.18 -10.57 0.01
C GLY B 1302 34.15 -10.02 1.42
N TRP B 1303 33.90 -10.89 2.41
CA TRP B 1303 34.07 -10.55 3.81
C TRP B 1303 34.96 -11.63 4.44
N ASP B 1304 36.18 -11.24 4.79
CA ASP B 1304 37.10 -12.18 5.42
C ASP B 1304 38.06 -11.56 6.42
N GLU B 1305 38.09 -12.17 7.57
CA GLU B 1305 38.99 -11.70 8.63
C GLU B 1305 40.10 -12.74 8.66
N ASP B 1306 41.26 -12.33 8.18
CA ASP B 1306 42.46 -13.19 8.09
C ASP B 1306 43.78 -12.54 8.50
#